data_2LTJ
#
_entry.id   2LTJ
#
_entity_poly.entity_id   1
_entity_poly.type   'polypeptide(L)'
_entity_poly.pdbx_seq_one_letter_code
;MGSSHHHHHHSSGLVPRGSHMSLDENEVAANVETRPELITRTEEIPFEVIKKENPNLPAGQENIITAGVKGERTHYISVL
TENGKTTETVLDSQVTKEVINQVVEVGAPVTH
;
_entity_poly.pdbx_strand_id   A
#
# COMPACT_ATOMS: atom_id res chain seq x y z
N MET A 1 1.09 -10.45 6.64
CA MET A 1 1.63 -10.11 7.98
C MET A 1 3.15 -10.06 7.96
N GLY A 2 3.71 -9.53 6.87
CA GLY A 2 5.15 -9.42 6.76
C GLY A 2 5.68 -8.08 7.24
N SER A 3 4.86 -7.05 7.11
CA SER A 3 5.25 -5.71 7.55
C SER A 3 5.38 -5.64 9.07
N SER A 4 6.61 -5.52 9.55
CA SER A 4 6.87 -5.44 10.98
C SER A 4 8.20 -4.76 11.26
N HIS A 6 8.21 -3.86 12.24
CA HIS A 6 9.43 -3.14 12.60
C HIS A 6 10.26 -3.95 13.58
N HIS A 7 11.37 -3.37 14.03
CA HIS A 7 12.25 -4.04 14.97
C HIS A 7 12.93 -3.03 15.89
N HIS A 8 12.21 -1.97 16.24
CA HIS A 8 12.74 -0.93 17.12
C HIS A 8 12.40 -1.24 18.57
N HIS A 9 13.19 -2.11 19.20
CA HIS A 9 12.98 -2.47 20.58
C HIS A 9 14.24 -3.09 21.18
N HIS A 10 15.40 -2.65 20.71
CA HIS A 10 16.67 -3.15 21.19
C HIS A 10 17.84 -2.40 20.55
N SER A 11 17.65 -1.10 20.36
CA SER A 11 18.69 -0.26 19.76
C SER A 11 18.77 1.09 20.45
N SER A 12 19.63 1.97 19.95
CA SER A 12 19.79 3.30 20.52
C SER A 12 18.49 4.08 20.47
N GLY A 13 17.92 4.35 21.64
CA GLY A 13 16.68 5.09 21.70
C GLY A 13 16.89 6.57 22.02
N LEU A 14 17.96 7.14 21.47
CA LEU A 14 18.27 8.55 21.70
C LEU A 14 17.79 9.41 20.53
N VAL A 15 18.45 9.25 19.38
CA VAL A 15 18.12 10.01 18.18
C VAL A 15 17.83 11.48 18.49
N PRO A 16 18.77 12.15 19.17
CA PRO A 16 18.61 13.57 19.54
C PRO A 16 18.41 14.46 18.31
N ARG A 17 19.46 14.65 17.54
CA ARG A 17 19.40 15.48 16.35
C ARG A 17 19.00 16.91 16.69
N GLY A 18 19.38 17.35 17.88
CA GLY A 18 19.06 18.69 18.32
C GLY A 18 19.71 19.05 19.64
N SER A 19 21.03 19.23 19.61
CA SER A 19 21.78 19.58 20.80
C SER A 19 22.50 20.92 20.63
N HIS A 20 21.89 21.81 19.85
CA HIS A 20 22.47 23.12 19.60
C HIS A 20 21.37 24.17 19.41
N MET A 21 21.78 25.38 19.03
CA MET A 21 20.83 26.47 18.82
C MET A 21 21.18 27.26 17.55
N SER A 22 21.75 26.56 16.58
CA SER A 22 22.13 27.20 15.32
C SER A 22 21.62 26.41 14.12
N LEU A 23 20.84 27.06 13.28
CA LEU A 23 20.28 26.42 12.09
C LEU A 23 21.34 26.24 11.02
N ASP A 24 21.45 25.02 10.50
CA ASP A 24 22.43 24.71 9.46
C ASP A 24 21.76 24.62 8.09
N GLU A 25 20.74 25.45 7.88
CA GLU A 25 20.01 25.46 6.61
C GLU A 25 20.82 26.19 5.54
N ASN A 26 20.71 25.71 4.30
CA ASN A 26 21.42 26.31 3.18
C ASN A 26 20.60 26.23 1.90
N GLU A 27 19.27 26.29 2.05
CA GLU A 27 18.38 26.22 0.91
C GLU A 27 17.76 27.58 0.62
N VAL A 28 17.15 27.71 -0.56
CA VAL A 28 16.51 28.96 -0.96
C VAL A 28 15.42 29.37 0.02
N ALA A 29 14.63 28.39 0.46
CA ALA A 29 13.55 28.64 1.40
C ALA A 29 13.61 27.67 2.58
N ALA A 30 13.20 26.43 2.33
CA ALA A 30 13.20 25.40 3.37
C ALA A 30 12.82 24.04 2.80
N ASN A 31 13.27 23.78 1.58
CA ASN A 31 12.97 22.50 0.92
C ASN A 31 11.47 22.30 0.76
N VAL A 32 11.09 21.22 0.09
CA VAL A 32 9.68 20.91 -0.12
C VAL A 32 8.99 20.53 1.20
N GLU A 33 9.66 19.69 1.98
CA GLU A 33 9.12 19.26 3.27
C GLU A 33 10.19 18.58 4.11
N THR A 34 10.52 17.34 3.77
CA THR A 34 11.53 16.58 4.50
C THR A 34 11.99 15.37 3.69
N ARG A 35 11.02 14.60 3.20
CA ARG A 35 11.32 13.40 2.41
C ARG A 35 11.49 13.75 0.94
N PRO A 36 12.10 12.85 0.16
CA PRO A 36 12.33 13.06 -1.28
C PRO A 36 11.02 13.10 -2.07
N GLU A 37 11.14 12.99 -3.39
CA GLU A 37 9.97 13.01 -4.26
C GLU A 37 9.16 11.72 -4.10
N LEU A 38 7.84 11.85 -4.14
CA LEU A 38 6.96 10.70 -4.00
C LEU A 38 6.46 10.22 -5.36
N ILE A 39 6.92 9.05 -5.77
CA ILE A 39 6.50 8.47 -7.04
C ILE A 39 5.44 7.40 -6.82
N THR A 40 5.02 6.74 -7.88
CA THR A 40 3.99 5.71 -7.79
C THR A 40 4.22 4.59 -8.80
N ARG A 41 3.59 3.47 -8.55
CA ARG A 41 3.70 2.30 -9.41
C ARG A 41 2.73 1.24 -8.93
N THR A 42 1.71 0.95 -9.73
CA THR A 42 0.72 -0.03 -9.36
C THR A 42 1.19 -1.44 -9.63
N GLU A 43 1.07 -2.27 -8.62
CA GLU A 43 1.48 -3.66 -8.71
C GLU A 43 0.27 -4.54 -8.99
N GLU A 44 0.49 -5.61 -9.72
CA GLU A 44 -0.58 -6.53 -10.08
C GLU A 44 -1.11 -7.26 -8.84
N ILE A 45 -2.26 -6.80 -8.34
CA ILE A 45 -2.88 -7.39 -7.16
C ILE A 45 -4.13 -8.19 -7.55
N PRO A 46 -3.95 -9.48 -7.90
CA PRO A 46 -5.07 -10.34 -8.30
C PRO A 46 -5.91 -10.81 -7.12
N PHE A 47 -7.13 -11.24 -7.39
CA PHE A 47 -8.04 -11.71 -6.35
C PHE A 47 -7.83 -13.19 -6.07
N GLU A 48 -8.65 -13.74 -5.19
CA GLU A 48 -8.56 -15.15 -4.83
C GLU A 48 -9.87 -15.64 -4.24
N VAL A 49 -10.52 -16.57 -4.94
CA VAL A 49 -11.79 -17.13 -4.49
C VAL A 49 -11.60 -17.96 -3.22
N ILE A 50 -12.58 -17.90 -2.34
CA ILE A 50 -12.54 -18.64 -1.08
C ILE A 50 -13.65 -19.70 -1.02
N LYS A 51 -13.44 -20.72 -0.22
CA LYS A 51 -14.43 -21.79 -0.06
C LYS A 51 -15.09 -21.73 1.31
N LYS A 52 -16.36 -21.34 1.33
CA LYS A 52 -17.11 -21.24 2.57
C LYS A 52 -18.31 -22.17 2.57
N GLU A 53 -18.74 -22.59 3.75
CA GLU A 53 -19.89 -23.49 3.87
C GLU A 53 -21.19 -22.69 3.96
N ASN A 54 -22.16 -23.06 3.13
CA ASN A 54 -23.45 -22.39 3.11
C ASN A 54 -24.59 -23.37 3.39
N PRO A 55 -25.04 -23.46 4.65
CA PRO A 55 -26.13 -24.37 5.02
C PRO A 55 -27.47 -23.97 4.40
N ASN A 56 -27.60 -22.69 4.06
CA ASN A 56 -28.82 -22.18 3.46
C ASN A 56 -29.13 -22.90 2.14
N LEU A 57 -28.07 -23.36 1.47
CA LEU A 57 -28.23 -24.07 0.21
C LEU A 57 -28.55 -25.55 0.44
N PRO A 58 -29.01 -26.25 -0.61
CA PRO A 58 -29.36 -27.67 -0.51
C PRO A 58 -28.14 -28.59 -0.61
N ALA A 59 -27.06 -28.22 0.09
CA ALA A 59 -25.84 -29.02 0.08
C ALA A 59 -25.24 -29.11 -1.32
N GLY A 60 -23.91 -29.07 -1.39
CA GLY A 60 -23.24 -29.17 -2.67
C GLY A 60 -23.71 -28.11 -3.67
N GLN A 61 -24.21 -27.00 -3.16
CA GLN A 61 -24.69 -25.92 -4.00
C GLN A 61 -23.76 -24.71 -3.94
N GLU A 62 -23.48 -24.12 -5.10
CA GLU A 62 -22.60 -22.95 -5.17
C GLU A 62 -23.41 -21.68 -5.31
N ASN A 63 -22.77 -20.54 -5.02
CA ASN A 63 -23.43 -19.25 -5.12
C ASN A 63 -22.41 -18.13 -5.33
N ILE A 64 -22.43 -17.53 -6.50
CA ILE A 64 -21.51 -16.45 -6.83
C ILE A 64 -22.04 -15.10 -6.35
N ILE A 65 -21.76 -14.77 -5.10
CA ILE A 65 -22.21 -13.51 -4.52
C ILE A 65 -21.56 -12.33 -5.23
N THR A 66 -20.30 -12.52 -5.61
CA THR A 66 -19.55 -11.47 -6.30
C THR A 66 -18.28 -12.05 -6.92
N ALA A 67 -18.32 -12.32 -8.22
CA ALA A 67 -17.17 -12.88 -8.92
C ALA A 67 -15.89 -12.09 -8.66
N GLY A 68 -14.80 -12.80 -8.39
CA GLY A 68 -13.53 -12.14 -8.13
C GLY A 68 -13.00 -11.42 -9.35
N VAL A 69 -12.54 -10.19 -9.17
CA VAL A 69 -12.00 -9.40 -10.27
C VAL A 69 -10.64 -8.81 -9.92
N LYS A 70 -9.69 -8.95 -10.82
CA LYS A 70 -8.33 -8.44 -10.62
C LYS A 70 -8.36 -6.94 -10.34
N GLY A 71 -7.74 -6.54 -9.23
CA GLY A 71 -7.68 -5.14 -8.87
C GLY A 71 -6.32 -4.54 -9.11
N GLU A 72 -6.01 -3.42 -8.45
CA GLU A 72 -4.73 -2.78 -8.60
C GLU A 72 -4.54 -1.83 -7.45
N ARG A 73 -3.29 -1.57 -7.13
CA ARG A 73 -2.96 -0.66 -6.07
C ARG A 73 -1.74 0.11 -6.46
N THR A 74 -1.92 1.39 -6.69
CA THR A 74 -0.81 2.22 -7.08
C THR A 74 0.09 2.43 -5.88
N HIS A 75 1.34 2.04 -6.02
CA HIS A 75 2.28 2.13 -4.93
C HIS A 75 3.22 3.30 -5.06
N TYR A 76 3.15 4.16 -4.05
CA TYR A 76 3.95 5.36 -3.98
C TYR A 76 5.31 5.08 -3.38
N ILE A 77 6.36 5.39 -4.14
CA ILE A 77 7.72 5.15 -3.69
C ILE A 77 8.49 6.47 -3.54
N SER A 78 9.32 6.55 -2.51
CA SER A 78 10.11 7.75 -2.26
C SER A 78 11.57 7.52 -2.64
N VAL A 79 11.94 7.97 -3.83
CA VAL A 79 13.31 7.83 -4.32
C VAL A 79 14.21 8.91 -3.75
N LEU A 80 15.22 8.49 -3.00
CA LEU A 80 16.16 9.43 -2.39
C LEU A 80 17.51 9.39 -3.12
N THR A 81 17.95 10.55 -3.59
CA THR A 81 19.21 10.65 -4.31
C THR A 81 20.38 10.80 -3.33
N GLU A 82 20.96 9.67 -2.94
CA GLU A 82 22.09 9.67 -2.01
C GLU A 82 23.29 8.96 -2.62
N ASN A 83 24.46 9.57 -2.46
CA ASN A 83 25.70 8.99 -2.99
C ASN A 83 25.63 8.86 -4.51
N GLY A 84 24.89 9.78 -5.14
CA GLY A 84 24.75 9.75 -6.58
C GLY A 84 24.05 8.51 -7.08
N LYS A 85 22.92 8.18 -6.46
CA LYS A 85 22.14 7.02 -6.85
C LYS A 85 20.71 7.11 -6.34
N THR A 86 19.76 6.64 -7.14
CA THR A 86 18.35 6.68 -6.78
C THR A 86 17.87 5.32 -6.31
N THR A 87 17.38 5.25 -5.07
CA THR A 87 16.89 4.01 -4.51
C THR A 87 15.37 3.99 -4.46
N GLU A 88 14.77 2.96 -5.04
CA GLU A 88 13.32 2.83 -5.07
C GLU A 88 12.82 2.06 -3.85
N THR A 89 12.20 2.76 -2.92
CA THR A 89 11.67 2.14 -1.71
C THR A 89 10.26 2.62 -1.41
N VAL A 90 9.30 1.71 -1.52
CA VAL A 90 7.90 2.03 -1.27
C VAL A 90 7.72 2.61 0.13
N LEU A 91 6.59 3.28 0.36
CA LEU A 91 6.31 3.87 1.66
C LEU A 91 4.81 3.89 1.95
N ASP A 92 4.04 4.51 1.06
CA ASP A 92 2.60 4.60 1.24
C ASP A 92 1.86 4.41 -0.09
N SER A 93 0.80 3.61 -0.06
CA SER A 93 0.00 3.37 -1.26
C SER A 93 -1.47 3.24 -0.91
N GLN A 94 -2.28 3.94 -1.69
CA GLN A 94 -3.73 3.90 -1.52
C GLN A 94 -4.27 2.77 -2.39
N VAL A 95 -5.51 2.38 -2.18
CA VAL A 95 -6.07 1.30 -2.98
C VAL A 95 -6.62 1.88 -4.28
N THR A 96 -5.92 1.60 -5.37
CA THR A 96 -6.32 2.11 -6.66
C THR A 96 -6.72 0.96 -7.57
N LYS A 97 -7.97 0.54 -7.41
CA LYS A 97 -8.57 -0.57 -8.16
C LYS A 97 -8.72 -1.78 -7.26
N GLU A 98 -9.28 -1.57 -6.07
CA GLU A 98 -9.48 -2.64 -5.10
C GLU A 98 -9.79 -3.98 -5.78
N VAL A 99 -8.96 -4.98 -5.50
CA VAL A 99 -9.16 -6.30 -6.08
C VAL A 99 -10.37 -7.00 -5.48
N ILE A 100 -11.41 -7.14 -6.28
CA ILE A 100 -12.63 -7.78 -5.84
C ILE A 100 -12.42 -9.27 -5.62
N ASN A 101 -12.58 -9.70 -4.36
CA ASN A 101 -12.41 -11.11 -4.01
C ASN A 101 -13.67 -11.91 -4.33
N GLN A 102 -13.50 -13.01 -5.04
CA GLN A 102 -14.62 -13.86 -5.42
C GLN A 102 -15.32 -14.42 -4.18
N VAL A 103 -16.55 -13.98 -3.96
CA VAL A 103 -17.32 -14.43 -2.81
C VAL A 103 -18.26 -15.58 -3.20
N VAL A 104 -17.82 -16.80 -2.89
CA VAL A 104 -18.61 -17.98 -3.21
C VAL A 104 -18.92 -18.80 -1.96
N GLU A 105 -20.16 -19.25 -1.83
CA GLU A 105 -20.58 -20.04 -0.68
C GLU A 105 -21.08 -21.40 -1.12
N VAL A 106 -20.29 -22.44 -0.84
CA VAL A 106 -20.65 -23.81 -1.21
C VAL A 106 -21.43 -24.48 -0.08
N GLY A 107 -22.43 -25.29 -0.46
CA GLY A 107 -23.22 -25.99 0.53
C GLY A 107 -22.38 -26.89 1.43
N ALA A 108 -22.80 -27.02 2.68
CA ALA A 108 -22.09 -27.84 3.65
C ALA A 108 -21.98 -29.29 3.16
N PRO A 109 -20.85 -29.96 3.44
CA PRO A 109 -20.63 -31.35 3.03
C PRO A 109 -21.69 -32.29 3.58
N VAL A 110 -21.62 -32.58 4.88
CA VAL A 110 -22.58 -33.46 5.52
C VAL A 110 -22.29 -33.59 7.01
N THR A 111 -21.02 -33.77 7.36
CA THR A 111 -20.61 -33.90 8.76
C THR A 111 -19.10 -34.05 8.87
N HIS A 112 -18.38 -33.31 8.03
CA HIS A 112 -16.92 -33.36 8.04
C HIS A 112 -16.33 -32.29 7.12
N MET A 1 34.32 6.59 29.71
CA MET A 1 33.49 6.81 28.49
C MET A 1 34.25 6.43 27.22
N GLY A 2 33.62 5.60 26.39
CA GLY A 2 34.24 5.17 25.15
C GLY A 2 33.74 5.96 23.95
N SER A 3 33.78 7.29 24.05
CA SER A 3 33.33 8.16 22.97
C SER A 3 33.94 9.56 23.11
N SER A 4 35.13 9.73 22.53
CA SER A 4 35.81 11.02 22.58
C SER A 4 35.15 12.02 21.64
N HIS A 6 35.01 11.65 20.38
CA HIS A 6 34.37 12.50 19.38
C HIS A 6 33.24 11.77 18.66
N HIS A 7 32.67 10.75 19.31
CA HIS A 7 31.57 9.96 18.75
C HIS A 7 32.02 9.20 17.49
N HIS A 8 31.11 8.37 16.96
CA HIS A 8 31.39 7.59 15.76
C HIS A 8 31.28 8.46 14.50
N HIS A 9 30.90 7.87 13.37
CA HIS A 9 30.75 8.61 12.12
C HIS A 9 29.95 9.90 12.34
N HIS A 10 28.76 9.76 12.93
CA HIS A 10 27.89 10.90 13.24
C HIS A 10 27.47 11.64 11.96
N SER A 11 26.64 12.67 12.14
CA SER A 11 26.15 13.48 11.02
C SER A 11 26.59 14.93 11.19
N SER A 12 27.90 15.15 11.32
CA SER A 12 28.45 16.49 11.49
C SER A 12 28.27 17.35 10.24
N GLY A 13 27.99 16.72 9.09
CA GLY A 13 27.81 17.45 7.85
C GLY A 13 26.40 18.02 7.66
N LEU A 14 25.49 17.77 8.61
CA LEU A 14 24.12 18.27 8.50
C LEU A 14 23.44 18.42 9.86
N VAL A 15 23.57 17.41 10.73
CA VAL A 15 22.96 17.44 12.06
C VAL A 15 23.79 16.64 13.06
N PRO A 16 24.80 17.26 13.68
CA PRO A 16 25.68 16.61 14.66
C PRO A 16 25.01 16.54 16.04
N ARG A 17 24.80 17.70 16.64
CA ARG A 17 24.16 17.80 17.96
C ARG A 17 22.87 18.62 17.88
N GLY A 18 22.92 19.72 17.13
CA GLY A 18 21.76 20.58 16.95
C GLY A 18 21.58 21.00 15.51
N SER A 19 22.37 21.99 15.08
CA SER A 19 22.31 22.50 13.71
C SER A 19 20.93 23.07 13.39
N HIS A 20 20.59 23.13 12.09
CA HIS A 20 19.30 23.65 11.65
C HIS A 20 18.14 22.88 12.28
N MET A 21 18.35 21.57 12.53
CA MET A 21 17.33 20.71 13.12
C MET A 21 16.20 20.41 12.13
N SER A 22 16.10 19.14 11.72
CA SER A 22 15.07 18.73 10.77
C SER A 22 13.67 18.77 11.41
N LEU A 23 13.61 18.69 12.74
CA LEU A 23 12.35 18.73 13.45
C LEU A 23 11.98 20.16 13.86
N ASP A 24 12.98 20.91 14.35
CA ASP A 24 12.77 22.29 14.77
C ASP A 24 12.39 23.19 13.59
N GLU A 25 12.90 22.87 12.40
CA GLU A 25 12.60 23.65 11.20
C GLU A 25 11.11 23.67 10.86
N ASN A 26 10.37 22.67 11.37
CA ASN A 26 8.92 22.56 11.13
C ASN A 26 8.62 22.13 9.69
N GLU A 27 7.43 21.56 9.49
CA GLU A 27 6.99 21.09 8.17
C GLU A 27 7.76 19.83 7.76
N VAL A 28 8.87 20.01 7.03
CA VAL A 28 9.69 18.88 6.59
C VAL A 28 10.94 19.36 5.83
N ALA A 29 10.74 20.16 4.78
CA ALA A 29 11.82 20.70 3.96
C ALA A 29 13.01 19.71 3.84
N ALA A 30 14.04 19.90 4.68
CA ALA A 30 15.22 19.03 4.67
C ALA A 30 15.89 19.02 3.29
N ASN A 31 15.95 20.20 2.65
CA ASN A 31 16.55 20.34 1.32
C ASN A 31 15.94 19.35 0.31
N VAL A 32 14.65 19.07 0.46
CA VAL A 32 13.94 18.15 -0.43
C VAL A 32 14.68 16.81 -0.54
N GLU A 33 14.98 16.21 0.61
CA GLU A 33 15.68 14.92 0.64
C GLU A 33 14.73 13.79 1.00
N THR A 34 14.01 13.94 2.11
CA THR A 34 13.06 12.92 2.56
C THR A 34 11.70 13.13 1.88
N ARG A 35 11.30 12.16 1.07
CA ARG A 35 10.03 12.23 0.33
C ARG A 35 9.99 13.46 -0.57
N PRO A 36 10.94 13.58 -1.52
CA PRO A 36 11.01 14.71 -2.45
C PRO A 36 9.90 14.67 -3.50
N GLU A 37 9.65 13.49 -4.06
CA GLU A 37 8.62 13.32 -5.08
C GLU A 37 8.00 11.92 -4.98
N LEU A 38 6.74 11.87 -4.57
CA LEU A 38 6.03 10.60 -4.44
C LEU A 38 5.71 10.01 -5.80
N ILE A 39 6.37 8.89 -6.13
CA ILE A 39 6.15 8.22 -7.40
C ILE A 39 5.21 7.04 -7.19
N THR A 40 4.10 7.08 -7.89
CA THR A 40 3.06 6.05 -7.79
C THR A 40 3.34 4.91 -8.75
N ARG A 41 3.11 3.71 -8.25
CA ARG A 41 3.31 2.48 -9.02
C ARG A 41 2.42 1.40 -8.45
N THR A 42 1.51 0.90 -9.27
CA THR A 42 0.58 -0.12 -8.82
C THR A 42 1.24 -1.50 -8.83
N GLU A 43 1.15 -2.16 -7.69
CA GLU A 43 1.73 -3.47 -7.52
C GLU A 43 0.66 -4.54 -7.74
N GLU A 44 1.05 -5.61 -8.42
CA GLU A 44 0.12 -6.69 -8.71
C GLU A 44 -0.31 -7.41 -7.42
N ILE A 45 -1.48 -7.01 -6.92
CA ILE A 45 -2.04 -7.60 -5.71
C ILE A 45 -3.07 -8.66 -6.07
N PRO A 46 -2.69 -9.95 -5.96
CA PRO A 46 -3.57 -11.08 -6.32
C PRO A 46 -4.62 -11.41 -5.27
N PHE A 47 -5.79 -11.85 -5.76
CA PHE A 47 -6.92 -12.22 -4.90
C PHE A 47 -6.82 -13.68 -4.46
N GLU A 48 -7.80 -14.14 -3.67
CA GLU A 48 -7.81 -15.52 -3.18
C GLU A 48 -9.25 -16.04 -3.01
N VAL A 49 -9.58 -17.08 -3.78
CA VAL A 49 -10.92 -17.69 -3.73
C VAL A 49 -11.17 -18.37 -2.38
N ILE A 50 -12.36 -18.13 -1.81
CA ILE A 50 -12.73 -18.72 -0.54
C ILE A 50 -14.03 -19.52 -0.64
N LYS A 51 -14.05 -20.68 0.04
CA LYS A 51 -15.23 -21.54 0.05
C LYS A 51 -16.03 -21.34 1.32
N LYS A 52 -17.20 -20.70 1.19
CA LYS A 52 -18.07 -20.43 2.33
C LYS A 52 -19.29 -21.35 2.33
N GLU A 53 -19.30 -22.33 3.23
CA GLU A 53 -20.41 -23.27 3.32
C GLU A 53 -21.70 -22.54 3.68
N ASN A 54 -22.59 -22.39 2.68
CA ASN A 54 -23.85 -21.70 2.88
C ASN A 54 -25.03 -22.66 2.87
N PRO A 55 -25.79 -22.72 3.98
CA PRO A 55 -26.96 -23.60 4.09
C PRO A 55 -28.14 -23.11 3.25
N ASN A 56 -28.18 -21.80 2.98
CA ASN A 56 -29.24 -21.19 2.19
C ASN A 56 -29.29 -21.78 0.78
N LEU A 57 -28.11 -22.01 0.19
CA LEU A 57 -28.01 -22.56 -1.15
C LEU A 57 -28.60 -23.98 -1.20
N PRO A 58 -28.88 -24.49 -2.43
CA PRO A 58 -29.47 -25.82 -2.61
C PRO A 58 -28.61 -26.94 -2.06
N ALA A 59 -27.55 -27.23 -2.77
CA ALA A 59 -26.60 -28.29 -2.40
C ALA A 59 -25.44 -28.37 -3.40
N GLY A 60 -24.22 -28.22 -2.90
CA GLY A 60 -23.04 -28.27 -3.76
C GLY A 60 -23.07 -27.23 -4.87
N GLN A 61 -23.73 -26.10 -4.62
CA GLN A 61 -23.82 -25.03 -5.61
C GLN A 61 -22.92 -23.87 -5.21
N GLU A 62 -22.21 -23.31 -6.20
CA GLU A 62 -21.30 -22.19 -5.94
C GLU A 62 -21.96 -20.86 -6.28
N ASN A 63 -22.18 -20.05 -5.24
CA ASN A 63 -22.80 -18.73 -5.41
C ASN A 63 -21.75 -17.64 -5.23
N ILE A 64 -21.43 -16.95 -6.32
CA ILE A 64 -20.42 -15.89 -6.28
C ILE A 64 -21.02 -14.56 -5.85
N ILE A 65 -20.45 -14.00 -4.78
CA ILE A 65 -20.88 -12.72 -4.24
C ILE A 65 -19.91 -11.62 -4.70
N THR A 66 -18.62 -11.96 -4.70
CA THR A 66 -17.57 -11.04 -5.11
C THR A 66 -16.58 -11.75 -6.02
N ALA A 67 -16.74 -11.55 -7.33
CA ALA A 67 -15.88 -12.20 -8.33
C ALA A 67 -14.40 -11.96 -8.05
N GLY A 68 -13.69 -13.04 -7.72
CA GLY A 68 -12.26 -12.96 -7.43
C GLY A 68 -11.47 -12.39 -8.60
N VAL A 69 -10.97 -11.16 -8.45
CA VAL A 69 -10.20 -10.51 -9.51
C VAL A 69 -8.95 -9.84 -8.95
N LYS A 70 -7.88 -9.87 -9.74
CA LYS A 70 -6.60 -9.27 -9.33
C LYS A 70 -6.71 -7.75 -9.25
N GLY A 71 -6.52 -7.22 -8.04
CA GLY A 71 -6.59 -5.78 -7.84
C GLY A 71 -5.30 -5.09 -8.20
N GLU A 72 -5.20 -3.80 -7.89
CA GLU A 72 -3.99 -3.05 -8.18
C GLU A 72 -3.94 -1.82 -7.29
N ARG A 73 -3.03 -1.83 -6.33
CA ARG A 73 -2.89 -0.72 -5.42
C ARG A 73 -1.76 0.17 -5.89
N THR A 74 -2.06 1.45 -6.07
CA THR A 74 -1.03 2.38 -6.50
C THR A 74 -0.15 2.67 -5.32
N HIS A 75 1.14 2.46 -5.49
CA HIS A 75 2.07 2.65 -4.40
C HIS A 75 2.88 3.91 -4.54
N TYR A 76 2.64 4.82 -3.59
CA TYR A 76 3.28 6.12 -3.56
C TYR A 76 4.68 5.97 -2.97
N ILE A 77 5.62 5.78 -3.88
CA ILE A 77 7.01 5.55 -3.57
C ILE A 77 7.81 6.85 -3.46
N SER A 78 8.90 6.81 -2.70
CA SER A 78 9.76 7.98 -2.52
C SER A 78 11.04 7.83 -3.33
N VAL A 79 11.28 8.78 -4.23
CA VAL A 79 12.48 8.74 -5.07
C VAL A 79 13.69 9.30 -4.33
N LEU A 80 14.50 8.41 -3.79
CA LEU A 80 15.70 8.80 -3.06
C LEU A 80 16.94 8.55 -3.92
N THR A 81 17.54 9.64 -4.42
CA THR A 81 18.73 9.55 -5.27
C THR A 81 19.96 9.19 -4.45
N GLU A 82 20.26 7.89 -4.38
CA GLU A 82 21.42 7.41 -3.64
C GLU A 82 22.64 7.34 -4.55
N ASN A 83 23.44 8.40 -4.55
CA ASN A 83 24.63 8.49 -5.38
C ASN A 83 24.28 8.34 -6.87
N GLY A 84 23.23 9.05 -7.29
CA GLY A 84 22.79 8.98 -8.68
C GLY A 84 21.94 7.76 -8.97
N LYS A 85 20.96 7.49 -8.11
CA LYS A 85 20.08 6.34 -8.28
C LYS A 85 18.80 6.50 -7.45
N THR A 86 17.68 6.75 -8.14
CA THR A 86 16.39 6.91 -7.47
C THR A 86 15.83 5.57 -7.03
N THR A 87 16.04 5.24 -5.75
CA THR A 87 15.57 3.97 -5.20
C THR A 87 14.07 4.04 -4.91
N GLU A 88 13.28 3.29 -5.71
CA GLU A 88 11.84 3.25 -5.53
C GLU A 88 11.45 2.31 -4.40
N THR A 89 11.25 2.87 -3.21
CA THR A 89 10.88 2.08 -2.04
C THR A 89 9.43 2.31 -1.63
N VAL A 90 8.66 1.22 -1.51
CA VAL A 90 7.26 1.30 -1.12
C VAL A 90 7.15 1.95 0.26
N LEU A 91 6.20 2.88 0.39
CA LEU A 91 6.02 3.59 1.66
C LEU A 91 4.53 3.74 2.03
N ASP A 92 3.89 4.78 1.49
CA ASP A 92 2.47 5.04 1.78
C ASP A 92 1.61 4.89 0.53
N SER A 93 0.63 4.00 0.59
CA SER A 93 -0.28 3.77 -0.53
C SER A 93 -1.68 3.45 -0.06
N GLN A 94 -2.65 3.84 -0.86
CA GLN A 94 -4.05 3.55 -0.60
C GLN A 94 -4.49 2.51 -1.62
N VAL A 95 -5.62 1.86 -1.39
CA VAL A 95 -6.07 0.84 -2.33
C VAL A 95 -6.79 1.46 -3.51
N THR A 96 -6.18 1.37 -4.70
CA THR A 96 -6.77 1.94 -5.89
C THR A 96 -7.09 0.85 -6.91
N LYS A 97 -8.12 0.07 -6.58
CA LYS A 97 -8.65 -1.03 -7.40
C LYS A 97 -9.22 -2.09 -6.48
N GLU A 98 -8.47 -2.39 -5.41
CA GLU A 98 -8.87 -3.38 -4.41
C GLU A 98 -8.94 -4.77 -5.00
N VAL A 99 -8.06 -5.66 -4.51
CA VAL A 99 -8.04 -7.03 -5.00
C VAL A 99 -9.27 -7.78 -4.49
N ILE A 100 -10.23 -7.96 -5.39
CA ILE A 100 -11.46 -8.66 -5.04
C ILE A 100 -11.22 -10.15 -4.84
N ASN A 101 -11.49 -10.63 -3.65
CA ASN A 101 -11.33 -12.03 -3.32
C ASN A 101 -12.54 -12.83 -3.78
N GLN A 102 -12.29 -13.96 -4.45
CA GLN A 102 -13.37 -14.80 -4.96
C GLN A 102 -14.27 -15.30 -3.82
N VAL A 103 -15.40 -14.62 -3.63
CA VAL A 103 -16.33 -15.00 -2.58
C VAL A 103 -17.36 -15.98 -3.13
N VAL A 104 -17.12 -17.27 -2.88
CA VAL A 104 -18.02 -18.31 -3.36
C VAL A 104 -18.71 -19.03 -2.22
N GLU A 105 -20.04 -19.07 -2.27
CA GLU A 105 -20.83 -19.72 -1.24
C GLU A 105 -21.20 -21.14 -1.68
N VAL A 106 -20.60 -22.14 -1.01
CA VAL A 106 -20.85 -23.53 -1.34
C VAL A 106 -22.08 -24.06 -0.59
N GLY A 107 -23.11 -24.42 -1.36
CA GLY A 107 -24.33 -24.93 -0.77
C GLY A 107 -24.12 -26.21 0.01
N ALA A 108 -24.66 -26.25 1.22
CA ALA A 108 -24.53 -27.43 2.08
C ALA A 108 -25.68 -28.41 1.83
N PRO A 109 -25.38 -29.59 1.24
CA PRO A 109 -26.39 -30.61 0.94
C PRO A 109 -26.85 -31.34 2.21
N VAL A 110 -27.65 -30.64 3.03
CA VAL A 110 -28.17 -31.18 4.29
C VAL A 110 -27.06 -31.79 5.17
N THR A 111 -25.82 -31.34 4.96
CA THR A 111 -24.67 -31.83 5.73
C THR A 111 -23.39 -31.19 5.22
N HIS A 112 -22.65 -30.52 6.11
CA HIS A 112 -21.39 -29.85 5.77
C HIS A 112 -21.63 -28.67 4.82
N MET A 1 36.65 45.57 -5.84
CA MET A 1 35.55 44.61 -6.14
C MET A 1 36.08 43.39 -6.87
N GLY A 2 36.88 43.61 -7.91
CA GLY A 2 37.45 42.51 -8.66
C GLY A 2 38.34 42.97 -9.80
N SER A 3 39.39 43.71 -9.45
CA SER A 3 40.32 44.22 -10.45
C SER A 3 41.63 44.68 -9.79
N SER A 4 42.05 43.95 -8.77
CA SER A 4 43.28 44.27 -8.05
C SER A 4 44.17 43.04 -7.91
N HIS A 6 43.57 41.93 -7.50
CA HIS A 6 44.30 40.68 -7.33
C HIS A 6 44.09 39.75 -8.52
N HIS A 7 45.11 39.62 -9.36
CA HIS A 7 45.03 38.75 -10.53
C HIS A 7 45.93 37.54 -10.37
N HIS A 8 46.11 37.09 -9.13
CA HIS A 8 46.95 35.94 -8.85
C HIS A 8 48.38 36.17 -9.33
N HIS A 9 49.21 36.74 -8.46
CA HIS A 9 50.59 37.02 -8.80
C HIS A 9 51.43 37.24 -7.55
N HIS A 10 51.04 36.59 -6.45
CA HIS A 10 51.75 36.73 -5.18
C HIS A 10 51.78 38.19 -4.73
N SER A 11 50.69 38.62 -4.09
CA SER A 11 50.58 39.99 -3.60
C SER A 11 51.13 40.10 -2.18
N SER A 12 50.36 39.63 -1.21
CA SER A 12 50.78 39.68 0.19
C SER A 12 49.74 39.02 1.09
N GLY A 13 50.08 38.85 2.36
CA GLY A 13 49.17 38.24 3.31
C GLY A 13 48.79 36.82 2.90
N LEU A 14 47.67 36.34 3.43
CA LEU A 14 47.20 34.99 3.12
C LEU A 14 45.71 35.01 2.73
N VAL A 15 44.89 35.53 3.63
CA VAL A 15 43.45 35.61 3.38
C VAL A 15 42.80 36.68 4.24
N PRO A 16 41.65 37.21 3.80
CA PRO A 16 40.92 38.26 4.55
C PRO A 16 40.29 37.71 5.83
N ARG A 17 39.42 38.51 6.43
CA ARG A 17 38.74 38.11 7.66
C ARG A 17 37.40 37.46 7.36
N GLY A 18 36.76 37.90 6.27
CA GLY A 18 35.48 37.36 5.90
C GLY A 18 35.35 37.18 4.40
N SER A 19 35.06 38.26 3.69
CA SER A 19 34.90 38.23 2.25
C SER A 19 33.77 37.29 1.84
N HIS A 20 32.72 37.26 2.66
CA HIS A 20 31.56 36.40 2.38
C HIS A 20 30.93 36.76 1.04
N MET A 21 29.83 36.08 0.72
CA MET A 21 29.12 36.33 -0.53
C MET A 21 27.92 37.24 -0.31
N SER A 22 26.89 36.72 0.36
CA SER A 22 25.68 37.49 0.63
C SER A 22 24.70 36.67 1.45
N LEU A 23 23.53 37.25 1.70
CA LEU A 23 22.49 36.58 2.48
C LEU A 23 22.99 36.26 3.88
N ASP A 24 22.06 35.94 4.78
CA ASP A 24 22.40 35.61 6.15
C ASP A 24 21.16 35.23 6.95
N GLU A 25 21.27 34.16 7.74
CA GLU A 25 20.16 33.68 8.55
C GLU A 25 19.71 34.75 9.54
N ASN A 26 18.41 34.99 9.59
CA ASN A 26 17.84 35.99 10.48
C ASN A 26 16.79 35.36 11.41
N GLU A 27 17.03 34.11 11.79
CA GLU A 27 16.10 33.40 12.67
C GLU A 27 14.72 33.27 12.03
N VAL A 28 13.78 32.74 12.79
CA VAL A 28 12.42 32.56 12.29
C VAL A 28 12.38 31.60 11.11
N ALA A 29 11.21 31.03 10.85
CA ALA A 29 11.03 30.10 9.75
C ALA A 29 11.93 28.87 9.92
N ALA A 30 11.55 27.77 9.29
CA ALA A 30 12.32 26.53 9.38
C ALA A 30 11.90 25.55 8.29
N ASN A 31 10.58 25.41 8.11
CA ASN A 31 10.05 24.49 7.12
C ASN A 31 10.48 23.06 7.40
N VAL A 32 9.72 22.10 6.86
CA VAL A 32 10.04 20.69 7.05
C VAL A 32 10.46 20.03 5.74
N GLU A 33 10.77 18.74 5.81
CA GLU A 33 11.18 17.99 4.62
C GLU A 33 9.97 17.50 3.84
N THR A 34 9.11 16.73 4.51
CA THR A 34 7.91 16.19 3.88
C THR A 34 8.26 15.39 2.63
N ARG A 35 9.38 14.67 2.68
CA ARG A 35 9.83 13.86 1.55
C ARG A 35 10.13 14.74 0.33
N PRO A 36 11.09 14.33 -0.51
CA PRO A 36 11.47 15.08 -1.70
C PRO A 36 10.38 15.05 -2.78
N GLU A 37 9.85 13.87 -3.03
CA GLU A 37 8.80 13.70 -4.03
C GLU A 37 8.17 12.32 -3.94
N LEU A 38 6.85 12.28 -3.86
CA LEU A 38 6.13 11.01 -3.77
C LEU A 38 5.98 10.37 -5.15
N ILE A 39 6.31 9.09 -5.24
CA ILE A 39 6.19 8.35 -6.49
C ILE A 39 4.94 7.50 -6.47
N THR A 40 4.72 6.72 -7.52
CA THR A 40 3.54 5.86 -7.61
C THR A 40 3.73 4.79 -8.68
N ARG A 41 3.65 3.53 -8.26
CA ARG A 41 3.81 2.41 -9.16
C ARG A 41 2.85 1.29 -8.78
N THR A 42 1.84 1.06 -9.59
CA THR A 42 0.85 0.04 -9.30
C THR A 42 1.33 -1.32 -9.73
N GLU A 43 1.27 -2.25 -8.78
CA GLU A 43 1.68 -3.61 -9.03
C GLU A 43 0.46 -4.48 -9.34
N GLU A 44 0.66 -5.46 -10.21
CA GLU A 44 -0.42 -6.34 -10.61
C GLU A 44 -0.87 -7.21 -9.43
N ILE A 45 -1.87 -6.72 -8.70
CA ILE A 45 -2.40 -7.43 -7.55
C ILE A 45 -3.55 -8.36 -7.97
N PRO A 46 -3.32 -9.68 -7.96
CA PRO A 46 -4.33 -10.67 -8.35
C PRO A 46 -5.30 -10.99 -7.22
N PHE A 47 -6.48 -11.48 -7.58
CA PHE A 47 -7.51 -11.83 -6.61
C PHE A 47 -7.31 -13.26 -6.10
N GLU A 48 -8.27 -13.72 -5.29
CA GLU A 48 -8.20 -15.07 -4.74
C GLU A 48 -9.58 -15.56 -4.32
N VAL A 49 -10.05 -16.62 -4.97
CA VAL A 49 -11.35 -17.19 -4.66
C VAL A 49 -11.36 -17.82 -3.28
N ILE A 50 -12.53 -17.78 -2.63
CA ILE A 50 -12.69 -18.35 -1.29
C ILE A 50 -13.80 -19.39 -1.26
N LYS A 51 -13.73 -20.30 -0.30
CA LYS A 51 -14.73 -21.35 -0.15
C LYS A 51 -15.42 -21.26 1.20
N LYS A 52 -16.63 -20.69 1.20
CA LYS A 52 -17.40 -20.54 2.42
C LYS A 52 -18.54 -21.54 2.47
N GLU A 53 -18.81 -22.07 3.66
CA GLU A 53 -19.88 -23.04 3.84
C GLU A 53 -21.08 -22.40 4.53
N ASN A 54 -22.25 -22.52 3.90
CA ASN A 54 -23.47 -21.94 4.46
C ASN A 54 -24.59 -22.99 4.48
N PRO A 55 -25.30 -23.10 5.62
CA PRO A 55 -26.40 -24.06 5.77
C PRO A 55 -27.67 -23.61 5.06
N ASN A 56 -27.78 -22.31 4.81
CA ASN A 56 -28.96 -21.76 4.15
C ASN A 56 -29.21 -22.44 2.81
N LEU A 57 -28.14 -22.77 2.10
CA LEU A 57 -28.25 -23.43 0.81
C LEU A 57 -28.89 -24.81 0.96
N PRO A 58 -29.44 -25.37 -0.14
CA PRO A 58 -30.10 -26.67 -0.12
C PRO A 58 -29.10 -27.83 -0.19
N ALA A 59 -28.04 -27.74 0.60
CA ALA A 59 -27.02 -28.79 0.64
C ALA A 59 -26.35 -28.96 -0.73
N GLY A 60 -25.02 -28.86 -0.74
CA GLY A 60 -24.28 -29.01 -1.97
C GLY A 60 -24.71 -28.03 -3.04
N GLN A 61 -24.73 -26.75 -2.72
CA GLN A 61 -25.13 -25.72 -3.66
C GLN A 61 -23.93 -24.88 -4.09
N GLU A 62 -24.09 -24.16 -5.20
CA GLU A 62 -23.03 -23.31 -5.72
C GLU A 62 -23.59 -22.04 -6.35
N ASN A 63 -23.29 -20.90 -5.74
CA ASN A 63 -23.76 -19.61 -6.24
C ASN A 63 -22.71 -18.54 -6.06
N ILE A 64 -22.32 -17.90 -7.15
CA ILE A 64 -21.31 -16.85 -7.10
C ILE A 64 -21.96 -15.49 -6.81
N ILE A 65 -21.38 -14.77 -5.85
CA ILE A 65 -21.89 -13.46 -5.47
C ILE A 65 -21.06 -12.35 -6.11
N THR A 66 -19.74 -12.52 -6.08
CA THR A 66 -18.83 -11.53 -6.65
C THR A 66 -17.62 -12.22 -7.28
N ALA A 67 -17.63 -12.34 -8.60
CA ALA A 67 -16.53 -12.98 -9.32
C ALA A 67 -15.19 -12.36 -8.96
N GLY A 68 -14.12 -13.15 -9.08
CA GLY A 68 -12.79 -12.66 -8.77
C GLY A 68 -12.16 -11.93 -9.95
N VAL A 69 -11.62 -10.74 -9.69
CA VAL A 69 -10.99 -9.95 -10.74
C VAL A 69 -9.73 -9.26 -10.23
N LYS A 70 -8.67 -9.30 -11.03
CA LYS A 70 -7.41 -8.69 -10.67
C LYS A 70 -7.56 -7.17 -10.51
N GLY A 71 -7.17 -6.67 -9.35
CA GLY A 71 -7.26 -5.24 -9.09
C GLY A 71 -5.94 -4.54 -9.31
N GLU A 72 -5.70 -3.44 -8.60
CA GLU A 72 -4.47 -2.72 -8.73
C GLU A 72 -4.29 -1.83 -7.53
N ARG A 73 -3.06 -1.62 -7.16
CA ARG A 73 -2.74 -0.77 -6.03
C ARG A 73 -1.53 0.03 -6.36
N THR A 74 -1.73 1.31 -6.52
CA THR A 74 -0.62 2.17 -6.88
C THR A 74 0.26 2.35 -5.67
N HIS A 75 1.54 2.08 -5.85
CA HIS A 75 2.47 2.15 -4.75
C HIS A 75 3.39 3.34 -4.83
N TYR A 76 3.29 4.16 -3.79
CA TYR A 76 4.05 5.39 -3.70
C TYR A 76 5.37 5.17 -2.98
N ILE A 77 6.44 5.10 -3.76
CA ILE A 77 7.78 4.88 -3.23
C ILE A 77 8.44 6.20 -2.85
N SER A 78 9.46 6.14 -2.00
CA SER A 78 10.16 7.33 -1.56
C SER A 78 11.46 7.51 -2.36
N VAL A 79 11.62 8.70 -2.94
CA VAL A 79 12.81 8.99 -3.74
C VAL A 79 13.98 9.38 -2.85
N LEU A 80 14.97 8.51 -2.77
CA LEU A 80 16.16 8.76 -1.96
C LEU A 80 17.41 8.87 -2.84
N THR A 81 17.87 10.09 -3.05
CA THR A 81 19.06 10.33 -3.86
C THR A 81 20.31 10.34 -3.02
N GLU A 82 21.26 9.48 -3.35
CA GLU A 82 22.52 9.39 -2.61
C GLU A 82 23.71 9.45 -3.56
N ASN A 83 24.23 10.65 -3.77
CA ASN A 83 25.38 10.84 -4.66
C ASN A 83 25.04 10.41 -6.09
N GLY A 84 23.80 10.65 -6.49
CA GLY A 84 23.37 10.28 -7.83
C GLY A 84 22.87 8.85 -7.90
N LYS A 85 22.03 8.47 -6.95
CA LYS A 85 21.48 7.12 -6.91
C LYS A 85 20.04 7.14 -6.38
N THR A 86 19.10 6.77 -7.24
CA THR A 86 17.69 6.75 -6.87
C THR A 86 17.27 5.36 -6.39
N THR A 87 16.98 5.25 -5.11
CA THR A 87 16.57 3.98 -4.52
C THR A 87 15.05 3.89 -4.40
N GLU A 88 14.52 2.68 -4.47
CA GLU A 88 13.08 2.46 -4.37
C GLU A 88 12.72 1.82 -3.03
N THR A 89 12.27 2.64 -2.09
CA THR A 89 11.89 2.15 -0.77
C THR A 89 10.39 2.35 -0.53
N VAL A 90 9.67 1.24 -0.36
CA VAL A 90 8.24 1.30 -0.11
C VAL A 90 7.90 2.27 1.02
N LEU A 91 7.05 3.25 0.72
CA LEU A 91 6.66 4.24 1.70
C LEU A 91 5.21 4.06 2.12
N ASP A 92 4.29 4.32 1.19
CA ASP A 92 2.86 4.19 1.48
C ASP A 92 2.04 4.13 0.19
N SER A 93 1.00 3.30 0.21
CA SER A 93 0.13 3.16 -0.96
C SER A 93 -1.32 2.96 -0.53
N GLN A 94 -2.22 3.40 -1.39
CA GLN A 94 -3.64 3.26 -1.18
C GLN A 94 -4.15 2.25 -2.18
N VAL A 95 -5.37 1.76 -2.01
CA VAL A 95 -5.89 0.77 -2.94
C VAL A 95 -6.50 1.46 -4.15
N THR A 96 -5.78 1.38 -5.27
CA THR A 96 -6.23 1.99 -6.50
C THR A 96 -6.59 0.92 -7.52
N LYS A 97 -7.81 0.42 -7.36
CA LYS A 97 -8.38 -0.63 -8.21
C LYS A 97 -8.51 -1.92 -7.41
N GLU A 98 -9.08 -1.81 -6.21
CA GLU A 98 -9.26 -2.95 -5.31
C GLU A 98 -9.51 -4.24 -6.08
N VAL A 99 -8.69 -5.25 -5.79
CA VAL A 99 -8.82 -6.54 -6.45
C VAL A 99 -10.06 -7.27 -5.98
N ILE A 100 -10.95 -7.55 -6.92
CA ILE A 100 -12.19 -8.26 -6.61
C ILE A 100 -11.92 -9.72 -6.27
N ASN A 101 -12.22 -10.09 -5.04
CA ASN A 101 -12.00 -11.47 -4.58
C ASN A 101 -13.23 -12.33 -4.83
N GLN A 102 -13.02 -13.49 -5.43
CA GLN A 102 -14.12 -14.40 -5.73
C GLN A 102 -14.69 -14.99 -4.45
N VAL A 103 -16.01 -14.88 -4.29
CA VAL A 103 -16.68 -15.39 -3.10
C VAL A 103 -17.83 -16.32 -3.49
N VAL A 104 -17.58 -17.62 -3.42
CA VAL A 104 -18.59 -18.62 -3.75
C VAL A 104 -19.10 -19.33 -2.50
N GLU A 105 -20.38 -19.16 -2.21
CA GLU A 105 -20.99 -19.78 -1.03
C GLU A 105 -21.48 -21.19 -1.37
N VAL A 106 -20.78 -22.19 -0.84
CA VAL A 106 -21.15 -23.59 -1.09
C VAL A 106 -21.95 -24.16 0.08
N GLY A 107 -23.00 -24.91 -0.25
CA GLY A 107 -23.84 -25.50 0.79
C GLY A 107 -23.15 -26.64 1.51
N ALA A 108 -23.18 -26.61 2.84
CA ALA A 108 -22.55 -27.65 3.63
C ALA A 108 -23.49 -28.14 4.74
N PRO A 109 -23.29 -29.37 5.22
CA PRO A 109 -24.13 -29.95 6.28
C PRO A 109 -23.89 -29.28 7.63
N VAL A 110 -24.43 -29.90 8.68
CA VAL A 110 -24.28 -29.36 10.03
C VAL A 110 -23.20 -30.11 10.81
N THR A 111 -23.14 -31.43 10.60
CA THR A 111 -22.16 -32.26 11.28
C THR A 111 -20.74 -31.82 10.95
N HIS A 112 -20.34 -32.03 9.70
CA HIS A 112 -19.00 -31.65 9.26
C HIS A 112 -17.93 -32.38 10.07
N MET A 1 21.68 26.13 -49.12
CA MET A 1 21.84 27.26 -50.08
C MET A 1 21.66 28.60 -49.38
N GLY A 2 22.79 29.24 -49.04
CA GLY A 2 22.73 30.52 -48.39
C GLY A 2 23.09 30.43 -46.91
N SER A 3 23.91 29.45 -46.56
CA SER A 3 24.32 29.25 -45.17
C SER A 3 23.10 28.99 -44.29
N SER A 4 23.33 29.00 -42.97
CA SER A 4 22.27 28.77 -42.01
C SER A 4 21.65 27.38 -42.21
N HIS A 6 20.99 26.88 -41.17
CA HIS A 6 20.36 25.56 -41.23
C HIS A 6 21.39 24.47 -41.50
N HIS A 7 22.09 24.06 -40.45
CA HIS A 7 23.11 23.02 -40.59
C HIS A 7 23.25 22.24 -39.28
N HIS A 8 22.14 22.06 -38.58
CA HIS A 8 22.15 21.32 -37.31
C HIS A 8 20.72 21.00 -36.86
N HIS A 9 20.44 19.71 -36.71
CA HIS A 9 19.12 19.27 -36.29
C HIS A 9 19.22 18.05 -35.37
N HIS A 10 19.05 18.28 -34.08
CA HIS A 10 19.12 17.20 -33.09
C HIS A 10 18.64 17.68 -31.73
N SER A 11 19.13 18.84 -31.31
CA SER A 11 18.76 19.41 -30.02
C SER A 11 19.15 18.47 -28.87
N SER A 12 18.69 18.81 -27.67
CA SER A 12 18.99 18.00 -26.50
C SER A 12 17.80 17.14 -26.10
N GLY A 13 18.02 16.21 -25.19
CA GLY A 13 16.95 15.33 -24.74
C GLY A 13 17.45 14.20 -23.88
N LEU A 14 16.56 13.28 -23.52
CA LEU A 14 16.91 12.13 -22.69
C LEU A 14 17.22 10.91 -23.55
N VAL A 15 16.50 10.78 -24.67
CA VAL A 15 16.67 9.66 -25.59
C VAL A 15 16.82 8.34 -24.83
N PRO A 16 15.89 8.03 -23.93
CA PRO A 16 15.93 6.78 -23.14
C PRO A 16 15.63 5.55 -24.00
N ARG A 17 16.69 4.86 -24.41
CA ARG A 17 16.54 3.67 -25.23
C ARG A 17 15.86 3.99 -26.55
N GLY A 18 16.08 5.20 -27.05
CA GLY A 18 15.49 5.62 -28.29
C GLY A 18 14.15 6.31 -28.09
N SER A 19 14.01 7.00 -26.97
CA SER A 19 12.77 7.71 -26.65
C SER A 19 11.58 6.75 -26.60
N HIS A 20 11.08 6.52 -25.39
CA HIS A 20 9.94 5.63 -25.21
C HIS A 20 8.63 6.39 -25.26
N MET A 21 8.66 7.65 -24.81
CA MET A 21 7.48 8.49 -24.81
C MET A 21 7.49 9.46 -25.99
N SER A 22 6.35 9.57 -26.67
CA SER A 22 6.24 10.45 -27.82
C SER A 22 5.87 11.87 -27.38
N LEU A 23 5.12 11.97 -26.28
CA LEU A 23 4.71 13.27 -25.76
C LEU A 23 5.93 14.11 -25.40
N ASP A 24 5.69 15.40 -25.15
CA ASP A 24 6.77 16.32 -24.79
C ASP A 24 6.32 17.27 -23.68
N GLU A 25 7.14 18.29 -23.42
CA GLU A 25 6.83 19.26 -22.39
C GLU A 25 6.74 18.59 -21.01
N ASN A 26 7.67 18.92 -20.13
CA ASN A 26 7.69 18.36 -18.79
C ASN A 26 7.78 19.45 -17.73
N GLU A 27 7.84 19.05 -16.47
CA GLU A 27 7.91 20.00 -15.37
C GLU A 27 9.37 20.33 -15.04
N VAL A 28 9.57 21.22 -14.07
CA VAL A 28 10.91 21.63 -13.66
C VAL A 28 11.53 20.58 -12.75
N ALA A 29 12.86 20.59 -12.66
CA ALA A 29 13.59 19.65 -11.83
C ALA A 29 13.56 20.07 -10.36
N ALA A 30 14.25 21.16 -10.06
CA ALA A 30 14.30 21.67 -8.69
C ALA A 30 14.91 20.64 -7.74
N ASN A 31 14.98 21.00 -6.47
CA ASN A 31 15.53 20.11 -5.45
C ASN A 31 15.40 20.71 -4.06
N VAL A 32 15.33 19.85 -3.05
CA VAL A 32 15.21 20.30 -1.66
C VAL A 32 16.12 19.50 -0.74
N GLU A 33 16.10 19.84 0.55
CA GLU A 33 16.93 19.16 1.53
C GLU A 33 16.10 18.75 2.75
N THR A 34 14.85 18.36 2.50
CA THR A 34 13.96 17.95 3.58
C THR A 34 13.37 16.57 3.31
N ARG A 35 12.79 16.40 2.12
CA ARG A 35 12.20 15.13 1.73
C ARG A 35 12.07 15.03 0.21
N PRO A 36 12.31 13.84 -0.37
CA PRO A 36 12.21 13.62 -1.81
C PRO A 36 10.79 13.89 -2.34
N GLU A 37 10.53 13.43 -3.56
CA GLU A 37 9.22 13.61 -4.18
C GLU A 37 8.37 12.36 -4.02
N LEU A 38 7.16 12.40 -4.55
CA LEU A 38 6.25 11.26 -4.47
C LEU A 38 6.04 10.63 -5.85
N ILE A 39 6.48 9.37 -5.99
CA ILE A 39 6.32 8.64 -7.24
C ILE A 39 5.14 7.68 -7.12
N THR A 40 4.91 6.89 -8.16
CA THR A 40 3.79 5.94 -8.16
C THR A 40 4.04 4.81 -9.16
N ARG A 41 3.66 3.61 -8.74
CA ARG A 41 3.82 2.42 -9.57
C ARG A 41 2.90 1.33 -9.04
N THR A 42 1.82 1.06 -9.75
CA THR A 42 0.87 0.05 -9.32
C THR A 42 1.31 -1.35 -9.68
N GLU A 43 1.22 -2.22 -8.68
CA GLU A 43 1.59 -3.61 -8.85
C GLU A 43 0.36 -4.44 -9.10
N GLU A 44 0.50 -5.46 -9.92
CA GLU A 44 -0.62 -6.33 -10.26
C GLU A 44 -1.07 -7.13 -9.04
N ILE A 45 -2.03 -6.58 -8.31
CA ILE A 45 -2.56 -7.24 -7.12
C ILE A 45 -3.66 -8.23 -7.48
N PRO A 46 -3.40 -9.54 -7.33
CA PRO A 46 -4.37 -10.58 -7.65
C PRO A 46 -5.31 -10.90 -6.49
N PHE A 47 -6.50 -11.38 -6.82
CA PHE A 47 -7.50 -11.74 -5.81
C PHE A 47 -7.30 -13.17 -5.34
N GLU A 48 -8.18 -13.64 -4.47
CA GLU A 48 -8.10 -14.99 -3.95
C GLU A 48 -9.50 -15.53 -3.61
N VAL A 49 -9.93 -16.54 -4.37
CA VAL A 49 -11.24 -17.14 -4.17
C VAL A 49 -11.28 -17.89 -2.83
N ILE A 50 -12.47 -17.94 -2.23
CA ILE A 50 -12.65 -18.61 -0.96
C ILE A 50 -13.77 -19.65 -1.04
N LYS A 51 -13.72 -20.64 -0.16
CA LYS A 51 -14.73 -21.70 -0.13
C LYS A 51 -15.45 -21.72 1.21
N LYS A 52 -16.65 -21.14 1.24
CA LYS A 52 -17.45 -21.10 2.45
C LYS A 52 -18.51 -22.19 2.45
N GLU A 53 -18.70 -22.84 3.59
CA GLU A 53 -19.68 -23.91 3.73
C GLU A 53 -21.00 -23.36 4.26
N ASN A 54 -21.97 -23.19 3.37
CA ASN A 54 -23.28 -22.68 3.75
C ASN A 54 -24.30 -23.80 3.83
N PRO A 55 -24.55 -24.34 5.05
CA PRO A 55 -25.51 -25.43 5.24
C PRO A 55 -26.95 -24.99 5.00
N ASN A 56 -27.18 -23.68 5.01
CA ASN A 56 -28.51 -23.13 4.78
C ASN A 56 -29.05 -23.57 3.43
N LEU A 57 -28.16 -23.76 2.46
CA LEU A 57 -28.56 -24.18 1.12
C LEU A 57 -28.90 -25.67 1.10
N PRO A 58 -29.57 -26.14 0.03
CA PRO A 58 -29.96 -27.54 -0.11
C PRO A 58 -28.84 -28.41 -0.67
N ALA A 59 -27.62 -28.20 -0.18
CA ALA A 59 -26.47 -28.97 -0.63
C ALA A 59 -26.23 -28.78 -2.13
N GLY A 60 -24.97 -28.89 -2.53
CA GLY A 60 -24.62 -28.72 -3.93
C GLY A 60 -25.09 -27.40 -4.50
N GLN A 61 -25.22 -26.40 -3.64
CA GLN A 61 -25.67 -25.08 -4.06
C GLN A 61 -24.49 -24.16 -4.33
N GLU A 62 -24.35 -23.74 -5.59
CA GLU A 62 -23.25 -22.86 -5.98
C GLU A 62 -23.77 -21.47 -6.34
N ASN A 63 -23.10 -20.45 -5.84
CA ASN A 63 -23.49 -19.07 -6.12
C ASN A 63 -22.28 -18.14 -6.08
N ILE A 64 -22.43 -16.96 -6.66
CA ILE A 64 -21.35 -15.98 -6.70
C ILE A 64 -21.81 -14.63 -6.14
N ILE A 65 -21.54 -14.40 -4.87
CA ILE A 65 -21.92 -13.15 -4.22
C ILE A 65 -21.03 -11.99 -4.68
N THR A 66 -19.78 -12.32 -5.00
CA THR A 66 -18.84 -11.31 -5.47
C THR A 66 -17.64 -11.99 -6.13
N ALA A 67 -17.68 -12.08 -7.46
CA ALA A 67 -16.60 -12.71 -8.22
C ALA A 67 -15.25 -12.08 -7.90
N GLY A 68 -14.19 -12.87 -8.03
CA GLY A 68 -12.85 -12.37 -7.76
C GLY A 68 -12.16 -11.84 -8.99
N VAL A 69 -11.78 -10.57 -8.96
CA VAL A 69 -11.10 -9.94 -10.09
C VAL A 69 -9.88 -9.15 -9.63
N LYS A 70 -8.77 -9.33 -10.34
CA LYS A 70 -7.54 -8.64 -10.00
C LYS A 70 -7.72 -7.12 -10.07
N GLY A 71 -7.38 -6.45 -8.98
CA GLY A 71 -7.50 -5.00 -8.92
C GLY A 71 -6.20 -4.31 -9.25
N GLU A 72 -5.90 -3.22 -8.54
CA GLU A 72 -4.68 -2.49 -8.76
C GLU A 72 -4.46 -1.53 -7.62
N ARG A 73 -3.22 -1.38 -7.23
CA ARG A 73 -2.88 -0.49 -6.15
C ARG A 73 -1.66 0.28 -6.57
N THR A 74 -1.83 1.55 -6.79
CA THR A 74 -0.73 2.38 -7.22
C THR A 74 0.18 2.61 -6.04
N HIS A 75 1.45 2.27 -6.22
CA HIS A 75 2.41 2.37 -5.14
C HIS A 75 3.35 3.55 -5.29
N TYR A 76 3.23 4.44 -4.32
CA TYR A 76 4.01 5.67 -4.29
C TYR A 76 5.32 5.46 -3.56
N ILE A 77 6.38 5.29 -4.34
CA ILE A 77 7.71 5.07 -3.80
C ILE A 77 8.43 6.38 -3.52
N SER A 78 9.47 6.34 -2.69
CA SER A 78 10.24 7.53 -2.35
C SER A 78 11.61 7.50 -3.01
N VAL A 79 11.82 8.41 -3.95
CA VAL A 79 13.10 8.49 -4.66
C VAL A 79 14.14 9.23 -3.85
N LEU A 80 15.05 8.48 -3.21
CA LEU A 80 16.10 9.08 -2.40
C LEU A 80 17.46 8.92 -3.07
N THR A 81 18.01 10.02 -3.55
CA THR A 81 19.31 10.01 -4.22
C THR A 81 20.43 10.14 -3.20
N GLU A 82 21.15 9.04 -2.97
CA GLU A 82 22.26 9.04 -2.02
C GLU A 82 23.60 9.04 -2.76
N ASN A 83 24.15 10.23 -2.97
CA ASN A 83 25.43 10.36 -3.66
C ASN A 83 25.35 9.79 -5.07
N GLY A 84 24.18 9.87 -5.67
CA GLY A 84 23.99 9.36 -7.01
C GLY A 84 23.43 7.95 -7.02
N LYS A 85 22.43 7.71 -6.17
CA LYS A 85 21.81 6.39 -6.09
C LYS A 85 20.34 6.51 -5.69
N THR A 86 19.44 6.17 -6.61
CA THR A 86 18.01 6.25 -6.37
C THR A 86 17.45 4.86 -6.04
N THR A 87 17.05 4.67 -4.79
CA THR A 87 16.50 3.40 -4.35
C THR A 87 14.98 3.49 -4.20
N GLU A 88 14.27 2.51 -4.77
CA GLU A 88 12.82 2.48 -4.69
C GLU A 88 12.35 1.79 -3.42
N THR A 89 11.99 2.59 -2.42
CA THR A 89 11.52 2.06 -1.14
C THR A 89 10.05 2.40 -0.92
N VAL A 90 9.24 1.37 -0.67
CA VAL A 90 7.81 1.56 -0.43
C VAL A 90 7.57 2.64 0.63
N LEU A 91 6.93 3.73 0.23
CA LEU A 91 6.65 4.83 1.15
C LEU A 91 5.20 4.79 1.60
N ASP A 92 4.27 4.95 0.66
CA ASP A 92 2.85 4.95 0.98
C ASP A 92 2.02 4.81 -0.28
N SER A 93 0.98 3.97 -0.22
CA SER A 93 0.10 3.76 -1.36
C SER A 93 -1.34 3.56 -0.93
N GLN A 94 -2.24 3.97 -1.79
CA GLN A 94 -3.67 3.84 -1.56
C GLN A 94 -4.19 2.78 -2.53
N VAL A 95 -5.40 2.29 -2.32
CA VAL A 95 -5.93 1.26 -3.20
C VAL A 95 -6.57 1.91 -4.42
N THR A 96 -5.88 1.79 -5.55
CA THR A 96 -6.37 2.36 -6.78
C THR A 96 -6.79 1.27 -7.76
N LYS A 97 -8.01 0.78 -7.56
CA LYS A 97 -8.64 -0.26 -8.38
C LYS A 97 -9.25 -1.32 -7.47
N GLU A 98 -8.56 -1.64 -6.38
CA GLU A 98 -9.03 -2.62 -5.41
C GLU A 98 -9.25 -3.98 -6.06
N VAL A 99 -8.56 -4.99 -5.56
CA VAL A 99 -8.70 -6.34 -6.08
C VAL A 99 -9.92 -7.04 -5.49
N ILE A 100 -10.89 -7.33 -6.34
CA ILE A 100 -12.12 -7.98 -5.90
C ILE A 100 -11.88 -9.46 -5.63
N ASN A 101 -12.36 -9.93 -4.49
CA ASN A 101 -12.20 -11.33 -4.10
C ASN A 101 -13.42 -12.15 -4.53
N GLN A 102 -13.17 -13.37 -5.00
CA GLN A 102 -14.24 -14.26 -5.43
C GLN A 102 -14.96 -14.88 -4.24
N VAL A 103 -16.22 -14.54 -4.06
CA VAL A 103 -17.01 -15.06 -2.95
C VAL A 103 -18.06 -16.04 -3.45
N VAL A 104 -17.77 -17.33 -3.33
CA VAL A 104 -18.68 -18.37 -3.77
C VAL A 104 -19.06 -19.29 -2.61
N GLU A 105 -20.36 -19.35 -2.30
CA GLU A 105 -20.85 -20.18 -1.21
C GLU A 105 -21.29 -21.54 -1.75
N VAL A 106 -20.86 -22.61 -1.07
CA VAL A 106 -21.21 -23.97 -1.47
C VAL A 106 -22.13 -24.62 -0.45
N GLY A 107 -23.29 -25.07 -0.91
CA GLY A 107 -24.25 -25.71 -0.03
C GLY A 107 -23.75 -27.05 0.48
N ALA A 108 -23.70 -27.20 1.80
CA ALA A 108 -23.24 -28.44 2.41
C ALA A 108 -23.40 -28.39 3.93
N PRO A 109 -23.63 -29.55 4.57
CA PRO A 109 -23.80 -29.63 6.03
C PRO A 109 -22.48 -29.40 6.77
N VAL A 110 -22.56 -28.72 7.90
CA VAL A 110 -21.38 -28.43 8.71
C VAL A 110 -21.28 -29.39 9.89
N THR A 111 -22.43 -29.81 10.41
CA THR A 111 -22.47 -30.73 11.55
C THR A 111 -22.41 -32.17 11.08
N HIS A 112 -23.27 -32.52 10.13
CA HIS A 112 -23.31 -33.87 9.59
C HIS A 112 -21.98 -34.25 8.94
N MET A 1 12.58 18.47 15.85
CA MET A 1 11.10 18.56 15.78
C MET A 1 10.66 19.88 15.14
N GLY A 2 9.60 19.80 14.34
CA GLY A 2 9.08 20.98 13.67
C GLY A 2 7.82 21.51 14.31
N SER A 3 6.85 20.62 14.51
CA SER A 3 5.58 21.01 15.11
C SER A 3 4.87 22.06 14.27
N SER A 4 4.18 21.62 13.23
CA SER A 4 3.45 22.53 12.34
C SER A 4 2.02 22.04 12.13
N HIS A 6 1.87 20.75 11.85
CA HIS A 6 0.56 20.16 11.61
C HIS A 6 0.35 18.93 12.49
N HIS A 7 -0.86 18.39 12.46
CA HIS A 7 -1.19 17.20 13.23
C HIS A 7 -1.81 16.12 12.36
N HIS A 8 -0.96 15.31 11.73
CA HIS A 8 -1.43 14.24 10.86
C HIS A 8 -2.16 14.80 9.64
N HIS A 9 -3.42 15.18 9.84
CA HIS A 9 -4.23 15.72 8.76
C HIS A 9 -5.55 16.28 9.30
N HIS A 10 -5.50 16.85 10.51
CA HIS A 10 -6.69 17.40 11.13
C HIS A 10 -6.35 18.06 12.46
N SER A 11 -6.66 19.34 12.59
CA SER A 11 -6.38 20.09 13.81
C SER A 11 -7.39 19.73 14.90
N SER A 12 -7.04 18.77 15.74
CA SER A 12 -7.91 18.33 16.82
C SER A 12 -7.38 18.80 18.18
N GLY A 13 -6.80 19.99 18.19
CA GLY A 13 -6.25 20.53 19.42
C GLY A 13 -7.29 21.28 20.23
N LEU A 14 -6.99 21.52 21.51
CA LEU A 14 -7.90 22.23 22.40
C LEU A 14 -9.22 21.47 22.53
N VAL A 15 -9.26 20.50 23.42
CA VAL A 15 -10.46 19.70 23.65
C VAL A 15 -10.62 19.36 25.13
N PRO A 16 -11.87 19.11 25.56
CA PRO A 16 -12.16 18.77 26.96
C PRO A 16 -11.65 17.38 27.34
N ARG A 17 -11.75 16.44 26.40
CA ARG A 17 -11.31 15.07 26.62
C ARG A 17 -11.46 14.23 25.36
N GLY A 18 -10.41 14.21 24.54
CA GLY A 18 -10.44 13.44 23.32
C GLY A 18 -9.11 12.79 23.00
N SER A 19 -8.34 12.49 24.05
CA SER A 19 -7.04 11.85 23.87
C SER A 19 -6.59 11.17 25.16
N HIS A 20 -7.13 9.98 25.41
CA HIS A 20 -6.79 9.21 26.60
C HIS A 20 -6.01 7.95 26.24
N MET A 21 -6.39 7.33 25.13
CA MET A 21 -5.74 6.11 24.68
C MET A 21 -4.25 6.36 24.41
N SER A 22 -3.41 5.86 25.30
CA SER A 22 -1.97 6.02 25.17
C SER A 22 -1.32 4.76 24.61
N LEU A 23 -1.90 3.60 24.93
CA LEU A 23 -1.38 2.32 24.45
C LEU A 23 -1.37 2.27 22.93
N ASP A 24 -2.33 2.96 22.31
CA ASP A 24 -2.42 2.99 20.86
C ASP A 24 -1.24 3.74 20.25
N GLU A 25 -0.48 3.04 19.40
CA GLU A 25 0.67 3.65 18.75
C GLU A 25 0.31 4.19 17.37
N ASN A 26 1.17 5.04 16.83
CA ASN A 26 0.94 5.64 15.52
C ASN A 26 2.25 5.83 14.77
N GLU A 27 3.09 6.74 15.26
CA GLU A 27 4.38 7.01 14.64
C GLU A 27 5.52 6.48 15.49
N VAL A 28 6.73 6.50 14.93
CA VAL A 28 7.90 6.01 15.63
C VAL A 28 9.10 6.92 15.39
N ALA A 29 9.30 7.88 16.29
CA ALA A 29 10.42 8.82 16.17
C ALA A 29 10.35 9.60 14.86
N ALA A 30 9.14 9.81 14.37
CA ALA A 30 8.93 10.54 13.12
C ALA A 30 9.63 9.84 11.96
N ASN A 31 9.68 10.51 10.82
CA ASN A 31 10.32 9.95 9.63
C ASN A 31 10.64 11.05 8.62
N VAL A 32 9.65 11.89 8.34
CA VAL A 32 9.82 12.98 7.38
C VAL A 32 8.55 13.82 7.27
N GLU A 33 8.70 15.05 6.82
CA GLU A 33 7.57 15.96 6.67
C GLU A 33 7.40 16.40 5.21
N THR A 34 8.53 16.68 4.56
CA THR A 34 8.51 17.11 3.16
C THR A 34 9.27 16.13 2.28
N ARG A 35 8.76 15.91 1.07
CA ARG A 35 9.40 14.98 0.14
C ARG A 35 9.82 15.72 -1.14
N PRO A 36 10.88 15.24 -1.80
CA PRO A 36 11.39 15.85 -3.04
C PRO A 36 10.44 15.63 -4.22
N GLU A 37 9.96 14.41 -4.36
CA GLU A 37 9.05 14.07 -5.45
C GLU A 37 8.44 12.69 -5.24
N LEU A 38 7.13 12.66 -5.01
CA LEU A 38 6.42 11.40 -4.79
C LEU A 38 6.20 10.66 -6.10
N ILE A 39 6.52 9.38 -6.11
CA ILE A 39 6.35 8.53 -7.29
C ILE A 39 5.08 7.70 -7.15
N THR A 40 4.83 6.84 -8.13
CA THR A 40 3.64 5.99 -8.12
C THR A 40 3.79 4.85 -9.11
N ARG A 41 3.68 3.63 -8.60
CA ARG A 41 3.80 2.44 -9.43
C ARG A 41 2.94 1.33 -8.85
N THR A 42 1.85 1.00 -9.53
CA THR A 42 0.94 -0.02 -9.04
C THR A 42 1.42 -1.41 -9.37
N GLU A 43 1.38 -2.26 -8.36
CA GLU A 43 1.77 -3.64 -8.51
C GLU A 43 0.55 -4.51 -8.72
N GLU A 44 0.72 -5.57 -9.48
CA GLU A 44 -0.38 -6.48 -9.78
C GLU A 44 -0.83 -7.21 -8.52
N ILE A 45 -1.90 -6.71 -7.90
CA ILE A 45 -2.45 -7.31 -6.69
C ILE A 45 -3.59 -8.26 -7.04
N PRO A 46 -3.36 -9.59 -6.96
CA PRO A 46 -4.38 -10.59 -7.27
C PRO A 46 -5.30 -10.91 -6.09
N PHE A 47 -6.53 -11.28 -6.41
CA PHE A 47 -7.51 -11.62 -5.39
C PHE A 47 -7.41 -13.10 -4.99
N GLU A 48 -8.33 -13.53 -4.14
CA GLU A 48 -8.35 -14.92 -3.69
C GLU A 48 -9.77 -15.38 -3.36
N VAL A 49 -10.25 -16.36 -4.11
CA VAL A 49 -11.59 -16.90 -3.89
C VAL A 49 -11.69 -17.62 -2.55
N ILE A 50 -12.88 -17.61 -1.96
CA ILE A 50 -13.11 -18.26 -0.68
C ILE A 50 -14.10 -19.40 -0.82
N LYS A 51 -14.03 -20.36 0.10
CA LYS A 51 -14.93 -21.52 0.08
C LYS A 51 -15.70 -21.62 1.39
N LYS A 52 -17.00 -21.31 1.33
CA LYS A 52 -17.85 -21.37 2.51
C LYS A 52 -18.93 -22.45 2.35
N GLU A 53 -19.58 -22.80 3.45
CA GLU A 53 -20.63 -23.80 3.44
C GLU A 53 -21.99 -23.19 3.74
N ASN A 54 -23.01 -23.61 3.01
CA ASN A 54 -24.36 -23.09 3.21
C ASN A 54 -25.39 -24.22 3.14
N PRO A 55 -25.80 -24.76 4.30
CA PRO A 55 -26.79 -25.85 4.35
C PRO A 55 -28.17 -25.41 3.86
N ASN A 56 -28.41 -24.10 3.88
CA ASN A 56 -29.69 -23.55 3.44
C ASN A 56 -29.98 -23.94 2.00
N LEU A 57 -28.92 -24.13 1.20
CA LEU A 57 -29.07 -24.51 -0.19
C LEU A 57 -29.56 -25.95 -0.32
N PRO A 58 -30.01 -26.36 -1.51
CA PRO A 58 -30.52 -27.70 -1.77
C PRO A 58 -29.39 -28.73 -1.95
N ALA A 59 -28.41 -28.70 -1.06
CA ALA A 59 -27.29 -29.63 -1.11
C ALA A 59 -26.50 -29.46 -2.41
N GLY A 60 -25.19 -29.27 -2.28
CA GLY A 60 -24.33 -29.11 -3.44
C GLY A 60 -24.85 -28.05 -4.41
N GLN A 61 -25.04 -26.84 -3.90
CA GLN A 61 -25.53 -25.75 -4.73
C GLN A 61 -24.43 -24.71 -4.97
N GLU A 62 -24.42 -24.13 -6.16
CA GLU A 62 -23.42 -23.13 -6.51
C GLU A 62 -24.02 -21.73 -6.49
N ASN A 63 -23.35 -20.81 -5.81
CA ASN A 63 -23.82 -19.43 -5.70
C ASN A 63 -22.64 -18.46 -5.65
N ILE A 64 -22.67 -17.45 -6.53
CA ILE A 64 -21.61 -16.45 -6.56
C ILE A 64 -22.08 -15.13 -5.96
N ILE A 65 -21.85 -14.98 -4.66
CA ILE A 65 -22.24 -13.76 -3.96
C ILE A 65 -21.43 -12.57 -4.47
N THR A 66 -20.19 -12.84 -4.86
CA THR A 66 -19.31 -11.81 -5.39
C THR A 66 -18.15 -12.44 -6.16
N ALA A 67 -17.94 -11.97 -7.39
CA ALA A 67 -16.88 -12.49 -8.23
C ALA A 67 -15.53 -11.87 -7.89
N GLY A 68 -14.51 -12.71 -7.81
CA GLY A 68 -13.17 -12.23 -7.48
C GLY A 68 -12.45 -11.68 -8.70
N VAL A 69 -11.81 -10.52 -8.54
CA VAL A 69 -11.09 -9.88 -9.64
C VAL A 69 -9.84 -9.17 -9.12
N LYS A 70 -8.78 -9.23 -9.91
CA LYS A 70 -7.52 -8.60 -9.54
C LYS A 70 -7.61 -7.08 -9.65
N GLY A 71 -7.39 -6.40 -8.54
CA GLY A 71 -7.44 -4.95 -8.52
C GLY A 71 -6.08 -4.34 -8.80
N GLU A 72 -5.73 -3.27 -8.10
CA GLU A 72 -4.45 -2.63 -8.28
C GLU A 72 -4.24 -1.62 -7.18
N ARG A 73 -2.99 -1.46 -6.79
CA ARG A 73 -2.63 -0.52 -5.77
C ARG A 73 -1.43 0.25 -6.22
N THR A 74 -1.62 1.52 -6.49
CA THR A 74 -0.52 2.33 -6.96
C THR A 74 0.40 2.61 -5.81
N HIS A 75 1.67 2.31 -5.99
CA HIS A 75 2.65 2.46 -4.95
C HIS A 75 3.54 3.65 -5.16
N TYR A 76 3.44 4.57 -4.21
CA TYR A 76 4.18 5.82 -4.23
C TYR A 76 5.52 5.68 -3.51
N ILE A 77 6.57 5.50 -4.30
CA ILE A 77 7.92 5.35 -3.76
C ILE A 77 8.58 6.70 -3.57
N SER A 78 9.61 6.75 -2.72
CA SER A 78 10.33 7.99 -2.46
C SER A 78 11.66 8.02 -3.20
N VAL A 79 11.89 9.08 -3.97
CA VAL A 79 13.12 9.21 -4.74
C VAL A 79 14.26 9.73 -3.87
N LEU A 80 15.19 8.85 -3.53
CA LEU A 80 16.33 9.22 -2.69
C LEU A 80 17.63 9.15 -3.50
N THR A 81 18.42 10.22 -3.41
CA THR A 81 19.69 10.27 -4.12
C THR A 81 20.86 9.92 -3.20
N GLU A 82 21.76 9.10 -3.71
CA GLU A 82 22.93 8.67 -2.93
C GLU A 82 24.10 8.34 -3.83
N ASN A 83 25.17 9.12 -3.72
CA ASN A 83 26.36 8.91 -4.53
C ASN A 83 26.04 9.04 -6.01
N GLY A 84 25.12 9.94 -6.34
CA GLY A 84 24.74 10.15 -7.72
C GLY A 84 23.92 9.00 -8.27
N LYS A 85 23.17 8.34 -7.40
CA LYS A 85 22.33 7.21 -7.81
C LYS A 85 20.90 7.38 -7.32
N THR A 86 19.99 6.60 -7.88
CA THR A 86 18.58 6.68 -7.50
C THR A 86 18.18 5.47 -6.66
N THR A 87 17.72 5.73 -5.45
CA THR A 87 17.30 4.66 -4.55
C THR A 87 15.78 4.52 -4.53
N GLU A 88 15.30 3.31 -4.27
CA GLU A 88 13.87 3.05 -4.23
C GLU A 88 13.45 2.55 -2.84
N THR A 89 12.53 3.26 -2.22
CA THR A 89 12.04 2.89 -0.89
C THR A 89 10.56 3.21 -0.74
N VAL A 90 9.76 2.20 -0.41
CA VAL A 90 8.33 2.39 -0.24
C VAL A 90 8.04 3.42 0.84
N LEU A 91 7.16 4.36 0.55
CA LEU A 91 6.81 5.41 1.50
C LEU A 91 5.34 5.32 1.91
N ASP A 92 4.45 5.35 0.92
CA ASP A 92 3.02 5.28 1.20
C ASP A 92 2.22 5.07 -0.08
N SER A 93 1.23 4.18 -0.01
CA SER A 93 0.37 3.90 -1.16
C SER A 93 -1.07 3.65 -0.72
N GLN A 94 -1.99 4.08 -1.56
CA GLN A 94 -3.40 3.89 -1.33
C GLN A 94 -3.89 2.83 -2.30
N VAL A 95 -5.08 2.29 -2.07
CA VAL A 95 -5.58 1.25 -2.95
C VAL A 95 -6.28 1.87 -4.14
N THR A 96 -5.63 1.79 -5.30
CA THR A 96 -6.18 2.35 -6.52
C THR A 96 -6.55 1.23 -7.50
N LYS A 97 -7.73 0.67 -7.27
CA LYS A 97 -8.32 -0.41 -8.09
C LYS A 97 -9.02 -1.41 -7.18
N GLU A 98 -8.43 -1.64 -6.01
CA GLU A 98 -8.99 -2.57 -5.02
C GLU A 98 -9.20 -3.96 -5.61
N VAL A 99 -8.46 -4.93 -5.08
CA VAL A 99 -8.57 -6.31 -5.53
C VAL A 99 -9.77 -6.99 -4.88
N ILE A 100 -10.82 -7.19 -5.66
CA ILE A 100 -12.04 -7.82 -5.16
C ILE A 100 -11.88 -9.35 -5.09
N ASN A 101 -12.28 -9.91 -3.96
CA ASN A 101 -12.19 -11.36 -3.76
C ASN A 101 -13.49 -12.04 -4.17
N GLN A 102 -13.43 -13.35 -4.40
CA GLN A 102 -14.60 -14.12 -4.79
C GLN A 102 -15.24 -14.80 -3.59
N VAL A 103 -16.57 -14.81 -3.56
CA VAL A 103 -17.30 -15.42 -2.47
C VAL A 103 -18.30 -16.45 -2.98
N VAL A 104 -18.11 -17.71 -2.57
CA VAL A 104 -19.00 -18.79 -3.00
C VAL A 104 -19.46 -19.62 -1.80
N GLU A 105 -20.69 -20.10 -1.87
CA GLU A 105 -21.25 -20.91 -0.79
C GLU A 105 -21.55 -22.33 -1.27
N VAL A 106 -20.75 -23.28 -0.81
CA VAL A 106 -20.93 -24.68 -1.20
C VAL A 106 -21.91 -25.38 -0.27
N GLY A 107 -23.09 -25.71 -0.81
CA GLY A 107 -24.10 -26.40 -0.02
C GLY A 107 -23.62 -27.73 0.52
N ALA A 108 -23.86 -27.96 1.80
CA ALA A 108 -23.46 -29.22 2.44
C ALA A 108 -24.64 -30.17 2.58
N PRO A 109 -24.39 -31.49 2.52
CA PRO A 109 -25.44 -32.50 2.63
C PRO A 109 -26.18 -32.40 3.97
N VAL A 110 -25.49 -32.74 5.05
CA VAL A 110 -26.09 -32.69 6.38
C VAL A 110 -25.07 -33.08 7.46
N THR A 111 -24.28 -34.10 7.17
CA THR A 111 -23.27 -34.57 8.11
C THR A 111 -21.93 -33.89 7.85
N HIS A 112 -21.08 -33.86 8.87
CA HIS A 112 -19.77 -33.24 8.76
C HIS A 112 -19.89 -31.76 8.42
N MET A 1 -22.11 -3.20 15.38
CA MET A 1 -21.16 -2.37 14.59
C MET A 1 -21.44 -2.48 13.10
N GLY A 2 -22.73 -2.52 12.75
CA GLY A 2 -23.10 -2.62 11.35
C GLY A 2 -24.42 -1.92 11.05
N SER A 3 -24.69 -0.84 11.78
CA SER A 3 -25.92 -0.09 11.60
C SER A 3 -25.66 1.17 10.76
N SER A 4 -26.67 2.04 10.71
CA SER A 4 -26.54 3.29 9.95
C SER A 4 -25.42 4.15 10.49
N HIS A 6 -25.66 4.78 11.64
CA HIS A 6 -24.67 5.64 12.27
C HIS A 6 -24.14 5.02 13.56
N HIS A 7 -22.82 5.06 13.74
CA HIS A 7 -22.20 4.50 14.93
C HIS A 7 -21.05 5.39 15.41
N HIS A 8 -19.93 5.34 14.70
CA HIS A 8 -18.76 6.14 15.04
C HIS A 8 -17.66 5.97 14.01
N HIS A 9 -17.54 6.94 13.11
CA HIS A 9 -16.51 6.88 12.08
C HIS A 9 -16.53 8.17 11.23
N HIS A 10 -15.84 9.20 11.71
CA HIS A 10 -15.79 10.47 11.00
C HIS A 10 -14.43 10.65 10.34
N SER A 11 -13.40 10.85 11.16
CA SER A 11 -12.05 11.04 10.65
C SER A 11 -11.97 12.27 9.75
N SER A 12 -11.90 13.44 10.37
CA SER A 12 -11.82 14.70 9.63
C SER A 12 -10.63 15.53 10.08
N GLY A 13 -10.69 16.03 11.31
CA GLY A 13 -9.60 16.84 11.83
C GLY A 13 -10.04 17.71 12.98
N LEU A 14 -9.24 18.74 13.28
CA LEU A 14 -9.55 19.65 14.38
C LEU A 14 -9.97 21.01 13.82
N VAL A 15 -9.42 21.38 12.68
CA VAL A 15 -9.74 22.66 12.05
C VAL A 15 -9.27 23.83 12.91
N PRO A 16 -7.95 24.12 12.88
CA PRO A 16 -7.37 25.22 13.67
C PRO A 16 -7.77 26.59 13.13
N ARG A 17 -7.68 26.75 11.81
CA ARG A 17 -8.03 28.01 11.18
C ARG A 17 -8.39 27.80 9.71
N GLY A 18 -8.71 28.88 9.01
CA GLY A 18 -9.07 28.80 7.62
C GLY A 18 -7.89 28.46 6.72
N SER A 19 -6.69 28.79 7.18
CA SER A 19 -5.48 28.51 6.42
C SER A 19 -5.35 27.02 6.11
N HIS A 20 -5.21 26.70 4.83
CA HIS A 20 -5.07 25.31 4.41
C HIS A 20 -3.91 25.15 3.45
N MET A 21 -3.83 23.98 2.81
CA MET A 21 -2.76 23.70 1.86
C MET A 21 -2.74 24.72 0.73
N SER A 22 -1.58 24.89 0.10
CA SER A 22 -1.44 25.84 -0.99
C SER A 22 -2.31 25.45 -2.17
N LEU A 23 -2.23 26.23 -3.25
CA LEU A 23 -3.03 25.96 -4.44
C LEU A 23 -2.15 26.02 -5.69
N ASP A 24 -1.80 27.23 -6.10
CA ASP A 24 -0.96 27.43 -7.28
C ASP A 24 0.39 28.03 -6.90
N GLU A 25 1.30 27.17 -6.46
CA GLU A 25 2.64 27.61 -6.06
C GLU A 25 3.68 27.13 -7.07
N ASN A 26 3.43 25.97 -7.68
CA ASN A 26 4.36 25.41 -8.66
C ASN A 26 5.71 25.13 -8.03
N GLU A 27 6.46 24.23 -8.64
CA GLU A 27 7.79 23.88 -8.14
C GLU A 27 8.72 25.08 -8.15
N VAL A 28 9.56 25.18 -7.13
CA VAL A 28 10.51 26.29 -7.02
C VAL A 28 11.90 25.80 -6.61
N ALA A 29 12.92 26.39 -7.22
CA ALA A 29 14.30 26.00 -6.92
C ALA A 29 14.62 26.23 -5.45
N ALA A 30 14.14 27.33 -4.89
CA ALA A 30 14.38 27.66 -3.49
C ALA A 30 13.71 26.64 -2.57
N ASN A 31 14.44 26.20 -1.56
CA ASN A 31 13.93 25.22 -0.62
C ASN A 31 14.84 25.11 0.60
N VAL A 32 14.24 24.89 1.76
CA VAL A 32 15.00 24.74 3.00
C VAL A 32 15.20 23.28 3.37
N GLU A 33 15.29 22.43 2.35
CA GLU A 33 15.47 20.99 2.57
C GLU A 33 14.31 20.41 3.37
N THR A 34 13.44 19.67 2.68
CA THR A 34 12.29 19.06 3.33
C THR A 34 12.28 17.55 3.09
N ARG A 35 12.02 17.15 1.85
CA ARG A 35 11.99 15.74 1.50
C ARG A 35 12.08 15.55 -0.01
N PRO A 36 12.38 14.33 -0.47
CA PRO A 36 12.50 14.03 -1.90
C PRO A 36 11.15 14.08 -2.62
N GLU A 37 11.12 13.56 -3.84
CA GLU A 37 9.89 13.56 -4.62
C GLU A 37 9.13 12.25 -4.44
N LEU A 38 7.81 12.32 -4.53
CA LEU A 38 6.97 11.14 -4.36
C LEU A 38 6.53 10.59 -5.71
N ILE A 39 6.94 9.37 -6.02
CA ILE A 39 6.58 8.71 -7.26
C ILE A 39 5.45 7.72 -7.02
N THR A 40 5.06 6.99 -8.06
CA THR A 40 3.98 6.01 -7.96
C THR A 40 4.18 4.87 -8.94
N ARG A 41 3.65 3.71 -8.58
CA ARG A 41 3.76 2.51 -9.40
C ARG A 41 2.84 1.45 -8.82
N THR A 42 1.79 1.12 -9.55
CA THR A 42 0.84 0.13 -9.09
C THR A 42 1.31 -1.27 -9.35
N GLU A 43 1.22 -2.09 -8.32
CA GLU A 43 1.63 -3.47 -8.39
C GLU A 43 0.42 -4.35 -8.63
N GLU A 44 0.64 -5.46 -9.31
CA GLU A 44 -0.44 -6.40 -9.62
C GLU A 44 -0.96 -7.06 -8.34
N ILE A 45 -2.14 -6.63 -7.93
CA ILE A 45 -2.78 -7.17 -6.72
C ILE A 45 -3.96 -8.06 -7.09
N PRO A 46 -3.78 -9.39 -7.08
CA PRO A 46 -4.83 -10.35 -7.41
C PRO A 46 -5.73 -10.68 -6.21
N PHE A 47 -6.94 -11.14 -6.50
CA PHE A 47 -7.89 -11.48 -5.46
C PHE A 47 -7.71 -12.94 -5.02
N GLU A 48 -8.60 -13.42 -4.15
CA GLU A 48 -8.54 -14.78 -3.66
C GLU A 48 -9.92 -15.28 -3.26
N VAL A 49 -10.47 -16.20 -4.04
CA VAL A 49 -11.79 -16.77 -3.77
C VAL A 49 -11.77 -17.61 -2.49
N ILE A 50 -12.92 -17.72 -1.85
CA ILE A 50 -13.05 -18.50 -0.63
C ILE A 50 -14.14 -19.56 -0.76
N LYS A 51 -14.03 -20.62 0.04
CA LYS A 51 -15.01 -21.70 0.02
C LYS A 51 -15.90 -21.66 1.26
N LYS A 52 -17.10 -21.12 1.10
CA LYS A 52 -18.05 -21.02 2.20
C LYS A 52 -18.93 -22.26 2.28
N GLU A 53 -19.33 -22.62 3.50
CA GLU A 53 -20.17 -23.79 3.71
C GLU A 53 -21.59 -23.38 4.10
N ASN A 54 -22.51 -23.46 3.15
CA ASN A 54 -23.90 -23.09 3.38
C ASN A 54 -24.73 -24.31 3.77
N PRO A 55 -25.04 -24.48 5.07
CA PRO A 55 -25.84 -25.62 5.55
C PRO A 55 -27.27 -25.58 5.05
N ASN A 56 -27.76 -24.37 4.76
CA ASN A 56 -29.12 -24.20 4.27
C ASN A 56 -29.26 -24.74 2.85
N LEU A 57 -28.17 -24.66 2.08
CA LEU A 57 -28.17 -25.15 0.70
C LEU A 57 -28.41 -26.66 0.67
N PRO A 58 -28.77 -27.20 -0.51
CA PRO A 58 -29.03 -28.62 -0.68
C PRO A 58 -27.77 -29.43 -1.01
N ALA A 59 -26.64 -28.97 -0.49
CA ALA A 59 -25.36 -29.65 -0.72
C ALA A 59 -25.08 -29.77 -2.22
N GLY A 60 -24.15 -28.95 -2.71
CA GLY A 60 -23.80 -28.99 -4.12
C GLY A 60 -24.10 -27.69 -4.83
N GLN A 61 -25.05 -26.93 -4.31
CA GLN A 61 -25.43 -25.66 -4.91
C GLN A 61 -24.33 -24.61 -4.72
N GLU A 62 -24.01 -23.88 -5.77
CA GLU A 62 -22.98 -22.86 -5.72
C GLU A 62 -23.43 -21.60 -6.47
N ASN A 63 -23.32 -20.46 -5.81
CA ASN A 63 -23.72 -19.18 -6.40
C ASN A 63 -22.60 -18.16 -6.27
N ILE A 64 -22.50 -17.26 -7.25
CA ILE A 64 -21.48 -16.22 -7.24
C ILE A 64 -22.03 -14.91 -6.69
N ILE A 65 -22.00 -14.75 -5.38
CA ILE A 65 -22.49 -13.54 -4.74
C ILE A 65 -21.69 -12.33 -5.18
N THR A 66 -20.39 -12.53 -5.39
CA THR A 66 -19.50 -11.46 -5.81
C THR A 66 -18.19 -12.03 -6.35
N ALA A 67 -18.14 -12.28 -7.65
CA ALA A 67 -16.95 -12.84 -8.29
C ALA A 67 -15.70 -12.02 -7.95
N GLY A 68 -14.55 -12.68 -7.93
CA GLY A 68 -13.31 -12.01 -7.63
C GLY A 68 -12.64 -11.43 -8.86
N VAL A 69 -12.18 -10.19 -8.76
CA VAL A 69 -11.52 -9.53 -9.89
C VAL A 69 -10.22 -8.87 -9.45
N LYS A 70 -9.16 -9.10 -10.21
CA LYS A 70 -7.85 -8.53 -9.90
C LYS A 70 -7.92 -7.02 -9.80
N GLY A 71 -7.45 -6.48 -8.69
CA GLY A 71 -7.45 -5.05 -8.47
C GLY A 71 -6.10 -4.42 -8.75
N GLU A 72 -5.85 -3.25 -8.18
CA GLU A 72 -4.60 -2.57 -8.36
C GLU A 72 -4.41 -1.57 -7.25
N ARG A 73 -3.18 -1.30 -6.93
CA ARG A 73 -2.85 -0.36 -5.89
C ARG A 73 -1.63 0.40 -6.31
N THR A 74 -1.84 1.67 -6.61
CA THR A 74 -0.72 2.49 -7.05
C THR A 74 0.16 2.78 -5.87
N HIS A 75 1.41 2.38 -5.98
CA HIS A 75 2.34 2.54 -4.89
C HIS A 75 3.30 3.69 -5.09
N TYR A 76 3.25 4.60 -4.13
CA TYR A 76 4.05 5.80 -4.16
C TYR A 76 5.40 5.58 -3.49
N ILE A 77 6.44 5.53 -4.31
CA ILE A 77 7.79 5.32 -3.82
C ILE A 77 8.55 6.65 -3.71
N SER A 78 9.59 6.68 -2.91
CA SER A 78 10.40 7.88 -2.72
C SER A 78 11.82 7.67 -3.25
N VAL A 79 12.16 8.39 -4.31
CA VAL A 79 13.48 8.30 -4.91
C VAL A 79 14.49 9.13 -4.14
N LEU A 80 15.45 8.46 -3.50
CA LEU A 80 16.48 9.14 -2.73
C LEU A 80 17.86 8.95 -3.38
N THR A 81 18.37 10.02 -3.99
CA THR A 81 19.66 9.97 -4.65
C THR A 81 20.79 10.03 -3.62
N GLU A 82 21.41 8.87 -3.37
CA GLU A 82 22.51 8.80 -2.41
C GLU A 82 23.81 8.42 -3.11
N ASN A 83 24.73 9.38 -3.21
CA ASN A 83 26.01 9.15 -3.86
C ASN A 83 25.82 8.74 -5.31
N GLY A 84 24.82 9.31 -5.95
CA GLY A 84 24.55 9.00 -7.34
C GLY A 84 23.96 7.61 -7.52
N LYS A 85 22.95 7.29 -6.72
CA LYS A 85 22.30 5.98 -6.79
C LYS A 85 20.82 6.09 -6.43
N THR A 86 19.97 5.98 -7.43
CA THR A 86 18.52 6.06 -7.22
C THR A 86 17.97 4.75 -6.68
N THR A 87 17.28 4.82 -5.55
CA THR A 87 16.70 3.64 -4.93
C THR A 87 15.20 3.80 -4.74
N GLU A 88 14.47 2.69 -4.76
CA GLU A 88 13.02 2.71 -4.58
C GLU A 88 12.63 2.21 -3.20
N THR A 89 12.08 3.10 -2.39
CA THR A 89 11.67 2.75 -1.03
C THR A 89 10.19 3.05 -0.82
N VAL A 90 9.43 2.04 -0.44
CA VAL A 90 8.00 2.19 -0.20
C VAL A 90 7.74 3.26 0.87
N LEU A 91 6.86 4.20 0.56
CA LEU A 91 6.54 5.28 1.49
C LEU A 91 5.05 5.25 1.86
N ASP A 92 4.18 5.35 0.85
CA ASP A 92 2.75 5.35 1.08
C ASP A 92 1.98 5.14 -0.22
N SER A 93 0.91 4.36 -0.14
CA SER A 93 0.07 4.09 -1.31
C SER A 93 -1.40 4.02 -0.93
N GLN A 94 -2.24 4.41 -1.86
CA GLN A 94 -3.68 4.36 -1.68
C GLN A 94 -4.22 3.20 -2.49
N VAL A 95 -5.47 2.82 -2.27
CA VAL A 95 -6.02 1.70 -3.01
C VAL A 95 -6.57 2.22 -4.33
N THR A 96 -5.86 1.92 -5.41
CA THR A 96 -6.25 2.36 -6.73
C THR A 96 -6.64 1.16 -7.57
N LYS A 97 -7.89 0.74 -7.40
CA LYS A 97 -8.49 -0.39 -8.10
C LYS A 97 -8.61 -1.58 -7.16
N GLU A 98 -9.15 -1.32 -5.96
CA GLU A 98 -9.32 -2.36 -4.94
C GLU A 98 -9.62 -3.73 -5.55
N VAL A 99 -8.82 -4.73 -5.17
CA VAL A 99 -9.00 -6.07 -5.70
C VAL A 99 -10.25 -6.73 -5.11
N ILE A 100 -11.23 -6.95 -5.96
CA ILE A 100 -12.49 -7.57 -5.54
C ILE A 100 -12.29 -9.05 -5.24
N ASN A 101 -12.70 -9.46 -4.04
CA ASN A 101 -12.58 -10.85 -3.63
C ASN A 101 -13.78 -11.67 -4.08
N GLN A 102 -13.52 -12.83 -4.65
CA GLN A 102 -14.60 -13.71 -5.12
C GLN A 102 -15.41 -14.25 -3.95
N VAL A 103 -16.69 -14.51 -4.20
CA VAL A 103 -17.57 -15.04 -3.17
C VAL A 103 -18.40 -16.21 -3.69
N VAL A 104 -17.97 -17.43 -3.37
CA VAL A 104 -18.67 -18.63 -3.80
C VAL A 104 -19.16 -19.43 -2.61
N GLU A 105 -20.47 -19.40 -2.39
CA GLU A 105 -21.08 -20.14 -1.29
C GLU A 105 -21.57 -21.51 -1.74
N VAL A 106 -20.90 -22.56 -1.29
CA VAL A 106 -21.26 -23.92 -1.64
C VAL A 106 -21.95 -24.63 -0.49
N GLY A 107 -22.98 -25.42 -0.80
CA GLY A 107 -23.70 -26.14 0.23
C GLY A 107 -22.83 -27.15 0.96
N ALA A 108 -23.12 -27.36 2.23
CA ALA A 108 -22.35 -28.30 3.04
C ALA A 108 -22.95 -28.44 4.44
N PRO A 109 -23.99 -29.28 4.58
CA PRO A 109 -24.66 -29.50 5.86
C PRO A 109 -23.77 -30.26 6.85
N VAL A 110 -23.33 -29.57 7.90
CA VAL A 110 -22.48 -30.17 8.92
C VAL A 110 -23.04 -29.94 10.32
N THR A 111 -23.43 -28.69 10.58
CA THR A 111 -23.98 -28.34 11.88
C THR A 111 -25.06 -27.27 11.74
N HIS A 112 -25.75 -26.98 12.84
CA HIS A 112 -26.81 -25.98 12.84
C HIS A 112 -27.36 -25.77 14.25
N MET A 1 -20.30 32.20 -22.35
CA MET A 1 -20.66 31.23 -21.28
C MET A 1 -19.43 30.49 -20.76
N GLY A 2 -19.18 30.60 -19.45
CA GLY A 2 -18.05 29.94 -18.85
C GLY A 2 -17.92 30.22 -17.37
N SER A 3 -19.05 30.22 -16.67
CA SER A 3 -19.06 30.49 -15.24
C SER A 3 -18.41 29.34 -14.47
N SER A 4 -18.56 28.13 -14.99
CA SER A 4 -17.98 26.95 -14.35
C SER A 4 -16.74 26.47 -15.11
N HIS A 6 -15.57 26.88 -14.63
CA HIS A 6 -14.32 26.49 -15.26
C HIS A 6 -13.61 25.40 -14.45
N HIS A 7 -13.80 25.44 -13.14
CA HIS A 7 -13.19 24.46 -12.25
C HIS A 7 -11.67 24.52 -12.35
N HIS A 8 -10.99 24.03 -11.31
CA HIS A 8 -9.54 24.02 -11.28
C HIS A 8 -8.97 22.88 -12.13
N HIS A 9 -8.05 23.21 -13.02
CA HIS A 9 -7.44 22.21 -13.89
C HIS A 9 -6.19 21.61 -13.24
N HIS A 10 -6.35 20.42 -12.65
CA HIS A 10 -5.25 19.73 -12.00
C HIS A 10 -4.39 18.98 -13.01
N SER A 11 -4.92 17.86 -13.50
CA SER A 11 -4.20 17.04 -14.48
C SER A 11 -4.56 17.46 -15.90
N SER A 12 -3.55 17.54 -16.75
CA SER A 12 -3.75 17.93 -18.14
C SER A 12 -4.03 16.72 -19.02
N GLY A 13 -5.31 16.43 -19.23
CA GLY A 13 -5.69 15.28 -20.04
C GLY A 13 -6.91 14.55 -19.51
N LEU A 14 -6.84 13.24 -19.49
CA LEU A 14 -7.95 12.42 -19.00
C LEU A 14 -7.43 11.18 -18.28
N VAL A 15 -7.38 11.25 -16.94
CA VAL A 15 -6.91 10.14 -16.14
C VAL A 15 -8.07 9.45 -15.41
N PRO A 16 -7.95 8.14 -15.16
CA PRO A 16 -8.99 7.37 -14.47
C PRO A 16 -9.11 7.75 -12.99
N ARG A 17 -10.33 8.01 -12.56
CA ARG A 17 -10.58 8.39 -11.16
C ARG A 17 -12.07 8.55 -10.90
N GLY A 18 -12.74 9.27 -11.80
CA GLY A 18 -14.17 9.49 -11.65
C GLY A 18 -14.48 10.75 -10.89
N SER A 19 -15.67 10.81 -10.28
CA SER A 19 -16.09 11.98 -9.52
C SER A 19 -17.11 11.59 -8.46
N HIS A 20 -16.64 11.24 -7.27
CA HIS A 20 -17.51 10.85 -6.17
C HIS A 20 -16.82 11.06 -4.83
N MET A 21 -17.25 12.08 -4.10
CA MET A 21 -16.67 12.38 -2.79
C MET A 21 -17.20 11.43 -1.73
N SER A 22 -16.42 10.40 -1.42
CA SER A 22 -16.81 9.42 -0.42
C SER A 22 -15.67 9.14 0.55
N LEU A 23 -14.50 8.83 0.01
CA LEU A 23 -13.33 8.53 0.84
C LEU A 23 -12.47 9.79 1.01
N ASP A 24 -12.36 10.58 -0.05
CA ASP A 24 -11.57 11.80 -0.01
C ASP A 24 -11.68 12.56 -1.33
N GLU A 25 -10.92 13.65 -1.45
CA GLU A 25 -10.92 14.46 -2.65
C GLU A 25 -9.72 14.15 -3.53
N ASN A 26 -8.61 13.77 -2.89
CA ASN A 26 -7.38 13.45 -3.61
C ASN A 26 -6.89 14.65 -4.41
N GLU A 27 -5.82 15.27 -3.91
CA GLU A 27 -5.25 16.45 -4.58
C GLU A 27 -3.77 16.59 -4.24
N VAL A 28 -3.02 17.18 -5.16
CA VAL A 28 -1.58 17.38 -4.96
C VAL A 28 -1.17 18.80 -5.35
N ALA A 29 -1.34 19.74 -4.42
CA ALA A 29 -0.99 21.13 -4.66
C ALA A 29 -1.15 21.97 -3.40
N ALA A 30 -0.84 21.37 -2.25
CA ALA A 30 -0.95 22.06 -0.98
C ALA A 30 0.42 22.38 -0.40
N ASN A 31 1.39 22.62 -1.28
CA ASN A 31 2.75 22.94 -0.86
C ASN A 31 3.35 21.78 -0.05
N VAL A 32 4.15 20.97 -0.72
CA VAL A 32 4.79 19.83 -0.07
C VAL A 32 5.88 20.29 0.89
N GLU A 33 5.94 19.64 2.05
CA GLU A 33 6.94 19.99 3.06
C GLU A 33 7.65 18.73 3.58
N THR A 34 7.79 17.74 2.70
CA THR A 34 8.45 16.49 3.07
C THR A 34 8.82 15.69 1.83
N ARG A 35 9.98 15.04 1.88
CA ARG A 35 10.46 14.23 0.76
C ARG A 35 10.67 15.10 -0.48
N PRO A 36 11.54 14.66 -1.40
CA PRO A 36 11.83 15.41 -2.63
C PRO A 36 10.65 15.41 -3.60
N GLU A 37 10.06 14.23 -3.80
CA GLU A 37 8.92 14.09 -4.70
C GLU A 37 8.28 12.71 -4.57
N LEU A 38 6.98 12.67 -4.36
CA LEU A 38 6.26 11.42 -4.23
C LEU A 38 5.89 10.84 -5.59
N ILE A 39 6.34 9.61 -5.84
CA ILE A 39 6.06 8.93 -7.09
C ILE A 39 4.93 7.93 -6.91
N THR A 40 4.61 7.18 -7.96
CA THR A 40 3.52 6.20 -7.91
C THR A 40 3.71 5.13 -8.98
N ARG A 41 3.36 3.91 -8.62
CA ARG A 41 3.46 2.77 -9.51
C ARG A 41 2.60 1.63 -8.98
N THR A 42 1.49 1.37 -9.65
CA THR A 42 0.57 0.34 -9.21
C THR A 42 1.02 -1.03 -9.68
N GLU A 43 1.06 -1.94 -8.73
CA GLU A 43 1.46 -3.31 -9.00
C GLU A 43 0.23 -4.18 -9.16
N GLU A 44 0.33 -5.17 -10.03
CA GLU A 44 -0.79 -6.07 -10.29
C GLU A 44 -1.11 -6.92 -9.07
N ILE A 45 -2.08 -6.45 -8.27
CA ILE A 45 -2.49 -7.16 -7.07
C ILE A 45 -3.57 -8.19 -7.39
N PRO A 46 -3.24 -9.50 -7.30
CA PRO A 46 -4.18 -10.58 -7.59
C PRO A 46 -5.14 -10.84 -6.43
N PHE A 47 -6.32 -11.35 -6.76
CA PHE A 47 -7.34 -11.65 -5.75
C PHE A 47 -7.14 -13.05 -5.18
N GLU A 48 -8.03 -13.44 -4.27
CA GLU A 48 -7.94 -14.76 -3.64
C GLU A 48 -9.32 -15.38 -3.50
N VAL A 49 -9.55 -16.45 -4.27
CA VAL A 49 -10.84 -17.14 -4.24
C VAL A 49 -11.06 -17.83 -2.89
N ILE A 50 -12.30 -17.80 -2.42
CA ILE A 50 -12.65 -18.43 -1.14
C ILE A 50 -13.87 -19.33 -1.29
N LYS A 51 -14.00 -20.30 -0.38
CA LYS A 51 -15.12 -21.22 -0.41
C LYS A 51 -15.74 -21.35 0.98
N LYS A 52 -16.86 -20.66 1.20
CA LYS A 52 -17.55 -20.71 2.47
C LYS A 52 -18.66 -21.76 2.46
N GLU A 53 -19.26 -22.00 3.62
CA GLU A 53 -20.33 -22.97 3.74
C GLU A 53 -21.65 -22.28 4.06
N ASN A 54 -22.73 -22.76 3.44
CA ASN A 54 -24.05 -22.18 3.65
C ASN A 54 -25.11 -23.28 3.76
N PRO A 55 -25.67 -23.48 4.96
CA PRO A 55 -26.69 -24.51 5.19
C PRO A 55 -28.01 -24.19 4.47
N ASN A 56 -28.25 -22.91 4.24
CA ASN A 56 -29.47 -22.47 3.56
C ASN A 56 -29.56 -23.08 2.17
N LEU A 57 -28.41 -23.29 1.54
CA LEU A 57 -28.37 -23.87 0.19
C LEU A 57 -28.87 -25.30 0.21
N PRO A 58 -29.18 -25.86 -0.97
CA PRO A 58 -29.68 -27.23 -1.10
C PRO A 58 -28.55 -28.26 -1.20
N ALA A 59 -27.44 -27.99 -0.54
CA ALA A 59 -26.29 -28.90 -0.55
C ALA A 59 -25.73 -29.06 -1.96
N GLY A 60 -24.41 -29.15 -2.06
CA GLY A 60 -23.77 -29.31 -3.35
C GLY A 60 -24.10 -28.17 -4.30
N GLN A 61 -24.38 -27.00 -3.74
CA GLN A 61 -24.71 -25.83 -4.55
C GLN A 61 -23.58 -24.81 -4.51
N GLU A 62 -23.32 -24.17 -5.66
CA GLU A 62 -22.27 -23.17 -5.75
C GLU A 62 -22.74 -21.95 -6.54
N ASN A 63 -22.64 -20.77 -5.92
CA ASN A 63 -23.06 -19.53 -6.57
C ASN A 63 -21.97 -18.47 -6.46
N ILE A 64 -21.81 -17.69 -7.52
CA ILE A 64 -20.80 -16.64 -7.55
C ILE A 64 -21.40 -15.30 -7.13
N ILE A 65 -21.26 -14.98 -5.85
CA ILE A 65 -21.78 -13.73 -5.31
C ILE A 65 -20.92 -12.55 -5.75
N THR A 66 -19.62 -12.80 -5.89
CA THR A 66 -18.68 -11.77 -6.30
C THR A 66 -17.36 -12.39 -6.76
N ALA A 67 -17.31 -12.80 -8.02
CA ALA A 67 -16.11 -13.43 -8.57
C ALA A 67 -14.87 -12.57 -8.32
N GLY A 68 -13.81 -13.22 -7.84
CA GLY A 68 -12.57 -12.51 -7.57
C GLY A 68 -12.01 -11.83 -8.80
N VAL A 69 -11.65 -10.56 -8.66
CA VAL A 69 -11.10 -9.79 -9.77
C VAL A 69 -9.82 -9.07 -9.36
N LYS A 70 -8.81 -9.14 -10.23
CA LYS A 70 -7.53 -8.49 -9.96
C LYS A 70 -7.69 -6.98 -9.83
N GLY A 71 -7.39 -6.47 -8.64
CA GLY A 71 -7.51 -5.04 -8.40
C GLY A 71 -6.24 -4.30 -8.76
N GLU A 72 -5.95 -3.21 -8.05
CA GLU A 72 -4.75 -2.46 -8.30
C GLU A 72 -4.50 -1.54 -7.12
N ARG A 73 -3.24 -1.33 -6.84
CA ARG A 73 -2.84 -0.47 -5.75
C ARG A 73 -1.67 0.33 -6.21
N THR A 74 -1.90 1.62 -6.36
CA THR A 74 -0.84 2.49 -6.83
C THR A 74 0.14 2.68 -5.70
N HIS A 75 1.39 2.38 -5.98
CA HIS A 75 2.42 2.45 -4.96
C HIS A 75 3.33 3.65 -5.13
N TYR A 76 3.30 4.48 -4.09
CA TYR A 76 4.06 5.71 -4.07
C TYR A 76 5.44 5.51 -3.46
N ILE A 77 6.43 5.37 -4.34
CA ILE A 77 7.81 5.16 -3.93
C ILE A 77 8.52 6.49 -3.69
N SER A 78 9.39 6.52 -2.69
CA SER A 78 10.14 7.72 -2.36
C SER A 78 11.46 7.77 -3.13
N VAL A 79 11.65 8.83 -3.92
CA VAL A 79 12.86 8.99 -4.71
C VAL A 79 14.00 9.54 -3.86
N LEU A 80 14.86 8.64 -3.39
CA LEU A 80 16.00 9.04 -2.57
C LEU A 80 17.31 8.82 -3.31
N THR A 81 18.13 9.87 -3.39
CA THR A 81 19.41 9.79 -4.07
C THR A 81 20.52 9.35 -3.11
N GLU A 82 21.14 8.22 -3.42
CA GLU A 82 22.21 7.69 -2.59
C GLU A 82 23.50 7.54 -3.38
N ASN A 83 24.36 8.54 -3.30
CA ASN A 83 25.64 8.51 -4.02
C ASN A 83 25.41 8.42 -5.52
N GLY A 84 24.36 9.08 -6.00
CA GLY A 84 24.05 9.05 -7.42
C GLY A 84 23.19 7.87 -7.80
N LYS A 85 22.39 7.40 -6.86
CA LYS A 85 21.51 6.26 -7.11
C LYS A 85 20.08 6.55 -6.64
N THR A 86 19.13 6.36 -7.53
CA THR A 86 17.73 6.61 -7.21
C THR A 86 17.10 5.39 -6.54
N THR A 87 16.94 5.46 -5.22
CA THR A 87 16.35 4.36 -4.46
C THR A 87 14.87 4.22 -4.78
N GLU A 88 14.44 2.97 -4.97
CA GLU A 88 13.05 2.69 -5.29
C GLU A 88 12.38 1.88 -4.18
N THR A 89 11.90 2.57 -3.15
CA THR A 89 11.25 1.91 -2.03
C THR A 89 9.93 2.60 -1.68
N VAL A 90 8.88 1.81 -1.55
CA VAL A 90 7.56 2.34 -1.22
C VAL A 90 7.38 2.49 0.28
N LEU A 91 6.76 3.59 0.70
CA LEU A 91 6.54 3.85 2.12
C LEU A 91 5.09 4.25 2.41
N ASP A 92 4.24 4.26 1.38
CA ASP A 92 2.85 4.64 1.56
C ASP A 92 2.07 4.58 0.25
N SER A 93 1.06 3.71 0.20
CA SER A 93 0.23 3.58 -0.98
C SER A 93 -1.22 3.31 -0.58
N GLN A 94 -2.13 4.01 -1.23
CA GLN A 94 -3.54 3.85 -0.99
C GLN A 94 -4.07 2.78 -1.92
N VAL A 95 -5.27 2.29 -1.68
CA VAL A 95 -5.82 1.25 -2.53
C VAL A 95 -6.50 1.87 -3.74
N THR A 96 -5.85 1.72 -4.89
CA THR A 96 -6.38 2.27 -6.13
C THR A 96 -6.81 1.16 -7.05
N LYS A 97 -8.04 0.68 -6.80
CA LYS A 97 -8.66 -0.40 -7.56
C LYS A 97 -8.61 -1.69 -6.74
N GLU A 98 -8.86 -1.56 -5.44
CA GLU A 98 -8.85 -2.69 -4.50
C GLU A 98 -9.22 -4.00 -5.19
N VAL A 99 -8.40 -5.03 -4.97
CA VAL A 99 -8.63 -6.33 -5.56
C VAL A 99 -9.82 -7.03 -4.90
N ILE A 100 -10.77 -7.45 -5.73
CA ILE A 100 -11.96 -8.13 -5.25
C ILE A 100 -11.73 -9.64 -5.15
N ASN A 101 -12.06 -10.21 -4.00
CA ASN A 101 -11.89 -11.65 -3.79
C ASN A 101 -13.15 -12.40 -4.16
N GLN A 102 -12.99 -13.62 -4.66
CA GLN A 102 -14.13 -14.44 -5.05
C GLN A 102 -15.03 -14.72 -3.85
N VAL A 103 -16.34 -14.68 -4.09
CA VAL A 103 -17.32 -14.92 -3.03
C VAL A 103 -18.32 -15.98 -3.45
N VAL A 104 -18.11 -17.21 -2.99
CA VAL A 104 -19.00 -18.32 -3.32
C VAL A 104 -19.36 -19.12 -2.07
N GLU A 105 -20.63 -19.48 -1.97
CA GLU A 105 -21.10 -20.26 -0.82
C GLU A 105 -21.32 -21.72 -1.21
N VAL A 106 -20.81 -22.64 -0.39
CA VAL A 106 -20.96 -24.06 -0.65
C VAL A 106 -22.02 -24.68 0.25
N GLY A 107 -23.05 -25.26 -0.36
CA GLY A 107 -24.12 -25.87 0.42
C GLY A 107 -23.67 -27.13 1.12
N ALA A 108 -23.75 -27.13 2.44
CA ALA A 108 -23.35 -28.29 3.24
C ALA A 108 -24.47 -28.73 4.17
N PRO A 109 -24.49 -30.02 4.55
CA PRO A 109 -25.51 -30.57 5.44
C PRO A 109 -25.36 -30.06 6.87
N VAL A 110 -26.09 -30.68 7.80
CA VAL A 110 -26.04 -30.28 9.20
C VAL A 110 -24.63 -30.46 9.77
N THR A 111 -24.13 -29.43 10.44
CA THR A 111 -22.80 -29.48 11.03
C THR A 111 -22.78 -28.77 12.38
N HIS A 112 -22.05 -29.35 13.33
CA HIS A 112 -21.95 -28.77 14.67
C HIS A 112 -20.90 -29.50 15.50
N MET A 1 -19.16 30.10 20.11
CA MET A 1 -20.60 29.76 19.99
C MET A 1 -20.99 28.64 20.96
N GLY A 2 -20.49 27.45 20.70
CA GLY A 2 -20.79 26.31 21.56
C GLY A 2 -19.94 25.10 21.25
N SER A 3 -18.67 25.15 21.62
CA SER A 3 -17.75 24.04 21.37
C SER A 3 -16.96 23.70 22.62
N SER A 4 -17.17 22.49 23.13
CA SER A 4 -16.48 22.03 24.33
C SER A 4 -16.84 20.57 24.65
N HIS A 6 -18.11 20.23 24.48
CA HIS A 6 -18.58 18.88 24.73
C HIS A 6 -19.20 18.27 23.49
N HIS A 7 -18.43 17.45 22.79
CA HIS A 7 -18.90 16.80 21.57
C HIS A 7 -19.16 15.31 21.82
N HIS A 8 -18.07 14.54 21.90
CA HIS A 8 -18.17 13.10 22.12
C HIS A 8 -16.87 12.56 22.71
N HIS A 9 -16.18 13.40 23.47
CA HIS A 9 -14.91 13.00 24.10
C HIS A 9 -13.91 12.56 23.05
N HIS A 10 -13.98 13.16 21.86
CA HIS A 10 -13.07 12.83 20.77
C HIS A 10 -11.66 13.31 21.09
N SER A 11 -10.91 12.51 21.84
CA SER A 11 -9.55 12.86 22.21
C SER A 11 -9.51 14.16 23.01
N SER A 12 -8.37 14.43 23.63
CA SER A 12 -8.21 15.65 24.42
C SER A 12 -7.00 16.45 23.96
N GLY A 13 -7.20 17.27 22.94
CA GLY A 13 -6.11 18.08 22.40
C GLY A 13 -6.21 19.53 22.83
N LEU A 14 -6.09 19.77 24.14
CA LEU A 14 -6.17 21.13 24.67
C LEU A 14 -4.82 21.83 24.56
N VAL A 15 -4.53 22.36 23.37
CA VAL A 15 -3.28 23.06 23.13
C VAL A 15 -3.13 24.26 24.08
N PRO A 16 -1.93 24.45 24.67
CA PRO A 16 -1.67 25.56 25.58
C PRO A 16 -1.63 26.91 24.87
N ARG A 17 -2.05 27.96 25.57
CA ARG A 17 -2.06 29.30 25.00
C ARG A 17 -0.65 29.83 24.82
N GLY A 18 0.26 29.40 25.71
CA GLY A 18 1.63 29.85 25.64
C GLY A 18 2.61 28.69 25.59
N SER A 19 3.72 28.82 26.32
CA SER A 19 4.74 27.78 26.36
C SER A 19 4.70 27.03 27.68
N HIS A 20 5.33 25.85 27.71
CA HIS A 20 5.37 25.05 28.92
C HIS A 20 6.27 25.69 29.97
N MET A 21 6.50 24.97 31.07
CA MET A 21 7.34 25.47 32.15
C MET A 21 8.41 24.44 32.51
N SER A 22 7.97 23.30 33.04
CA SER A 22 8.90 22.24 33.43
C SER A 22 9.30 21.39 32.23
N LEU A 23 8.31 20.89 31.51
CA LEU A 23 8.56 20.06 30.33
C LEU A 23 9.34 20.84 29.28
N ASP A 24 8.69 21.81 28.65
CA ASP A 24 9.32 22.63 27.63
C ASP A 24 9.76 21.78 26.44
N GLU A 25 9.85 22.40 25.27
CA GLU A 25 10.26 21.70 24.07
C GLU A 25 10.35 22.65 22.88
N ASN A 26 11.51 23.30 22.74
CA ASN A 26 11.72 24.25 21.66
C ASN A 26 12.63 23.64 20.59
N GLU A 27 12.06 22.81 19.73
CA GLU A 27 12.83 22.17 18.67
C GLU A 27 12.49 22.79 17.32
N VAL A 28 13.27 22.44 16.30
CA VAL A 28 13.06 22.95 14.95
C VAL A 28 11.75 22.44 14.37
N ALA A 29 10.83 23.36 14.11
CA ALA A 29 9.53 23.00 13.54
C ALA A 29 9.62 22.79 12.04
N ALA A 30 9.50 21.54 11.62
CA ALA A 30 9.57 21.19 10.20
C ALA A 30 8.40 20.32 9.78
N ASN A 31 7.31 20.95 9.38
CA ASN A 31 6.11 20.23 8.96
C ASN A 31 5.56 20.80 7.66
N VAL A 32 6.44 21.32 6.82
CA VAL A 32 6.03 21.91 5.55
C VAL A 32 5.84 20.83 4.48
N GLU A 33 6.62 19.75 4.59
CA GLU A 33 6.53 18.65 3.64
C GLU A 33 6.96 17.34 4.29
N THR A 34 6.84 16.25 3.54
CA THR A 34 7.20 14.93 4.04
C THR A 34 8.36 14.35 3.24
N ARG A 35 8.32 14.55 1.92
CA ARG A 35 9.37 14.04 1.04
C ARG A 35 9.57 14.97 -0.15
N PRO A 36 10.74 14.87 -0.81
CA PRO A 36 11.06 15.72 -1.97
C PRO A 36 10.10 15.50 -3.13
N GLU A 37 9.77 14.24 -3.41
CA GLU A 37 8.86 13.91 -4.49
C GLU A 37 8.36 12.47 -4.35
N LEU A 38 7.04 12.32 -4.30
CA LEU A 38 6.43 11.00 -4.17
C LEU A 38 6.05 10.43 -5.53
N ILE A 39 6.55 9.25 -5.84
CA ILE A 39 6.25 8.58 -7.10
C ILE A 39 5.19 7.51 -6.87
N THR A 40 4.83 6.77 -7.91
CA THR A 40 3.82 5.74 -7.80
C THR A 40 3.96 4.68 -8.88
N ARG A 41 3.45 3.49 -8.56
CA ARG A 41 3.49 2.34 -9.45
C ARG A 41 2.63 1.24 -8.83
N THR A 42 1.60 0.81 -9.53
CA THR A 42 0.70 -0.19 -8.98
C THR A 42 1.22 -1.60 -9.13
N GLU A 43 1.00 -2.37 -8.08
CA GLU A 43 1.43 -3.75 -8.02
C GLU A 43 0.26 -4.67 -8.36
N GLU A 44 0.55 -5.70 -9.13
CA GLU A 44 -0.47 -6.66 -9.52
C GLU A 44 -0.96 -7.43 -8.30
N ILE A 45 -2.01 -6.92 -7.67
CA ILE A 45 -2.58 -7.54 -6.49
C ILE A 45 -3.78 -8.43 -6.85
N PRO A 46 -3.59 -9.76 -6.84
CA PRO A 46 -4.63 -10.71 -7.19
C PRO A 46 -5.55 -11.05 -6.01
N PHE A 47 -6.73 -11.57 -6.33
CA PHE A 47 -7.71 -11.95 -5.32
C PHE A 47 -7.49 -13.38 -4.84
N GLU A 48 -8.41 -13.86 -4.01
CA GLU A 48 -8.31 -15.21 -3.48
C GLU A 48 -9.69 -15.76 -3.14
N VAL A 49 -10.14 -16.74 -3.92
CA VAL A 49 -11.45 -17.35 -3.70
C VAL A 49 -11.49 -18.13 -2.40
N ILE A 50 -12.67 -18.15 -1.77
CA ILE A 50 -12.85 -18.85 -0.51
C ILE A 50 -13.97 -19.89 -0.61
N LYS A 51 -13.92 -20.90 0.25
CA LYS A 51 -14.93 -21.94 0.27
C LYS A 51 -15.58 -22.05 1.65
N LYS A 52 -16.78 -21.48 1.77
CA LYS A 52 -17.51 -21.51 3.03
C LYS A 52 -18.69 -22.47 2.96
N GLU A 53 -19.21 -22.85 4.12
CA GLU A 53 -20.34 -23.77 4.18
C GLU A 53 -21.66 -23.01 4.28
N ASN A 54 -22.48 -23.13 3.24
CA ASN A 54 -23.78 -22.45 3.20
C ASN A 54 -24.91 -23.42 3.55
N PRO A 55 -25.34 -23.44 4.83
CA PRO A 55 -26.42 -24.32 5.28
C PRO A 55 -27.76 -23.97 4.64
N ASN A 56 -27.92 -22.71 4.27
CA ASN A 56 -29.16 -22.25 3.64
C ASN A 56 -29.35 -22.89 2.27
N LEU A 57 -28.23 -23.17 1.59
CA LEU A 57 -28.27 -23.78 0.27
C LEU A 57 -28.63 -25.26 0.36
N PRO A 58 -29.04 -25.87 -0.77
CA PRO A 58 -29.42 -27.28 -0.81
C PRO A 58 -28.23 -28.21 -1.05
N ALA A 59 -27.06 -27.81 -0.56
CA ALA A 59 -25.86 -28.62 -0.71
C ALA A 59 -25.49 -28.79 -2.19
N GLY A 60 -24.29 -28.36 -2.55
CA GLY A 60 -23.84 -28.48 -3.92
C GLY A 60 -24.05 -27.20 -4.71
N GLN A 61 -25.03 -26.41 -4.30
CA GLN A 61 -25.34 -25.16 -4.98
C GLN A 61 -24.20 -24.15 -4.81
N GLU A 62 -23.85 -23.48 -5.90
CA GLU A 62 -22.78 -22.49 -5.87
C GLU A 62 -23.24 -21.18 -6.49
N ASN A 63 -23.31 -20.14 -5.67
CA ASN A 63 -23.73 -18.82 -6.13
C ASN A 63 -22.56 -17.84 -6.16
N ILE A 64 -22.39 -17.16 -7.28
CA ILE A 64 -21.31 -16.19 -7.43
C ILE A 64 -21.77 -14.79 -7.04
N ILE A 65 -21.68 -14.48 -5.76
CA ILE A 65 -22.09 -13.17 -5.25
C ILE A 65 -21.18 -12.08 -5.80
N THR A 66 -19.88 -12.34 -5.79
CA THR A 66 -18.90 -11.39 -6.29
C THR A 66 -17.66 -12.11 -6.82
N ALA A 67 -17.64 -12.38 -8.12
CA ALA A 67 -16.51 -13.08 -8.74
C ALA A 67 -15.19 -12.42 -8.39
N GLY A 68 -14.16 -13.25 -8.23
CA GLY A 68 -12.84 -12.73 -7.89
C GLY A 68 -12.13 -12.13 -9.09
N VAL A 69 -11.66 -10.89 -8.94
CA VAL A 69 -10.96 -10.21 -10.02
C VAL A 69 -9.72 -9.49 -9.49
N LYS A 70 -8.58 -9.79 -10.11
CA LYS A 70 -7.32 -9.18 -9.70
C LYS A 70 -7.35 -7.67 -9.86
N GLY A 71 -7.29 -6.96 -8.74
CA GLY A 71 -7.30 -5.51 -8.77
C GLY A 71 -5.95 -4.95 -9.13
N GLU A 72 -5.60 -3.80 -8.56
CA GLU A 72 -4.32 -3.18 -8.83
C GLU A 72 -4.20 -1.93 -8.00
N ARG A 73 -3.34 -1.97 -7.02
CA ARG A 73 -3.17 -0.81 -6.16
C ARG A 73 -1.91 -0.08 -6.52
N THR A 74 -2.01 1.23 -6.52
CA THR A 74 -0.88 2.06 -6.86
C THR A 74 0.09 2.10 -5.71
N HIS A 75 1.37 2.06 -6.01
CA HIS A 75 2.39 2.07 -4.99
C HIS A 75 3.30 3.27 -5.09
N TYR A 76 3.27 4.07 -4.03
CA TYR A 76 4.03 5.29 -3.97
C TYR A 76 5.40 5.06 -3.36
N ILE A 77 6.44 5.33 -4.14
CA ILE A 77 7.81 5.14 -3.70
C ILE A 77 8.50 6.49 -3.47
N SER A 78 9.58 6.47 -2.70
CA SER A 78 10.33 7.68 -2.41
C SER A 78 11.59 7.77 -3.27
N VAL A 79 11.77 8.89 -3.95
CA VAL A 79 12.92 9.10 -4.81
C VAL A 79 13.98 9.93 -4.11
N LEU A 80 14.98 9.27 -3.54
CA LEU A 80 16.06 9.96 -2.83
C LEU A 80 17.38 9.81 -3.58
N THR A 81 17.88 10.92 -4.13
CA THR A 81 19.13 10.91 -4.86
C THR A 81 20.32 10.96 -3.91
N GLU A 82 20.88 9.79 -3.62
CA GLU A 82 22.03 9.69 -2.72
C GLU A 82 23.26 9.21 -3.47
N ASN A 83 24.32 10.01 -3.43
CA ASN A 83 25.57 9.67 -4.11
C ASN A 83 25.35 9.51 -5.60
N GLY A 84 24.46 10.33 -6.16
CA GLY A 84 24.17 10.27 -7.58
C GLY A 84 23.43 9.01 -7.97
N LYS A 85 22.45 8.62 -7.16
CA LYS A 85 21.66 7.43 -7.43
C LYS A 85 20.30 7.51 -6.75
N THR A 86 19.27 7.02 -7.45
CA THR A 86 17.91 7.04 -6.92
C THR A 86 17.50 5.66 -6.43
N THR A 87 17.31 5.53 -5.12
CA THR A 87 16.92 4.26 -4.53
C THR A 87 15.41 4.19 -4.36
N GLU A 88 14.79 3.17 -4.95
CA GLU A 88 13.35 3.00 -4.85
C GLU A 88 12.98 2.21 -3.60
N THR A 89 12.76 2.93 -2.50
CA THR A 89 12.40 2.30 -1.23
C THR A 89 10.91 2.47 -0.95
N VAL A 90 10.27 1.37 -0.56
CA VAL A 90 8.84 1.40 -0.27
C VAL A 90 8.50 2.50 0.75
N LEU A 91 7.57 3.37 0.38
CA LEU A 91 7.18 4.47 1.25
C LEU A 91 5.76 4.26 1.76
N ASP A 92 4.78 4.34 0.86
CA ASP A 92 3.38 4.17 1.23
C ASP A 92 2.50 4.06 -0.01
N SER A 93 1.47 3.23 0.08
CA SER A 93 0.52 3.03 -1.01
C SER A 93 -0.88 2.82 -0.48
N GLN A 94 -1.84 2.93 -1.38
CA GLN A 94 -3.24 2.76 -1.05
C GLN A 94 -3.84 1.77 -2.04
N VAL A 95 -5.04 1.28 -1.76
CA VAL A 95 -5.66 0.34 -2.66
C VAL A 95 -6.41 1.13 -3.72
N THR A 96 -5.86 1.14 -4.94
CA THR A 96 -6.48 1.88 -6.02
C THR A 96 -6.90 0.93 -7.14
N LYS A 97 -8.06 0.31 -6.92
CA LYS A 97 -8.66 -0.62 -7.86
C LYS A 97 -9.48 -1.66 -7.09
N GLU A 98 -9.02 -1.96 -5.88
CA GLU A 98 -9.70 -2.93 -5.03
C GLU A 98 -9.77 -4.29 -5.71
N VAL A 99 -8.98 -5.24 -5.24
CA VAL A 99 -8.98 -6.58 -5.81
C VAL A 99 -10.27 -7.30 -5.44
N ILE A 100 -11.12 -7.50 -6.43
CA ILE A 100 -12.40 -8.17 -6.20
C ILE A 100 -12.18 -9.61 -5.76
N ASN A 101 -12.74 -9.96 -4.60
CA ASN A 101 -12.60 -11.31 -4.07
C ASN A 101 -13.77 -12.19 -4.52
N GLN A 102 -13.44 -13.41 -4.93
CA GLN A 102 -14.46 -14.35 -5.39
C GLN A 102 -15.34 -14.80 -4.24
N VAL A 103 -16.52 -14.19 -4.11
CA VAL A 103 -17.46 -14.53 -3.05
C VAL A 103 -18.42 -15.63 -3.51
N VAL A 104 -18.14 -16.87 -3.11
CA VAL A 104 -18.98 -17.99 -3.48
C VAL A 104 -19.37 -18.81 -2.25
N GLU A 105 -20.67 -19.03 -2.09
CA GLU A 105 -21.18 -19.80 -0.95
C GLU A 105 -21.69 -21.17 -1.40
N VAL A 106 -20.95 -22.21 -1.06
CA VAL A 106 -21.32 -23.57 -1.42
C VAL A 106 -22.21 -24.20 -0.36
N GLY A 107 -23.19 -24.98 -0.81
CA GLY A 107 -24.11 -25.64 0.12
C GLY A 107 -23.40 -26.66 0.99
N ALA A 108 -23.81 -26.74 2.25
CA ALA A 108 -23.22 -27.68 3.19
C ALA A 108 -23.93 -27.64 4.54
N PRO A 109 -25.01 -28.43 4.70
CA PRO A 109 -25.78 -28.48 5.94
C PRO A 109 -25.00 -29.15 7.08
N VAL A 110 -24.57 -28.34 8.04
CA VAL A 110 -23.83 -28.86 9.19
C VAL A 110 -24.76 -29.46 10.23
N THR A 111 -24.17 -30.15 11.21
CA THR A 111 -24.95 -30.78 12.27
C THR A 111 -24.10 -31.01 13.51
N HIS A 112 -23.92 -29.96 14.30
CA HIS A 112 -23.12 -30.04 15.52
C HIS A 112 -23.20 -28.74 16.31
N MET A 1 1.05 45.52 41.54
CA MET A 1 0.98 45.51 40.05
C MET A 1 -0.14 44.58 39.56
N GLY A 2 0.09 43.28 39.66
CA GLY A 2 -0.90 42.32 39.22
C GLY A 2 -0.27 41.02 38.74
N SER A 3 0.70 40.51 39.49
CA SER A 3 1.38 39.27 39.14
C SER A 3 2.23 38.78 40.29
N SER A 4 2.19 37.47 40.53
CA SER A 4 2.97 36.86 41.61
C SER A 4 4.31 36.35 41.09
N HIS A 6 4.27 35.23 40.38
CA HIS A 6 5.49 34.64 39.83
C HIS A 6 6.47 34.29 40.94
N HIS A 7 5.96 33.69 42.01
CA HIS A 7 6.80 33.30 43.14
C HIS A 7 7.90 32.32 42.70
N HIS A 8 7.50 31.07 42.46
CA HIS A 8 8.44 30.04 42.03
C HIS A 8 9.54 29.85 43.07
N HIS A 9 9.22 29.11 44.13
CA HIS A 9 10.18 28.84 45.20
C HIS A 9 10.55 27.36 45.25
N HIS A 10 10.63 26.75 44.07
CA HIS A 10 10.98 25.34 43.98
C HIS A 10 12.38 25.16 43.41
N SER A 11 13.09 24.15 43.91
CA SER A 11 14.45 23.87 43.46
C SER A 11 14.47 23.56 41.96
N SER A 12 14.58 24.60 41.15
CA SER A 12 14.61 24.44 39.69
C SER A 12 15.77 25.24 39.09
N GLY A 13 16.64 24.55 38.36
CA GLY A 13 17.77 25.21 37.74
C GLY A 13 18.68 24.23 37.03
N LEU A 14 18.09 23.36 36.20
CA LEU A 14 18.87 22.37 35.46
C LEU A 14 19.17 22.87 34.05
N VAL A 15 18.23 23.63 33.48
CA VAL A 15 18.40 24.16 32.14
C VAL A 15 17.20 25.01 31.73
N PRO A 16 17.23 26.33 32.06
CA PRO A 16 16.14 27.24 31.72
C PRO A 16 16.04 27.51 30.23
N ARG A 17 14.80 27.60 29.72
CA ARG A 17 14.57 27.85 28.31
C ARG A 17 15.01 26.66 27.46
N GLY A 18 16.31 26.43 27.38
CA GLY A 18 16.83 25.32 26.61
C GLY A 18 16.40 25.39 25.15
N SER A 19 16.68 26.52 24.50
CA SER A 19 16.32 26.70 23.09
C SER A 19 14.81 26.60 22.91
N HIS A 20 14.06 27.20 23.82
CA HIS A 20 12.61 27.18 23.76
C HIS A 20 12.08 25.75 23.84
N MET A 21 12.52 25.02 24.86
CA MET A 21 12.08 23.64 25.05
C MET A 21 12.49 22.78 23.86
N SER A 22 12.21 21.48 23.94
CA SER A 22 12.53 20.55 22.87
C SER A 22 11.30 19.76 22.44
N LEU A 23 11.28 19.35 21.18
CA LEU A 23 10.17 18.58 20.65
C LEU A 23 8.87 19.37 20.74
N ASP A 24 8.98 20.69 20.62
CA ASP A 24 7.81 21.56 20.68
C ASP A 24 8.18 22.99 20.28
N GLU A 25 7.45 23.53 19.32
CA GLU A 25 7.68 24.90 18.85
C GLU A 25 6.53 25.39 18.00
N ASN A 26 6.33 26.71 18.00
CA ASN A 26 5.25 27.31 17.22
C ASN A 26 5.45 27.07 15.73
N GLU A 27 6.55 27.60 15.19
CA GLU A 27 6.87 27.44 13.78
C GLU A 27 8.21 28.08 13.45
N VAL A 28 9.27 27.29 13.57
CA VAL A 28 10.61 27.78 13.28
C VAL A 28 10.81 28.01 11.79
N ALA A 29 10.35 27.06 10.98
CA ALA A 29 10.47 27.17 9.53
C ALA A 29 9.81 25.98 8.83
N ALA A 30 10.41 24.80 8.98
CA ALA A 30 9.88 23.59 8.37
C ALA A 30 10.63 22.36 8.86
N ASN A 31 11.95 22.48 8.97
CA ASN A 31 12.78 21.36 9.43
C ASN A 31 12.64 20.16 8.50
N VAL A 32 13.26 20.24 7.33
CA VAL A 32 13.21 19.16 6.36
C VAL A 32 14.55 18.99 5.64
N GLU A 33 15.10 20.11 5.18
CA GLU A 33 16.39 20.08 4.48
C GLU A 33 16.26 19.38 3.14
N THR A 34 16.12 18.06 3.17
CA THR A 34 15.99 17.26 1.95
C THR A 34 15.08 16.07 2.18
N ARG A 35 14.06 15.93 1.34
CA ARG A 35 13.12 14.82 1.45
C ARG A 35 12.68 14.34 0.06
N PRO A 36 12.56 13.01 -0.12
CA PRO A 36 12.15 12.43 -1.40
C PRO A 36 10.69 12.76 -1.75
N GLU A 37 10.40 12.82 -3.04
CA GLU A 37 9.04 13.13 -3.50
C GLU A 37 8.17 11.87 -3.46
N LEU A 38 6.92 12.02 -3.88
CA LEU A 38 5.98 10.90 -3.88
C LEU A 38 5.77 10.37 -5.31
N ILE A 39 6.22 9.15 -5.54
CA ILE A 39 6.09 8.51 -6.85
C ILE A 39 4.92 7.53 -6.82
N THR A 40 4.70 6.82 -7.93
CA THR A 40 3.60 5.87 -8.03
C THR A 40 3.93 4.77 -9.03
N ARG A 41 3.56 3.55 -8.66
CA ARG A 41 3.79 2.39 -9.50
C ARG A 41 2.82 1.29 -9.10
N THR A 42 1.79 1.09 -9.89
CA THR A 42 0.78 0.10 -9.58
C THR A 42 1.22 -1.29 -10.01
N GLU A 43 1.12 -2.21 -9.08
CA GLU A 43 1.49 -3.60 -9.31
C GLU A 43 0.25 -4.42 -9.63
N GLU A 44 0.41 -5.38 -10.52
CA GLU A 44 -0.70 -6.24 -10.92
C GLU A 44 -1.14 -7.12 -9.75
N ILE A 45 -2.11 -6.63 -8.98
CA ILE A 45 -2.62 -7.37 -7.84
C ILE A 45 -3.75 -8.32 -8.25
N PRO A 46 -3.51 -9.64 -8.22
CA PRO A 46 -4.51 -10.64 -8.60
C PRO A 46 -5.43 -11.01 -7.44
N PHE A 47 -6.64 -11.45 -7.78
CA PHE A 47 -7.62 -11.85 -6.77
C PHE A 47 -7.43 -13.32 -6.39
N GLU A 48 -8.35 -13.83 -5.57
CA GLU A 48 -8.29 -15.21 -5.13
C GLU A 48 -9.66 -15.69 -4.64
N VAL A 49 -10.20 -16.70 -5.31
CA VAL A 49 -11.50 -17.25 -4.94
C VAL A 49 -11.44 -17.94 -3.59
N ILE A 50 -12.57 -17.98 -2.90
CA ILE A 50 -12.65 -18.62 -1.59
C ILE A 50 -13.84 -19.58 -1.51
N LYS A 51 -13.76 -20.55 -0.61
CA LYS A 51 -14.82 -21.53 -0.44
C LYS A 51 -15.24 -21.63 1.02
N LYS A 52 -16.35 -20.99 1.36
CA LYS A 52 -16.86 -20.99 2.72
C LYS A 52 -18.03 -21.97 2.86
N GLU A 53 -18.44 -22.22 4.10
CA GLU A 53 -19.54 -23.13 4.37
C GLU A 53 -20.77 -22.37 4.86
N ASN A 54 -21.86 -22.49 4.11
CA ASN A 54 -23.10 -21.82 4.47
C ASN A 54 -24.19 -22.83 4.84
N PRO A 55 -24.37 -23.11 6.14
CA PRO A 55 -25.38 -24.06 6.62
C PRO A 55 -26.81 -23.53 6.45
N ASN A 56 -27.19 -23.24 5.21
CA ASN A 56 -28.53 -22.72 4.93
C ASN A 56 -28.89 -22.93 3.46
N LEU A 57 -28.30 -23.94 2.83
CA LEU A 57 -28.55 -24.23 1.43
C LEU A 57 -28.89 -25.71 1.23
N PRO A 58 -29.22 -26.12 -0.01
CA PRO A 58 -29.56 -27.49 -0.32
C PRO A 58 -28.34 -28.38 -0.55
N ALA A 59 -27.24 -28.05 0.13
CA ALA A 59 -26.00 -28.82 0.00
C ALA A 59 -25.47 -28.78 -1.43
N GLY A 60 -24.15 -28.59 -1.55
CA GLY A 60 -23.54 -28.53 -2.86
C GLY A 60 -24.09 -27.42 -3.73
N GLN A 61 -24.53 -26.34 -3.08
CA GLN A 61 -25.08 -25.20 -3.81
C GLN A 61 -24.14 -24.01 -3.74
N GLU A 62 -23.56 -23.65 -4.88
CA GLU A 62 -22.63 -22.52 -4.94
C GLU A 62 -23.30 -21.31 -5.59
N ASN A 63 -22.97 -20.13 -5.09
CA ASN A 63 -23.53 -18.89 -5.62
C ASN A 63 -22.45 -17.83 -5.79
N ILE A 64 -22.40 -17.21 -6.96
CA ILE A 64 -21.41 -16.18 -7.25
C ILE A 64 -21.89 -14.82 -6.79
N ILE A 65 -21.65 -14.51 -5.52
CA ILE A 65 -22.05 -13.23 -4.94
C ILE A 65 -21.20 -12.09 -5.50
N THR A 66 -19.89 -12.33 -5.58
CA THR A 66 -18.96 -11.34 -6.09
C THR A 66 -17.78 -12.01 -6.78
N ALA A 67 -17.90 -12.22 -8.08
CA ALA A 67 -16.84 -12.86 -8.86
C ALA A 67 -15.48 -12.21 -8.61
N GLY A 68 -14.42 -12.97 -8.82
CA GLY A 68 -13.08 -12.45 -8.61
C GLY A 68 -12.55 -11.72 -9.83
N VAL A 69 -12.05 -10.51 -9.62
CA VAL A 69 -11.51 -9.71 -10.71
C VAL A 69 -10.24 -8.98 -10.28
N LYS A 70 -9.17 -9.16 -11.06
CA LYS A 70 -7.89 -8.53 -10.77
C LYS A 70 -8.04 -7.01 -10.68
N GLY A 71 -7.55 -6.44 -9.58
CA GLY A 71 -7.63 -5.01 -9.38
C GLY A 71 -6.31 -4.33 -9.66
N GLU A 72 -6.00 -3.29 -8.89
CA GLU A 72 -4.76 -2.57 -9.06
C GLU A 72 -4.53 -1.68 -7.86
N ARG A 73 -3.30 -1.54 -7.47
CA ARG A 73 -2.94 -0.71 -6.34
C ARG A 73 -1.73 0.10 -6.72
N THR A 74 -1.92 1.39 -6.86
CA THR A 74 -0.83 2.25 -7.22
C THR A 74 0.07 2.40 -6.02
N HIS A 75 1.35 2.12 -6.22
CA HIS A 75 2.29 2.17 -5.12
C HIS A 75 3.21 3.36 -5.19
N TYR A 76 3.12 4.16 -4.14
CA TYR A 76 3.88 5.38 -4.01
C TYR A 76 5.21 5.15 -3.31
N ILE A 77 6.26 5.04 -4.11
CA ILE A 77 7.60 4.80 -3.60
C ILE A 77 8.30 6.13 -3.26
N SER A 78 9.32 6.05 -2.43
CA SER A 78 10.06 7.24 -2.04
C SER A 78 11.45 7.26 -2.67
N VAL A 79 11.62 8.11 -3.68
CA VAL A 79 12.90 8.21 -4.38
C VAL A 79 13.87 9.10 -3.61
N LEU A 80 14.77 8.47 -2.86
CA LEU A 80 15.75 9.20 -2.08
C LEU A 80 17.14 9.06 -2.68
N THR A 81 17.71 10.16 -3.13
CA THR A 81 19.04 10.16 -3.73
C THR A 81 20.12 10.18 -2.65
N GLU A 82 20.86 9.08 -2.54
CA GLU A 82 21.93 8.96 -1.55
C GLU A 82 23.29 8.81 -2.23
N ASN A 83 24.13 9.82 -2.08
CA ASN A 83 25.47 9.79 -2.68
C ASN A 83 25.37 9.68 -4.20
N GLY A 84 24.32 10.26 -4.77
CA GLY A 84 24.13 10.21 -6.21
C GLY A 84 23.58 8.87 -6.68
N LYS A 85 22.59 8.37 -5.96
CA LYS A 85 21.97 7.09 -6.32
C LYS A 85 20.53 7.02 -5.81
N THR A 86 19.59 6.85 -6.72
CA THR A 86 18.18 6.78 -6.37
C THR A 86 17.78 5.32 -6.08
N THR A 87 17.25 5.10 -4.88
CA THR A 87 16.82 3.77 -4.47
C THR A 87 15.31 3.69 -4.37
N GLU A 88 14.77 2.50 -4.62
CA GLU A 88 13.32 2.30 -4.56
C GLU A 88 12.91 1.70 -3.21
N THR A 89 12.17 2.48 -2.43
CA THR A 89 11.72 2.03 -1.12
C THR A 89 10.24 2.34 -0.92
N VAL A 90 9.44 1.29 -0.73
CA VAL A 90 8.01 1.44 -0.53
C VAL A 90 7.72 2.40 0.62
N LEU A 91 6.91 3.43 0.34
CA LEU A 91 6.57 4.42 1.36
C LEU A 91 5.12 4.26 1.81
N ASP A 92 4.21 4.27 0.85
CA ASP A 92 2.78 4.15 1.16
C ASP A 92 1.95 4.10 -0.11
N SER A 93 0.91 3.26 -0.10
CA SER A 93 0.02 3.14 -1.25
C SER A 93 -1.42 2.90 -0.81
N GLN A 94 -2.34 3.35 -1.63
CA GLN A 94 -3.75 3.19 -1.39
C GLN A 94 -4.28 2.22 -2.44
N VAL A 95 -5.48 1.69 -2.26
CA VAL A 95 -5.99 0.74 -3.22
C VAL A 95 -6.66 1.47 -4.37
N THR A 96 -5.97 1.46 -5.52
CA THR A 96 -6.47 2.13 -6.71
C THR A 96 -6.87 1.11 -7.77
N LYS A 97 -8.09 0.60 -7.60
CA LYS A 97 -8.71 -0.39 -8.50
C LYS A 97 -9.31 -1.53 -7.69
N GLU A 98 -8.73 -1.78 -6.51
CA GLU A 98 -9.18 -2.83 -5.60
C GLU A 98 -9.47 -4.15 -6.33
N VAL A 99 -8.64 -5.15 -6.06
CA VAL A 99 -8.80 -6.47 -6.66
C VAL A 99 -10.01 -7.19 -6.07
N ILE A 100 -11.01 -7.44 -6.91
CA ILE A 100 -12.22 -8.12 -6.47
C ILE A 100 -11.96 -9.61 -6.26
N ASN A 101 -12.36 -10.10 -5.08
CA ASN A 101 -12.17 -11.51 -4.75
C ASN A 101 -13.42 -12.32 -5.07
N GLN A 102 -13.23 -13.52 -5.61
CA GLN A 102 -14.34 -14.39 -5.96
C GLN A 102 -14.90 -15.08 -4.72
N VAL A 103 -16.02 -14.54 -4.21
CA VAL A 103 -16.65 -15.10 -3.03
C VAL A 103 -17.85 -15.97 -3.40
N VAL A 104 -17.71 -17.28 -3.23
CA VAL A 104 -18.77 -18.22 -3.55
C VAL A 104 -19.14 -19.06 -2.34
N GLU A 105 -20.39 -18.94 -1.90
CA GLU A 105 -20.87 -19.70 -0.75
C GLU A 105 -21.40 -21.06 -1.18
N VAL A 106 -20.80 -22.12 -0.63
CA VAL A 106 -21.20 -23.48 -0.96
C VAL A 106 -21.91 -24.14 0.23
N GLY A 107 -23.08 -24.70 -0.03
CA GLY A 107 -23.84 -25.36 1.03
C GLY A 107 -23.07 -26.51 1.66
N ALA A 108 -23.02 -26.53 2.98
CA ALA A 108 -22.32 -27.59 3.70
C ALA A 108 -23.11 -28.03 4.93
N PRO A 109 -23.98 -29.04 4.78
CA PRO A 109 -24.79 -29.55 5.90
C PRO A 109 -23.94 -30.26 6.95
N VAL A 110 -24.62 -30.97 7.86
CA VAL A 110 -23.93 -31.69 8.91
C VAL A 110 -22.94 -32.71 8.35
N THR A 111 -21.73 -32.70 8.87
CA THR A 111 -20.69 -33.62 8.41
C THR A 111 -19.70 -33.92 9.54
N HIS A 112 -18.63 -34.63 9.20
CA HIS A 112 -17.61 -35.00 10.18
C HIS A 112 -18.21 -35.85 11.29
N MET A 1 -11.11 -10.40 18.19
CA MET A 1 -12.40 -10.82 17.60
C MET A 1 -13.57 -10.14 18.28
N GLY A 2 -14.63 -9.89 17.52
CA GLY A 2 -15.81 -9.24 18.08
C GLY A 2 -15.94 -7.79 17.64
N SER A 3 -16.90 -7.08 18.22
CA SER A 3 -17.13 -5.68 17.89
C SER A 3 -17.44 -4.87 19.14
N SER A 4 -16.59 -5.00 20.15
CA SER A 4 -16.77 -4.28 21.40
C SER A 4 -18.09 -4.66 22.06
N HIS A 6 -18.49 -5.91 21.91
CA HIS A 6 -19.73 -6.40 22.48
C HIS A 6 -20.93 -5.62 21.95
N HIS A 7 -21.01 -5.53 20.62
CA HIS A 7 -22.11 -4.81 19.97
C HIS A 7 -22.11 -3.35 20.38
N HIS A 8 -21.31 -2.54 19.70
CA HIS A 8 -21.21 -1.13 19.98
C HIS A 8 -22.36 -0.36 19.32
N HIS A 9 -22.47 0.92 19.66
CA HIS A 9 -23.53 1.77 19.09
C HIS A 9 -22.94 3.02 18.46
N HIS A 10 -21.73 2.90 17.93
CA HIS A 10 -21.06 4.02 17.29
C HIS A 10 -19.71 3.59 16.70
N SER A 11 -18.92 4.56 16.27
CA SER A 11 -17.61 4.28 15.68
C SER A 11 -16.53 5.14 16.34
N SER A 12 -15.86 4.56 17.32
CA SER A 12 -14.79 5.26 18.02
C SER A 12 -14.12 4.36 19.05
N GLY A 13 -12.95 4.78 19.54
CA GLY A 13 -12.22 3.99 20.51
C GLY A 13 -11.16 3.13 19.87
N LEU A 14 -11.58 2.07 19.19
CA LEU A 14 -10.66 1.15 18.54
C LEU A 14 -9.82 1.90 17.49
N VAL A 15 -9.15 1.14 16.62
CA VAL A 15 -8.33 1.73 15.57
C VAL A 15 -9.12 2.69 14.69
N PRO A 16 -10.21 2.23 14.04
CA PRO A 16 -11.04 3.08 13.18
C PRO A 16 -11.62 4.27 13.94
N ARG A 17 -10.84 5.34 14.03
CA ARG A 17 -11.27 6.55 14.72
C ARG A 17 -11.33 7.73 13.77
N GLY A 18 -12.41 8.51 13.86
CA GLY A 18 -12.57 9.66 13.00
C GLY A 18 -13.67 10.59 13.47
N SER A 19 -14.53 11.01 12.55
CA SER A 19 -15.63 11.91 12.89
C SER A 19 -16.95 11.38 12.34
N HIS A 20 -17.98 12.21 12.40
CA HIS A 20 -19.30 11.82 11.91
C HIS A 20 -19.25 11.46 10.43
N MET A 21 -18.36 12.12 9.70
CA MET A 21 -18.22 11.87 8.27
C MET A 21 -17.44 10.58 8.02
N SER A 22 -16.14 10.62 8.23
CA SER A 22 -15.29 9.45 8.03
C SER A 22 -15.35 8.98 6.58
N LEU A 23 -15.54 9.92 5.66
CA LEU A 23 -15.62 9.60 4.25
C LEU A 23 -14.24 9.29 3.68
N ASP A 24 -14.18 9.01 2.38
CA ASP A 24 -12.93 8.70 1.72
C ASP A 24 -12.35 9.93 1.02
N GLU A 25 -12.55 11.09 1.63
CA GLU A 25 -12.04 12.34 1.07
C GLU A 25 -10.73 12.75 1.73
N ASN A 26 -10.61 12.44 3.01
CA ASN A 26 -9.40 12.77 3.77
C ASN A 26 -8.21 11.96 3.28
N GLU A 27 -7.16 12.64 2.85
CA GLU A 27 -5.96 11.98 2.35
C GLU A 27 -5.22 11.28 3.49
N VAL A 28 -4.24 10.45 3.13
CA VAL A 28 -3.47 9.72 4.13
C VAL A 28 -2.43 10.62 4.78
N ALA A 29 -1.78 11.45 3.96
CA ALA A 29 -0.77 12.37 4.47
C ALA A 29 -1.38 13.70 4.90
N ALA A 30 -1.13 14.07 6.14
CA ALA A 30 -1.66 15.33 6.68
C ALA A 30 -0.87 16.52 6.15
N ASN A 31 0.32 16.72 6.70
CA ASN A 31 1.18 17.83 6.29
C ASN A 31 1.95 17.48 5.01
N VAL A 32 2.97 16.65 5.15
CA VAL A 32 3.77 16.23 4.02
C VAL A 32 4.37 14.85 4.24
N GLU A 33 5.27 14.74 5.20
CA GLU A 33 5.92 13.47 5.52
C GLU A 33 6.62 12.90 4.29
N THR A 34 7.13 13.78 3.45
CA THR A 34 7.83 13.36 2.23
C THR A 34 8.64 14.52 1.65
N ARG A 35 9.96 14.46 1.83
CA ARG A 35 10.85 15.49 1.32
C ARG A 35 11.13 15.32 -0.18
N PRO A 36 11.13 14.07 -0.70
CA PRO A 36 11.39 13.82 -2.12
C PRO A 36 10.13 13.94 -2.97
N GLU A 37 10.21 13.49 -4.21
CA GLU A 37 9.09 13.55 -5.13
C GLU A 37 8.25 12.28 -5.04
N LEU A 38 6.95 12.45 -4.88
CA LEU A 38 6.04 11.31 -4.77
C LEU A 38 5.83 10.64 -6.12
N ILE A 39 6.28 9.40 -6.24
CA ILE A 39 6.14 8.64 -7.47
C ILE A 39 4.98 7.65 -7.35
N THR A 40 4.78 6.84 -8.38
CA THR A 40 3.68 5.87 -8.37
C THR A 40 4.01 4.67 -9.24
N ARG A 41 3.69 3.50 -8.72
CA ARG A 41 3.94 2.24 -9.42
C ARG A 41 2.89 1.22 -9.01
N THR A 42 1.92 0.98 -9.87
CA THR A 42 0.84 0.04 -9.56
C THR A 42 1.27 -1.38 -9.84
N GLU A 43 1.16 -2.20 -8.81
CA GLU A 43 1.52 -3.61 -8.90
C GLU A 43 0.28 -4.44 -9.15
N GLU A 44 0.45 -5.53 -9.87
CA GLU A 44 -0.65 -6.43 -10.19
C GLU A 44 -1.17 -7.12 -8.93
N ILE A 45 -2.28 -6.62 -8.41
CA ILE A 45 -2.90 -7.18 -7.22
C ILE A 45 -4.17 -7.96 -7.57
N PRO A 46 -4.03 -9.28 -7.82
CA PRO A 46 -5.17 -10.14 -8.17
C PRO A 46 -6.02 -10.54 -6.96
N PHE A 47 -7.24 -10.98 -7.23
CA PHE A 47 -8.16 -11.40 -6.17
C PHE A 47 -7.95 -12.86 -5.82
N GLU A 48 -8.69 -13.32 -4.81
CA GLU A 48 -8.60 -14.71 -4.37
C GLU A 48 -9.94 -15.21 -3.86
N VAL A 49 -10.56 -16.11 -4.64
CA VAL A 49 -11.85 -16.67 -4.26
C VAL A 49 -11.73 -17.54 -3.02
N ILE A 50 -12.84 -17.66 -2.28
CA ILE A 50 -12.87 -18.46 -1.07
C ILE A 50 -13.98 -19.52 -1.13
N LYS A 51 -13.81 -20.59 -0.35
CA LYS A 51 -14.80 -21.65 -0.32
C LYS A 51 -15.26 -21.92 1.12
N LYS A 52 -16.43 -21.39 1.46
CA LYS A 52 -16.98 -21.57 2.80
C LYS A 52 -17.99 -22.70 2.83
N GLU A 53 -18.43 -23.06 4.03
CA GLU A 53 -19.41 -24.15 4.20
C GLU A 53 -20.76 -23.60 4.63
N ASN A 54 -21.71 -23.56 3.71
CA ASN A 54 -23.04 -23.06 3.99
C ASN A 54 -24.06 -24.20 3.98
N PRO A 55 -24.40 -24.75 5.16
CA PRO A 55 -25.37 -25.85 5.26
C PRO A 55 -26.79 -25.42 4.89
N ASN A 56 -27.03 -24.12 4.91
CA ASN A 56 -28.35 -23.58 4.56
C ASN A 56 -28.79 -24.07 3.19
N LEU A 57 -27.84 -24.32 2.31
CA LEU A 57 -28.12 -24.80 0.96
C LEU A 57 -28.33 -26.32 0.96
N PRO A 58 -28.72 -26.89 -0.19
CA PRO A 58 -28.95 -28.32 -0.34
C PRO A 58 -27.68 -29.12 -0.56
N ALA A 59 -26.56 -28.61 -0.05
CA ALA A 59 -25.27 -29.28 -0.20
C ALA A 59 -24.88 -29.43 -1.66
N GLY A 60 -23.71 -28.90 -2.01
CA GLY A 60 -23.24 -28.98 -3.39
C GLY A 60 -23.59 -27.77 -4.22
N GLN A 61 -24.63 -27.05 -3.80
CA GLN A 61 -25.07 -25.85 -4.51
C GLN A 61 -24.08 -24.71 -4.33
N GLU A 62 -23.58 -24.19 -5.44
CA GLU A 62 -22.62 -23.09 -5.40
C GLU A 62 -23.22 -21.82 -6.01
N ASN A 63 -23.37 -20.80 -5.19
CA ASN A 63 -23.93 -19.53 -5.64
C ASN A 63 -22.93 -18.39 -5.47
N ILE A 64 -22.63 -17.69 -6.55
CA ILE A 64 -21.68 -16.59 -6.51
C ILE A 64 -22.37 -15.29 -6.11
N ILE A 65 -21.79 -14.59 -5.14
CA ILE A 65 -22.34 -13.33 -4.67
C ILE A 65 -21.71 -12.15 -5.41
N THR A 66 -20.38 -12.17 -5.51
CA THR A 66 -19.66 -11.10 -6.20
C THR A 66 -18.39 -11.65 -6.86
N ALA A 67 -18.48 -11.94 -8.15
CA ALA A 67 -17.34 -12.48 -8.90
C ALA A 67 -16.05 -11.73 -8.60
N GLY A 68 -15.01 -12.46 -8.21
CA GLY A 68 -13.74 -11.84 -7.91
C GLY A 68 -13.09 -11.24 -9.14
N VAL A 69 -12.61 -10.00 -9.01
CA VAL A 69 -11.97 -9.30 -10.12
C VAL A 69 -10.65 -8.69 -9.69
N LYS A 70 -9.65 -8.81 -10.56
CA LYS A 70 -8.33 -8.27 -10.28
C LYS A 70 -8.35 -6.74 -10.21
N GLY A 71 -7.76 -6.21 -9.15
CA GLY A 71 -7.70 -4.76 -8.98
C GLY A 71 -6.29 -4.24 -9.16
N GLU A 72 -5.95 -3.17 -8.46
CA GLU A 72 -4.62 -2.60 -8.56
C GLU A 72 -4.41 -1.62 -7.44
N ARG A 73 -3.16 -1.39 -7.11
CA ARG A 73 -2.80 -0.46 -6.07
C ARG A 73 -1.59 0.30 -6.52
N THR A 74 -1.78 1.59 -6.75
CA THR A 74 -0.68 2.41 -7.19
C THR A 74 0.24 2.64 -6.02
N HIS A 75 1.52 2.35 -6.20
CA HIS A 75 2.46 2.46 -5.12
C HIS A 75 3.38 3.67 -5.27
N TYR A 76 3.25 4.54 -4.29
CA TYR A 76 3.99 5.80 -4.25
C TYR A 76 5.32 5.61 -3.54
N ILE A 77 6.38 5.51 -4.32
CA ILE A 77 7.72 5.33 -3.79
C ILE A 77 8.38 6.68 -3.47
N SER A 78 9.40 6.65 -2.64
CA SER A 78 10.11 7.87 -2.27
C SER A 78 11.52 7.88 -2.86
N VAL A 79 11.85 8.97 -3.55
CA VAL A 79 13.16 9.11 -4.17
C VAL A 79 14.20 9.57 -3.16
N LEU A 80 15.04 8.63 -2.72
CA LEU A 80 16.09 8.93 -1.75
C LEU A 80 17.46 8.51 -2.28
N THR A 81 18.11 9.42 -3.00
CA THR A 81 19.43 9.14 -3.56
C THR A 81 20.51 9.21 -2.47
N GLU A 82 21.53 8.37 -2.61
CA GLU A 82 22.62 8.33 -1.65
C GLU A 82 23.90 7.82 -2.31
N ASN A 83 24.98 8.58 -2.17
CA ASN A 83 26.26 8.20 -2.74
C ASN A 83 26.16 8.08 -4.26
N GLY A 84 25.36 8.94 -4.87
CA GLY A 84 25.19 8.90 -6.31
C GLY A 84 24.48 7.65 -6.78
N LYS A 85 23.37 7.32 -6.14
CA LYS A 85 22.60 6.14 -6.50
C LYS A 85 21.16 6.25 -6.00
N THR A 86 20.23 6.46 -6.92
CA THR A 86 18.82 6.59 -6.56
C THR A 86 18.21 5.22 -6.25
N THR A 87 17.53 5.13 -5.11
CA THR A 87 16.90 3.88 -4.70
C THR A 87 15.39 4.03 -4.66
N GLU A 88 14.68 2.92 -4.88
CA GLU A 88 13.23 2.92 -4.86
C GLU A 88 12.69 2.07 -3.71
N THR A 89 12.06 2.73 -2.75
CA THR A 89 11.51 2.04 -1.59
C THR A 89 10.09 2.53 -1.29
N VAL A 90 9.15 1.59 -1.20
CA VAL A 90 7.77 1.93 -0.91
C VAL A 90 7.65 2.73 0.38
N LEU A 91 6.66 3.61 0.44
CA LEU A 91 6.44 4.43 1.63
C LEU A 91 4.97 4.53 1.99
N ASP A 92 4.14 4.87 0.99
CA ASP A 92 2.70 4.99 1.21
C ASP A 92 1.94 4.86 -0.09
N SER A 93 0.96 3.95 -0.11
CA SER A 93 0.14 3.75 -1.29
C SER A 93 -1.30 3.43 -0.91
N GLN A 94 -2.21 3.93 -1.74
CA GLN A 94 -3.63 3.71 -1.55
C GLN A 94 -4.09 2.71 -2.59
N VAL A 95 -5.27 2.15 -2.43
CA VAL A 95 -5.75 1.17 -3.39
C VAL A 95 -6.44 1.86 -4.55
N THR A 96 -5.78 1.88 -5.70
CA THR A 96 -6.33 2.51 -6.87
C THR A 96 -6.65 1.46 -7.93
N LYS A 97 -7.82 0.85 -7.76
CA LYS A 97 -8.36 -0.17 -8.65
C LYS A 97 -9.20 -1.16 -7.85
N GLU A 98 -8.78 -1.40 -6.60
CA GLU A 98 -9.48 -2.30 -5.69
C GLU A 98 -9.69 -3.67 -6.31
N VAL A 99 -8.97 -4.66 -5.80
CA VAL A 99 -9.10 -6.03 -6.29
C VAL A 99 -10.31 -6.70 -5.67
N ILE A 100 -11.39 -6.80 -6.45
CA ILE A 100 -12.62 -7.41 -5.98
C ILE A 100 -12.41 -8.90 -5.68
N ASN A 101 -12.73 -9.29 -4.45
CA ASN A 101 -12.59 -10.68 -4.02
C ASN A 101 -13.86 -11.46 -4.31
N GLN A 102 -13.70 -12.64 -4.88
CA GLN A 102 -14.85 -13.49 -5.20
C GLN A 102 -15.54 -13.97 -3.94
N VAL A 103 -16.85 -13.71 -3.86
CA VAL A 103 -17.64 -14.13 -2.70
C VAL A 103 -18.65 -15.19 -3.11
N VAL A 104 -18.33 -16.45 -2.83
CA VAL A 104 -19.21 -17.56 -3.17
C VAL A 104 -19.50 -18.42 -1.94
N GLU A 105 -20.64 -19.11 -1.97
CA GLU A 105 -21.04 -19.97 -0.86
C GLU A 105 -21.52 -21.32 -1.38
N VAL A 106 -20.71 -22.36 -1.15
CA VAL A 106 -21.05 -23.70 -1.59
C VAL A 106 -21.59 -24.55 -0.44
N GLY A 107 -22.66 -25.29 -0.71
CA GLY A 107 -23.25 -26.13 0.32
C GLY A 107 -22.26 -27.13 0.88
N ALA A 108 -22.44 -27.46 2.16
CA ALA A 108 -21.56 -28.42 2.83
C ALA A 108 -21.48 -29.73 2.05
N PRO A 109 -20.31 -30.42 2.12
CA PRO A 109 -20.12 -31.69 1.41
C PRO A 109 -20.91 -32.83 2.04
N VAL A 110 -20.92 -33.97 1.36
CA VAL A 110 -21.64 -35.15 1.85
C VAL A 110 -20.68 -36.26 2.24
N THR A 111 -19.58 -36.37 1.51
CA THR A 111 -18.58 -37.40 1.77
C THR A 111 -17.68 -36.99 2.95
N HIS A 112 -16.68 -37.81 3.23
CA HIS A 112 -15.74 -37.53 4.32
C HIS A 112 -16.48 -37.48 5.65
N MET A 1 5.89 27.76 19.31
CA MET A 1 6.42 28.91 20.11
C MET A 1 5.72 29.00 21.46
N GLY A 2 4.46 28.57 21.51
CA GLY A 2 3.70 28.62 22.76
C GLY A 2 2.25 28.98 22.53
N SER A 3 1.63 28.36 21.54
CA SER A 3 0.23 28.61 21.23
C SER A 3 0.03 30.05 20.76
N SER A 4 -0.01 30.97 21.72
CA SER A 4 -0.19 32.39 21.40
C SER A 4 -1.53 32.62 20.69
N HIS A 6 -2.51 31.80 21.02
CA HIS A 6 -3.83 31.91 20.42
C HIS A 6 -4.80 30.91 21.02
N HIS A 7 -5.83 31.42 21.69
CA HIS A 7 -6.83 30.57 22.33
C HIS A 7 -7.77 29.96 21.29
N HIS A 8 -8.67 29.11 21.75
CA HIS A 8 -9.63 28.45 20.85
C HIS A 8 -10.56 29.48 20.21
N HIS A 9 -10.45 29.63 18.89
CA HIS A 9 -11.29 30.58 18.16
C HIS A 9 -11.83 29.94 16.88
N HIS A 10 -12.55 30.74 16.10
CA HIS A 10 -13.12 30.26 14.85
C HIS A 10 -12.04 29.77 13.89
N SER A 11 -11.77 28.47 13.93
CA SER A 11 -10.76 27.87 13.07
C SER A 11 -11.33 26.70 12.29
N SER A 12 -12.05 27.01 11.21
CA SER A 12 -12.64 25.98 10.37
C SER A 12 -13.33 26.61 9.16
N GLY A 13 -13.66 25.78 8.17
CA GLY A 13 -14.32 26.27 6.97
C GLY A 13 -13.91 25.51 5.73
N LEU A 14 -14.23 26.06 4.57
CA LEU A 14 -13.89 25.43 3.29
C LEU A 14 -12.46 25.77 2.88
N VAL A 15 -12.01 26.97 3.27
CA VAL A 15 -10.66 27.41 2.94
C VAL A 15 -9.94 27.94 4.17
N PRO A 16 -8.60 27.83 4.20
CA PRO A 16 -7.80 28.32 5.34
C PRO A 16 -7.77 29.83 5.43
N ARG A 17 -7.67 30.48 4.27
CA ARG A 17 -7.63 31.94 4.22
C ARG A 17 -8.65 32.48 3.21
N GLY A 18 -8.78 33.80 3.16
CA GLY A 18 -9.72 34.41 2.24
C GLY A 18 -9.10 34.69 0.88
N SER A 19 -8.51 33.66 0.28
CA SER A 19 -7.88 33.81 -1.02
C SER A 19 -8.71 33.13 -2.11
N HIS A 20 -10.02 33.16 -1.94
CA HIS A 20 -10.93 32.55 -2.91
C HIS A 20 -10.65 31.05 -3.04
N MET A 21 -11.26 30.43 -4.05
CA MET A 21 -11.07 29.00 -4.28
C MET A 21 -10.68 28.73 -5.73
N SER A 22 -9.37 28.74 -5.99
CA SER A 22 -8.86 28.50 -7.33
C SER A 22 -7.34 28.49 -7.34
N LEU A 23 -6.74 29.47 -6.68
CA LEU A 23 -5.29 29.57 -6.61
C LEU A 23 -4.78 29.21 -5.21
N ASP A 24 -3.93 28.20 -5.15
CA ASP A 24 -3.37 27.76 -3.87
C ASP A 24 -2.11 26.91 -4.09
N GLU A 25 -2.30 25.71 -4.64
CA GLU A 25 -1.18 24.81 -4.90
C GLU A 25 -0.51 24.38 -3.60
N ASN A 26 0.33 25.26 -3.04
CA ASN A 26 1.03 24.97 -1.80
C ASN A 26 0.45 25.77 -0.64
N GLU A 27 0.54 27.10 -0.75
CA GLU A 27 0.02 27.98 0.29
C GLU A 27 0.74 27.73 1.62
N VAL A 28 2.01 27.38 1.54
CA VAL A 28 2.80 27.12 2.73
C VAL A 28 4.29 27.29 2.46
N ALA A 29 5.10 27.13 3.50
CA ALA A 29 6.55 27.27 3.37
C ALA A 29 7.10 26.26 2.36
N ALA A 30 7.24 26.68 1.12
CA ALA A 30 7.76 25.83 0.07
C ALA A 30 9.18 25.35 0.39
N ASN A 31 10.14 26.25 0.22
CA ASN A 31 11.54 25.93 0.51
C ASN A 31 12.01 24.78 -0.37
N VAL A 32 13.25 24.33 -0.14
CA VAL A 32 13.83 23.24 -0.91
C VAL A 32 14.10 22.02 -0.03
N GLU A 33 13.25 21.84 0.98
CA GLU A 33 13.40 20.72 1.90
C GLU A 33 12.10 19.93 2.02
N THR A 34 11.34 19.88 0.93
CA THR A 34 10.07 19.17 0.91
C THR A 34 10.21 17.82 0.20
N ARG A 35 11.23 17.07 0.58
CA ARG A 35 11.48 15.76 -0.02
C ARG A 35 11.77 15.90 -1.52
N PRO A 36 12.55 14.96 -2.09
CA PRO A 36 12.90 14.98 -3.50
C PRO A 36 11.66 14.92 -4.40
N GLU A 37 10.98 13.79 -4.41
CA GLU A 37 9.78 13.61 -5.22
C GLU A 37 9.07 12.31 -4.88
N LEU A 38 7.75 12.32 -4.97
CA LEU A 38 6.96 11.13 -4.66
C LEU A 38 6.46 10.45 -5.94
N ILE A 39 6.92 9.23 -6.16
CA ILE A 39 6.52 8.46 -7.33
C ILE A 39 5.45 7.44 -6.98
N THR A 40 5.02 6.65 -7.94
CA THR A 40 3.99 5.64 -7.71
C THR A 40 4.04 4.54 -8.77
N ARG A 41 3.55 3.37 -8.38
CA ARG A 41 3.52 2.20 -9.25
C ARG A 41 2.66 1.14 -8.59
N THR A 42 1.67 0.64 -9.31
CA THR A 42 0.76 -0.35 -8.72
C THR A 42 1.33 -1.74 -8.75
N GLU A 43 1.16 -2.41 -7.63
CA GLU A 43 1.62 -3.77 -7.46
C GLU A 43 0.48 -4.75 -7.69
N GLU A 44 0.81 -5.87 -8.30
CA GLU A 44 -0.20 -6.90 -8.59
C GLU A 44 -0.71 -7.53 -7.30
N ILE A 45 -1.82 -6.98 -6.80
CA ILE A 45 -2.43 -7.49 -5.57
C ILE A 45 -3.63 -8.37 -5.88
N PRO A 46 -3.45 -9.70 -5.88
CA PRO A 46 -4.52 -10.66 -6.17
C PRO A 46 -5.47 -10.88 -5.00
N PHE A 47 -6.67 -11.35 -5.32
CA PHE A 47 -7.69 -11.61 -4.31
C PHE A 47 -7.55 -13.02 -3.74
N GLU A 48 -8.51 -13.41 -2.92
CA GLU A 48 -8.50 -14.74 -2.30
C GLU A 48 -9.92 -15.29 -2.21
N VAL A 49 -10.25 -16.21 -3.11
CA VAL A 49 -11.58 -16.82 -3.13
C VAL A 49 -11.80 -17.68 -1.89
N ILE A 50 -13.05 -17.72 -1.42
CA ILE A 50 -13.39 -18.50 -0.24
C ILE A 50 -14.54 -19.47 -0.54
N LYS A 51 -14.62 -20.54 0.24
CA LYS A 51 -15.67 -21.54 0.06
C LYS A 51 -16.52 -21.66 1.32
N LYS A 52 -17.70 -21.05 1.29
CA LYS A 52 -18.60 -21.09 2.43
C LYS A 52 -19.58 -22.25 2.31
N GLU A 53 -19.93 -22.84 3.45
CA GLU A 53 -20.86 -23.97 3.47
C GLU A 53 -22.15 -23.60 4.19
N ASN A 54 -23.19 -23.34 3.42
CA ASN A 54 -24.50 -22.97 3.98
C ASN A 54 -25.56 -24.01 3.63
N PRO A 55 -26.44 -24.34 4.58
CA PRO A 55 -27.51 -25.32 4.36
C PRO A 55 -28.68 -24.75 3.57
N ASN A 56 -28.79 -23.42 3.55
CA ASN A 56 -29.87 -22.74 2.83
C ASN A 56 -29.95 -23.22 1.38
N LEU A 57 -28.80 -23.61 0.82
CA LEU A 57 -28.75 -24.09 -0.55
C LEU A 57 -29.12 -25.56 -0.63
N PRO A 58 -29.34 -26.08 -1.85
CA PRO A 58 -29.72 -27.48 -2.07
C PRO A 58 -28.52 -28.42 -2.11
N ALA A 59 -27.48 -28.09 -1.35
CA ALA A 59 -26.27 -28.91 -1.30
C ALA A 59 -25.59 -28.98 -2.66
N GLY A 60 -24.26 -28.91 -2.65
CA GLY A 60 -23.50 -28.96 -3.89
C GLY A 60 -23.90 -27.88 -4.87
N GLN A 61 -24.22 -26.70 -4.35
CA GLN A 61 -24.61 -25.57 -5.19
C GLN A 61 -23.53 -24.51 -5.21
N GLU A 62 -23.38 -23.84 -6.35
CA GLU A 62 -22.38 -22.79 -6.49
C GLU A 62 -23.03 -21.47 -6.93
N ASN A 63 -22.99 -20.48 -6.07
CA ASN A 63 -23.57 -19.17 -6.36
C ASN A 63 -22.50 -18.08 -6.33
N ILE A 64 -22.32 -17.42 -7.48
CA ILE A 64 -21.33 -16.35 -7.58
C ILE A 64 -21.91 -15.02 -7.13
N ILE A 65 -21.72 -14.70 -5.85
CA ILE A 65 -22.22 -13.45 -5.29
C ILE A 65 -21.35 -12.28 -5.71
N THR A 66 -20.04 -12.46 -5.63
CA THR A 66 -19.09 -11.42 -6.00
C THR A 66 -17.79 -12.03 -6.51
N ALA A 67 -17.71 -12.24 -7.82
CA ALA A 67 -16.52 -12.82 -8.44
C ALA A 67 -15.24 -12.16 -7.94
N GLY A 68 -14.19 -12.97 -7.78
CA GLY A 68 -12.91 -12.45 -7.32
C GLY A 68 -12.02 -12.03 -8.46
N VAL A 69 -11.47 -10.82 -8.38
CA VAL A 69 -10.59 -10.32 -9.43
C VAL A 69 -9.41 -9.58 -8.82
N LYS A 70 -8.21 -9.92 -9.29
CA LYS A 70 -6.98 -9.29 -8.80
C LYS A 70 -6.96 -7.81 -9.12
N GLY A 71 -7.03 -6.99 -8.08
CA GLY A 71 -7.00 -5.55 -8.27
C GLY A 71 -5.60 -5.05 -8.58
N GLU A 72 -5.26 -3.87 -8.08
CA GLU A 72 -3.94 -3.31 -8.30
C GLU A 72 -3.84 -2.00 -7.56
N ARG A 73 -3.06 -1.97 -6.50
CA ARG A 73 -2.91 -0.76 -5.73
C ARG A 73 -1.64 -0.05 -6.12
N THR A 74 -1.76 1.26 -6.22
CA THR A 74 -0.63 2.08 -6.60
C THR A 74 0.31 2.21 -5.42
N HIS A 75 1.60 2.07 -5.70
CA HIS A 75 2.61 2.16 -4.66
C HIS A 75 3.53 3.33 -4.87
N TYR A 76 3.56 4.20 -3.87
CA TYR A 76 4.37 5.40 -3.92
C TYR A 76 5.75 5.15 -3.33
N ILE A 77 6.75 5.22 -4.20
CA ILE A 77 8.14 5.01 -3.79
C ILE A 77 8.85 6.33 -3.53
N SER A 78 9.73 6.35 -2.54
CA SER A 78 10.46 7.55 -2.19
C SER A 78 11.84 7.54 -2.85
N VAL A 79 12.01 8.35 -3.90
CA VAL A 79 13.26 8.43 -4.61
C VAL A 79 14.25 9.35 -3.89
N LEU A 80 15.24 8.75 -3.24
CA LEU A 80 16.25 9.51 -2.51
C LEU A 80 17.50 9.70 -3.35
N THR A 81 17.52 10.77 -4.15
CA THR A 81 18.67 11.06 -5.00
C THR A 81 19.89 11.45 -4.16
N GLU A 82 20.98 10.73 -4.37
CA GLU A 82 22.22 10.99 -3.63
C GLU A 82 23.44 10.77 -4.51
N ASN A 83 24.07 11.86 -4.95
CA ASN A 83 25.26 11.78 -5.79
C ASN A 83 24.91 11.17 -7.15
N GLY A 84 23.67 11.33 -7.57
CA GLY A 84 23.24 10.79 -8.86
C GLY A 84 22.80 9.34 -8.77
N LYS A 85 22.07 9.00 -7.72
CA LYS A 85 21.59 7.64 -7.53
C LYS A 85 20.18 7.63 -6.99
N THR A 86 19.26 6.98 -7.71
CA THR A 86 17.87 6.90 -7.30
C THR A 86 17.56 5.54 -6.67
N THR A 87 17.43 5.53 -5.34
CA THR A 87 17.14 4.30 -4.62
C THR A 87 15.63 4.05 -4.55
N GLU A 88 15.14 3.18 -5.43
CA GLU A 88 13.72 2.86 -5.46
C GLU A 88 13.34 1.96 -4.29
N THR A 89 12.78 2.55 -3.25
CA THR A 89 12.38 1.80 -2.06
C THR A 89 10.93 2.14 -1.68
N VAL A 90 10.10 1.12 -1.56
CA VAL A 90 8.70 1.32 -1.19
C VAL A 90 8.57 2.17 0.07
N LEU A 91 7.63 3.10 0.06
CA LEU A 91 7.42 3.98 1.20
C LEU A 91 5.97 3.94 1.68
N ASP A 92 5.09 4.55 0.89
CA ASP A 92 3.67 4.58 1.25
C ASP A 92 2.79 4.34 0.03
N SER A 93 1.74 3.54 0.22
CA SER A 93 0.81 3.23 -0.85
C SER A 93 -0.62 3.13 -0.34
N GLN A 94 -1.54 3.16 -1.27
CA GLN A 94 -2.96 3.07 -0.99
C GLN A 94 -3.58 2.00 -1.86
N VAL A 95 -4.80 1.60 -1.54
CA VAL A 95 -5.46 0.60 -2.36
C VAL A 95 -6.15 1.34 -3.48
N THR A 96 -5.58 1.25 -4.67
CA THR A 96 -6.13 1.94 -5.81
C THR A 96 -6.49 0.97 -6.92
N LYS A 97 -7.66 0.35 -6.75
CA LYS A 97 -8.22 -0.61 -7.70
C LYS A 97 -9.19 -1.54 -6.98
N GLU A 98 -8.90 -1.80 -5.71
CA GLU A 98 -9.72 -2.67 -4.89
C GLU A 98 -9.73 -4.08 -5.46
N VAL A 99 -8.95 -4.98 -4.85
CA VAL A 99 -8.89 -6.36 -5.29
C VAL A 99 -10.17 -7.09 -4.94
N ILE A 100 -11.01 -7.28 -5.96
CA ILE A 100 -12.28 -7.96 -5.77
C ILE A 100 -12.08 -9.40 -5.32
N ASN A 101 -12.80 -9.79 -4.27
CA ASN A 101 -12.70 -11.15 -3.73
C ASN A 101 -13.85 -12.01 -4.23
N GLN A 102 -13.54 -13.25 -4.57
CA GLN A 102 -14.55 -14.19 -5.06
C GLN A 102 -15.44 -14.68 -3.92
N VAL A 103 -16.66 -14.15 -3.85
CA VAL A 103 -17.60 -14.55 -2.81
C VAL A 103 -18.60 -15.56 -3.34
N VAL A 104 -18.36 -16.83 -3.04
CA VAL A 104 -19.25 -17.90 -3.49
C VAL A 104 -19.77 -18.72 -2.31
N GLU A 105 -20.98 -19.23 -2.45
CA GLU A 105 -21.60 -20.03 -1.40
C GLU A 105 -21.72 -21.49 -1.84
N VAL A 106 -21.50 -22.40 -0.90
CA VAL A 106 -21.59 -23.83 -1.18
C VAL A 106 -22.62 -24.51 -0.30
N GLY A 107 -23.42 -25.38 -0.90
CA GLY A 107 -24.45 -26.09 -0.16
C GLY A 107 -23.88 -27.17 0.73
N ALA A 108 -23.79 -26.88 2.02
CA ALA A 108 -23.25 -27.83 2.99
C ALA A 108 -21.80 -28.19 2.67
N PRO A 109 -21.01 -28.54 3.70
CA PRO A 109 -19.60 -28.89 3.52
C PRO A 109 -19.43 -30.25 2.83
N VAL A 110 -18.20 -30.76 2.85
CA VAL A 110 -17.91 -32.04 2.23
C VAL A 110 -17.87 -33.16 3.27
N THR A 111 -17.49 -32.82 4.48
CA THR A 111 -17.41 -33.80 5.57
C THR A 111 -18.72 -33.82 6.36
N HIS A 112 -19.30 -32.64 6.58
CA HIS A 112 -20.54 -32.54 7.33
C HIS A 112 -21.73 -32.39 6.38
N MET A 1 32.84 12.47 18.74
CA MET A 1 32.59 13.88 19.10
C MET A 1 33.82 14.50 19.77
N GLY A 2 35.01 14.03 19.38
CA GLY A 2 36.23 14.55 19.95
C GLY A 2 36.75 13.69 21.09
N SER A 3 35.85 13.02 21.78
CA SER A 3 36.22 12.16 22.91
C SER A 3 36.50 10.74 22.42
N SER A 4 36.65 9.82 23.37
CA SER A 4 36.93 8.42 23.04
C SER A 4 38.25 8.29 22.29
N HIS A 6 39.23 7.66 22.93
CA HIS A 6 40.55 7.47 22.34
C HIS A 6 40.44 6.67 21.04
N HIS A 7 41.58 6.37 20.44
CA HIS A 7 41.62 5.60 19.20
C HIS A 7 40.98 4.23 19.38
N HIS A 8 40.38 3.71 18.32
CA HIS A 8 39.74 2.41 18.36
C HIS A 8 40.73 1.32 18.73
N HIS A 9 40.22 0.11 18.95
CA HIS A 9 41.06 -1.03 19.32
C HIS A 9 40.71 -2.26 18.50
N HIS A 10 41.36 -3.38 18.80
CA HIS A 10 41.11 -4.62 18.08
C HIS A 10 40.15 -5.52 18.87
N SER A 11 39.23 -4.89 19.58
CA SER A 11 38.25 -5.64 20.38
C SER A 11 36.84 -5.14 20.09
N SER A 12 36.07 -5.95 19.37
CA SER A 12 34.70 -5.59 19.03
C SER A 12 33.94 -6.81 18.51
N GLY A 13 32.61 -6.70 18.48
CA GLY A 13 31.79 -7.80 18.01
C GLY A 13 30.55 -7.32 17.28
N LEU A 14 29.68 -8.26 16.91
CA LEU A 14 28.45 -7.92 16.21
C LEU A 14 27.30 -8.82 16.66
N VAL A 15 27.56 -10.13 16.72
CA VAL A 15 26.56 -11.09 17.15
C VAL A 15 26.04 -10.78 18.55
N PRO A 16 26.94 -10.56 19.52
CA PRO A 16 26.56 -10.26 20.90
C PRO A 16 26.08 -8.81 21.07
N ARG A 17 25.94 -8.39 22.32
CA ARG A 17 25.49 -7.04 22.62
C ARG A 17 26.46 -6.00 22.04
N GLY A 18 25.93 -4.83 21.70
CA GLY A 18 26.76 -3.78 21.14
C GLY A 18 26.52 -3.59 19.66
N SER A 19 25.25 -3.48 19.27
CA SER A 19 24.89 -3.29 17.88
C SER A 19 23.92 -2.12 17.71
N HIS A 20 23.53 -1.84 16.48
CA HIS A 20 22.61 -0.75 16.19
C HIS A 20 21.79 -1.04 14.94
N MET A 21 20.59 -0.47 14.88
CA MET A 21 19.70 -0.67 13.73
C MET A 21 19.90 0.44 12.71
N SER A 22 19.86 0.07 11.43
CA SER A 22 20.02 1.03 10.34
C SER A 22 18.74 1.82 10.11
N LEU A 23 17.60 1.14 10.25
CA LEU A 23 16.30 1.78 10.05
C LEU A 23 15.88 2.54 11.30
N ASP A 24 16.34 3.79 11.41
CA ASP A 24 16.00 4.62 12.56
C ASP A 24 16.06 6.10 12.18
N GLU A 25 15.00 6.60 11.59
CA GLU A 25 14.93 8.00 11.18
C GLU A 25 14.07 8.81 12.14
N ASN A 26 14.69 9.36 13.17
CA ASN A 26 13.97 10.16 14.17
C ASN A 26 13.63 11.54 13.61
N GLU A 27 12.34 11.82 13.48
CA GLU A 27 11.89 13.11 12.96
C GLU A 27 12.17 14.23 13.97
N VAL A 28 12.88 15.26 13.51
CA VAL A 28 13.21 16.39 14.37
C VAL A 28 12.83 17.71 13.71
N ALA A 29 11.56 18.08 13.82
CA ALA A 29 11.08 19.33 13.23
C ALA A 29 11.29 19.34 11.72
N ALA A 30 11.00 20.48 11.10
CA ALA A 30 11.17 20.62 9.65
C ALA A 30 12.59 21.02 9.29
N ASN A 31 12.90 22.30 9.52
CA ASN A 31 14.24 22.82 9.22
C ASN A 31 14.56 22.67 7.73
N VAL A 32 15.77 23.05 7.36
CA VAL A 32 16.21 22.95 5.97
C VAL A 32 16.45 21.50 5.57
N GLU A 33 15.37 20.78 5.28
CA GLU A 33 15.47 19.38 4.88
C GLU A 33 15.20 19.22 3.38
N THR A 34 15.28 17.99 2.89
CA THR A 34 15.04 17.70 1.48
C THR A 34 14.68 16.23 1.29
N ARG A 35 13.39 15.92 1.43
CA ARG A 35 12.92 14.55 1.26
C ARG A 35 12.66 14.25 -0.22
N PRO A 36 12.51 12.96 -0.57
CA PRO A 36 12.26 12.55 -1.95
C PRO A 36 10.86 12.91 -2.42
N GLU A 37 10.66 12.95 -3.73
CA GLU A 37 9.36 13.29 -4.30
C GLU A 37 8.39 12.13 -4.14
N LEU A 38 7.11 12.39 -4.40
CA LEU A 38 6.08 11.36 -4.29
C LEU A 38 5.86 10.67 -5.62
N ILE A 39 6.33 9.43 -5.72
CA ILE A 39 6.18 8.64 -6.93
C ILE A 39 5.05 7.64 -6.78
N THR A 40 4.85 6.80 -7.79
CA THR A 40 3.79 5.79 -7.78
C THR A 40 4.16 4.60 -8.64
N ARG A 41 3.70 3.43 -8.23
CA ARG A 41 3.96 2.19 -8.94
C ARG A 41 2.98 1.14 -8.45
N THR A 42 1.94 0.90 -9.23
CA THR A 42 0.93 -0.06 -8.85
C THR A 42 1.35 -1.47 -9.18
N GLU A 43 1.18 -2.34 -8.19
CA GLU A 43 1.54 -3.73 -8.34
C GLU A 43 0.31 -4.55 -8.66
N GLU A 44 0.51 -5.58 -9.48
CA GLU A 44 -0.59 -6.45 -9.88
C GLU A 44 -1.12 -7.23 -8.68
N ILE A 45 -2.23 -6.72 -8.14
CA ILE A 45 -2.86 -7.34 -6.98
C ILE A 45 -4.13 -8.10 -7.37
N PRO A 46 -4.01 -9.41 -7.66
CA PRO A 46 -5.15 -10.25 -8.06
C PRO A 46 -6.01 -10.67 -6.87
N PHE A 47 -7.21 -11.14 -7.17
CA PHE A 47 -8.16 -11.59 -6.14
C PHE A 47 -7.92 -13.04 -5.78
N GLU A 48 -8.65 -13.52 -4.78
CA GLU A 48 -8.53 -14.90 -4.33
C GLU A 48 -9.89 -15.46 -3.93
N VAL A 49 -10.42 -16.38 -4.74
CA VAL A 49 -11.72 -16.99 -4.47
C VAL A 49 -11.65 -17.87 -3.23
N ILE A 50 -12.80 -18.04 -2.58
CA ILE A 50 -12.89 -18.86 -1.37
C ILE A 50 -14.17 -19.68 -1.36
N LYS A 51 -14.15 -20.79 -0.63
CA LYS A 51 -15.32 -21.66 -0.52
C LYS A 51 -15.93 -21.60 0.87
N LYS A 52 -17.10 -20.97 0.98
CA LYS A 52 -17.78 -20.84 2.26
C LYS A 52 -18.89 -21.87 2.39
N GLU A 53 -18.77 -22.74 3.38
CA GLU A 53 -19.76 -23.79 3.61
C GLU A 53 -21.01 -23.22 4.29
N ASN A 54 -22.07 -23.07 3.52
CA ASN A 54 -23.32 -22.52 4.04
C ASN A 54 -24.37 -23.63 4.20
N PRO A 55 -25.14 -23.60 5.30
CA PRO A 55 -26.18 -24.61 5.56
C PRO A 55 -27.43 -24.39 4.70
N ASN A 56 -27.68 -23.14 4.34
CA ASN A 56 -28.85 -22.79 3.53
C ASN A 56 -28.82 -23.54 2.20
N LEU A 57 -27.65 -23.59 1.57
CA LEU A 57 -27.50 -24.27 0.30
C LEU A 57 -27.86 -25.76 0.43
N PRO A 58 -27.99 -26.46 -0.71
CA PRO A 58 -28.33 -27.88 -0.72
C PRO A 58 -27.11 -28.78 -0.60
N ALA A 59 -26.08 -28.31 0.09
CA ALA A 59 -24.86 -29.07 0.28
C ALA A 59 -24.24 -29.45 -1.06
N GLY A 60 -23.14 -28.79 -1.42
CA GLY A 60 -22.47 -29.07 -2.67
C GLY A 60 -22.70 -28.01 -3.72
N GLN A 61 -23.80 -27.28 -3.59
CA GLN A 61 -24.13 -26.22 -4.54
C GLN A 61 -23.44 -24.91 -4.18
N GLU A 62 -23.03 -24.16 -5.18
CA GLU A 62 -22.35 -22.89 -4.97
C GLU A 62 -23.08 -21.76 -5.70
N ASN A 63 -22.63 -20.53 -5.46
CA ASN A 63 -23.24 -19.36 -6.10
C ASN A 63 -22.23 -18.21 -6.18
N ILE A 64 -22.36 -17.41 -7.23
CA ILE A 64 -21.47 -16.27 -7.44
C ILE A 64 -22.11 -14.98 -6.94
N ILE A 65 -21.94 -14.70 -5.65
CA ILE A 65 -22.49 -13.50 -5.05
C ILE A 65 -21.69 -12.26 -5.46
N THR A 66 -20.39 -12.45 -5.65
CA THR A 66 -19.50 -11.37 -6.04
C THR A 66 -18.20 -11.91 -6.62
N ALA A 67 -18.23 -12.25 -7.90
CA ALA A 67 -17.05 -12.79 -8.57
C ALA A 67 -15.79 -11.98 -8.26
N GLY A 68 -14.64 -12.66 -8.30
CA GLY A 68 -13.38 -11.99 -8.03
C GLY A 68 -12.87 -11.20 -9.20
N VAL A 69 -12.47 -9.96 -8.96
CA VAL A 69 -11.96 -9.10 -10.02
C VAL A 69 -10.56 -8.57 -9.69
N LYS A 70 -9.67 -8.69 -10.66
CA LYS A 70 -8.29 -8.24 -10.49
C LYS A 70 -8.22 -6.73 -10.28
N GLY A 71 -7.71 -6.32 -9.13
CA GLY A 71 -7.57 -4.91 -8.82
C GLY A 71 -6.13 -4.46 -8.88
N GLU A 72 -5.79 -3.44 -8.12
CA GLU A 72 -4.44 -2.93 -8.11
C GLU A 72 -4.30 -1.85 -7.05
N ARG A 73 -3.08 -1.65 -6.60
CA ARG A 73 -2.79 -0.64 -5.60
C ARG A 73 -1.59 0.13 -6.04
N THR A 74 -1.79 1.40 -6.33
CA THR A 74 -0.68 2.23 -6.76
C THR A 74 0.18 2.53 -5.57
N HIS A 75 1.45 2.18 -5.68
CA HIS A 75 2.37 2.36 -4.58
C HIS A 75 3.31 3.52 -4.78
N TYR A 76 3.22 4.45 -3.83
CA TYR A 76 4.00 5.66 -3.86
C TYR A 76 5.33 5.47 -3.15
N ILE A 77 6.36 5.23 -3.94
CA ILE A 77 7.70 5.02 -3.42
C ILE A 77 8.44 6.34 -3.27
N SER A 78 9.47 6.36 -2.42
CA SER A 78 10.25 7.57 -2.20
C SER A 78 11.57 7.51 -2.95
N VAL A 79 11.67 8.31 -4.01
CA VAL A 79 12.88 8.35 -4.82
C VAL A 79 13.95 9.23 -4.18
N LEU A 80 14.89 8.59 -3.49
CA LEU A 80 15.98 9.32 -2.83
C LEU A 80 17.33 8.92 -3.40
N THR A 81 17.94 9.84 -4.14
CA THR A 81 19.24 9.58 -4.76
C THR A 81 20.36 9.76 -3.74
N GLU A 82 21.17 8.71 -3.58
CA GLU A 82 22.29 8.76 -2.64
C GLU A 82 23.58 8.30 -3.31
N ASN A 83 24.57 9.20 -3.36
CA ASN A 83 25.85 8.89 -3.97
C ASN A 83 25.69 8.52 -5.44
N GLY A 84 24.69 9.12 -6.08
CA GLY A 84 24.44 8.86 -7.48
C GLY A 84 23.69 7.55 -7.70
N LYS A 85 22.72 7.28 -6.82
CA LYS A 85 21.93 6.06 -6.91
C LYS A 85 20.55 6.26 -6.30
N THR A 86 19.52 6.15 -7.13
CA THR A 86 18.14 6.33 -6.66
C THR A 86 17.54 4.98 -6.24
N THR A 87 17.15 4.89 -4.97
CA THR A 87 16.56 3.66 -4.45
C THR A 87 15.05 3.79 -4.35
N GLU A 88 14.35 2.67 -4.54
CA GLU A 88 12.89 2.65 -4.48
C GLU A 88 12.41 1.93 -3.22
N THR A 89 11.98 2.70 -2.23
CA THR A 89 11.48 2.13 -0.98
C THR A 89 10.03 2.50 -0.74
N VAL A 90 9.15 1.51 -0.70
CA VAL A 90 7.73 1.74 -0.48
C VAL A 90 7.50 2.48 0.83
N LEU A 91 6.58 3.43 0.82
CA LEU A 91 6.26 4.21 2.02
C LEU A 91 4.76 4.26 2.28
N ASP A 92 4.03 4.94 1.40
CA ASP A 92 2.58 5.07 1.55
C ASP A 92 1.87 4.90 0.21
N SER A 93 0.81 4.11 0.22
CA SER A 93 0.01 3.87 -0.99
C SER A 93 -1.46 3.76 -0.65
N GLN A 94 -2.28 3.94 -1.67
CA GLN A 94 -3.73 3.83 -1.54
C GLN A 94 -4.19 2.75 -2.50
N VAL A 95 -5.41 2.27 -2.35
CA VAL A 95 -5.90 1.24 -3.24
C VAL A 95 -6.49 1.86 -4.48
N THR A 96 -5.75 1.74 -5.58
CA THR A 96 -6.20 2.30 -6.84
C THR A 96 -6.45 1.19 -7.85
N LYS A 97 -7.64 0.60 -7.73
CA LYS A 97 -8.12 -0.48 -8.60
C LYS A 97 -8.99 -1.43 -7.79
N GLU A 98 -8.64 -1.60 -6.52
CA GLU A 98 -9.38 -2.47 -5.61
C GLU A 98 -9.62 -3.85 -6.21
N VAL A 99 -8.88 -4.84 -5.71
CA VAL A 99 -9.03 -6.20 -6.19
C VAL A 99 -10.25 -6.88 -5.56
N ILE A 100 -11.32 -6.97 -6.33
CA ILE A 100 -12.55 -7.59 -5.85
C ILE A 100 -12.36 -9.08 -5.60
N ASN A 101 -12.79 -9.53 -4.43
CA ASN A 101 -12.67 -10.94 -4.06
C ASN A 101 -13.87 -11.73 -4.55
N GLN A 102 -13.61 -12.94 -5.05
CA GLN A 102 -14.68 -13.80 -5.53
C GLN A 102 -15.46 -14.42 -4.39
N VAL A 103 -16.65 -13.89 -4.13
CA VAL A 103 -17.50 -14.39 -3.06
C VAL A 103 -18.35 -15.57 -3.53
N VAL A 104 -17.90 -16.78 -3.21
CA VAL A 104 -18.62 -17.99 -3.59
C VAL A 104 -19.06 -18.78 -2.36
N GLU A 105 -20.37 -18.81 -2.13
CA GLU A 105 -20.92 -19.54 -1.00
C GLU A 105 -21.40 -20.93 -1.41
N VAL A 106 -20.66 -21.95 -0.98
CA VAL A 106 -21.00 -23.33 -1.31
C VAL A 106 -21.71 -24.00 -0.14
N GLY A 107 -22.57 -24.96 -0.45
CA GLY A 107 -23.30 -25.68 0.58
C GLY A 107 -22.44 -26.70 1.29
N ALA A 108 -22.68 -26.88 2.59
CA ALA A 108 -21.93 -27.84 3.38
C ALA A 108 -21.99 -29.24 2.77
N PRO A 109 -20.88 -29.72 2.19
CA PRO A 109 -20.82 -31.05 1.57
C PRO A 109 -20.92 -32.17 2.60
N VAL A 110 -20.15 -32.05 3.68
CA VAL A 110 -20.15 -33.05 4.74
C VAL A 110 -19.64 -32.47 6.05
N THR A 111 -19.64 -33.29 7.09
CA THR A 111 -19.17 -32.86 8.41
C THR A 111 -18.73 -34.05 9.24
N HIS A 112 -17.51 -34.54 8.98
CA HIS A 112 -16.97 -35.67 9.71
C HIS A 112 -15.77 -35.25 10.56
N MET A 1 32.62 47.55 21.23
CA MET A 1 31.47 47.92 20.37
C MET A 1 30.31 46.96 20.55
N GLY A 2 30.08 46.54 21.80
CA GLY A 2 29.00 45.63 22.09
C GLY A 2 27.72 46.34 22.51
N SER A 3 27.38 47.42 21.79
CA SER A 3 26.19 48.19 22.08
C SER A 3 25.40 48.48 20.82
N SER A 4 26.08 49.05 19.82
CA SER A 4 25.44 49.38 18.55
C SER A 4 24.96 48.11 17.84
N HIS A 6 25.89 47.23 17.50
CA HIS A 6 25.56 45.98 16.82
C HIS A 6 26.13 44.79 17.58
N HIS A 7 25.42 44.38 18.63
CA HIS A 7 25.85 43.24 19.44
C HIS A 7 25.05 42.00 19.08
N HIS A 8 25.75 40.89 18.87
CA HIS A 8 25.11 39.62 18.54
C HIS A 8 26.09 38.46 18.65
N HIS A 9 27.30 38.66 18.16
CA HIS A 9 28.33 37.63 18.22
C HIS A 9 29.63 38.19 18.77
N HIS A 10 29.94 37.82 20.02
CA HIS A 10 31.16 38.29 20.67
C HIS A 10 31.32 37.66 22.05
N SER A 11 32.21 36.68 22.15
CA SER A 11 32.45 35.99 23.41
C SER A 11 31.18 35.30 23.91
N SER A 12 30.36 34.86 22.97
CA SER A 12 29.11 34.18 23.31
C SER A 12 29.37 32.73 23.68
N GLY A 13 28.29 31.98 23.92
CA GLY A 13 28.42 30.58 24.27
C GLY A 13 28.37 29.66 23.07
N LEU A 14 29.13 30.01 22.03
CA LEU A 14 29.17 29.21 20.81
C LEU A 14 27.78 29.12 20.18
N VAL A 15 27.59 29.84 19.08
CA VAL A 15 26.31 29.85 18.36
C VAL A 15 25.13 29.91 19.31
N PRO A 16 24.98 31.03 20.05
CA PRO A 16 23.89 31.22 21.00
C PRO A 16 22.53 31.36 20.31
N ARG A 17 21.64 30.41 20.55
CA ARG A 17 20.31 30.43 19.96
C ARG A 17 20.40 30.36 18.43
N GLY A 18 19.33 29.88 17.80
CA GLY A 18 19.31 29.78 16.36
C GLY A 18 17.96 29.34 15.83
N SER A 19 16.96 30.20 16.01
CA SER A 19 15.60 29.90 15.54
C SER A 19 14.76 31.17 15.45
N HIS A 20 13.53 31.02 15.00
CA HIS A 20 12.62 32.16 14.88
C HIS A 20 12.03 32.53 16.23
N MET A 21 11.06 31.76 16.68
CA MET A 21 10.40 32.01 17.97
C MET A 21 9.80 30.73 18.54
N SER A 22 10.42 29.59 18.21
CA SER A 22 9.94 28.30 18.69
C SER A 22 8.51 28.05 18.22
N LEU A 23 8.38 27.27 17.14
CA LEU A 23 7.07 26.95 16.59
C LEU A 23 6.80 25.45 16.67
N ASP A 24 7.25 24.84 17.76
CA ASP A 24 7.06 23.41 17.97
C ASP A 24 6.28 23.15 19.26
N GLU A 25 5.81 21.91 19.42
CA GLU A 25 5.05 21.54 20.61
C GLU A 25 4.71 20.05 20.58
N ASN A 26 3.90 19.62 21.55
CA ASN A 26 3.49 18.22 21.64
C ASN A 26 4.68 17.30 21.85
N GLU A 27 5.73 17.85 22.45
CA GLU A 27 6.95 17.07 22.72
C GLU A 27 7.49 16.46 21.44
N VAL A 28 8.50 17.11 20.86
CA VAL A 28 9.12 16.63 19.63
C VAL A 28 10.54 17.16 19.48
N ALA A 29 11.26 16.64 18.50
CA ALA A 29 12.63 17.06 18.25
C ALA A 29 13.07 16.72 16.83
N ALA A 30 12.62 17.52 15.87
CA ALA A 30 12.97 17.29 14.48
C ALA A 30 13.39 18.59 13.80
N ASN A 31 13.89 18.48 12.57
CA ASN A 31 14.34 19.65 11.81
C ASN A 31 13.40 19.92 10.64
N VAL A 32 13.51 19.10 9.60
CA VAL A 32 12.67 19.25 8.42
C VAL A 32 12.38 17.91 7.78
N GLU A 33 11.12 17.68 7.42
CA GLU A 33 10.70 16.44 6.80
C GLU A 33 11.46 16.20 5.49
N THR A 34 11.66 17.27 4.73
CA THR A 34 12.37 17.18 3.44
C THR A 34 11.92 15.98 2.63
N ARG A 35 10.61 15.74 2.62
CA ARG A 35 10.05 14.62 1.89
C ARG A 35 10.36 14.73 0.39
N PRO A 36 10.75 13.62 -0.25
CA PRO A 36 11.08 13.60 -1.68
C PRO A 36 9.85 13.74 -2.57
N GLU A 37 10.01 13.48 -3.86
CA GLU A 37 8.91 13.57 -4.81
C GLU A 37 8.10 12.29 -4.81
N LEU A 38 6.83 12.39 -4.41
CA LEU A 38 5.95 11.24 -4.37
C LEU A 38 5.58 10.77 -5.77
N ILE A 39 6.01 9.57 -6.11
CA ILE A 39 5.72 8.98 -7.41
C ILE A 39 4.57 7.98 -7.29
N THR A 40 4.23 7.32 -8.39
CA THR A 40 3.13 6.35 -8.38
C THR A 40 3.26 5.35 -9.52
N ARG A 41 3.08 4.08 -9.17
CA ARG A 41 3.14 2.98 -10.11
C ARG A 41 2.31 1.83 -9.54
N THR A 42 1.24 1.48 -10.23
CA THR A 42 0.36 0.42 -9.72
C THR A 42 0.87 -0.97 -10.03
N GLU A 43 0.79 -1.81 -9.01
CA GLU A 43 1.22 -3.19 -9.12
C GLU A 43 0.03 -4.09 -9.37
N GLU A 44 0.21 -5.06 -10.25
CA GLU A 44 -0.86 -5.99 -10.59
C GLU A 44 -1.20 -6.87 -9.39
N ILE A 45 -2.16 -6.42 -8.59
CA ILE A 45 -2.59 -7.14 -7.40
C ILE A 45 -3.76 -8.07 -7.72
N PRO A 46 -3.51 -9.40 -7.76
CA PRO A 46 -4.55 -10.39 -8.06
C PRO A 46 -5.35 -10.82 -6.84
N PHE A 47 -6.58 -11.25 -7.09
CA PHE A 47 -7.49 -11.70 -6.02
C PHE A 47 -7.28 -13.18 -5.73
N GLU A 48 -8.13 -13.71 -4.85
CA GLU A 48 -8.05 -15.12 -4.48
C GLU A 48 -9.42 -15.63 -4.01
N VAL A 49 -9.97 -16.58 -4.75
CA VAL A 49 -11.27 -17.16 -4.41
C VAL A 49 -11.20 -17.94 -3.10
N ILE A 50 -12.32 -18.01 -2.40
CA ILE A 50 -12.39 -18.73 -1.14
C ILE A 50 -13.58 -19.68 -1.11
N LYS A 51 -13.50 -20.72 -0.28
CA LYS A 51 -14.56 -21.70 -0.16
C LYS A 51 -15.28 -21.57 1.18
N LYS A 52 -16.44 -20.93 1.15
CA LYS A 52 -17.23 -20.74 2.37
C LYS A 52 -18.34 -21.78 2.48
N GLU A 53 -18.76 -22.05 3.71
CA GLU A 53 -19.81 -23.04 3.95
C GLU A 53 -21.12 -22.34 4.34
N ASN A 54 -22.21 -22.76 3.70
CA ASN A 54 -23.52 -22.18 3.97
C ASN A 54 -24.57 -23.28 4.10
N PRO A 55 -25.12 -23.49 5.32
CA PRO A 55 -26.14 -24.50 5.56
C PRO A 55 -27.46 -24.18 4.86
N ASN A 56 -27.71 -22.89 4.64
CA ASN A 56 -28.93 -22.45 3.98
C ASN A 56 -29.04 -23.05 2.58
N LEU A 57 -27.90 -23.25 1.93
CA LEU A 57 -27.87 -23.81 0.59
C LEU A 57 -28.37 -25.24 0.59
N PRO A 58 -28.73 -25.77 -0.59
CA PRO A 58 -29.24 -27.14 -0.73
C PRO A 58 -28.14 -28.18 -0.87
N ALA A 59 -26.99 -27.91 -0.26
CA ALA A 59 -25.85 -28.82 -0.32
C ALA A 59 -25.34 -28.98 -1.75
N GLY A 60 -24.02 -28.99 -1.91
CA GLY A 60 -23.43 -29.14 -3.22
C GLY A 60 -23.86 -28.06 -4.19
N GLN A 61 -24.18 -26.89 -3.65
CA GLN A 61 -24.62 -25.76 -4.47
C GLN A 61 -23.56 -24.66 -4.52
N GLU A 62 -23.43 -24.00 -5.66
CA GLU A 62 -22.45 -22.94 -5.84
C GLU A 62 -23.15 -21.60 -6.04
N ASN A 63 -22.90 -20.66 -5.14
CA ASN A 63 -23.49 -19.33 -5.22
C ASN A 63 -22.42 -18.25 -5.12
N ILE A 64 -22.30 -17.45 -6.17
CA ILE A 64 -21.33 -16.37 -6.20
C ILE A 64 -21.91 -15.07 -5.66
N ILE A 65 -21.19 -14.43 -4.77
CA ILE A 65 -21.63 -13.18 -4.17
C ILE A 65 -20.87 -11.99 -4.77
N THR A 66 -19.56 -12.15 -4.91
CA THR A 66 -18.72 -11.09 -5.47
C THR A 66 -17.59 -11.69 -6.30
N ALA A 67 -17.84 -11.83 -7.61
CA ALA A 67 -16.86 -12.40 -8.52
C ALA A 67 -15.46 -11.83 -8.29
N GLY A 68 -14.49 -12.72 -8.09
CA GLY A 68 -13.12 -12.29 -7.85
C GLY A 68 -12.47 -11.71 -9.09
N VAL A 69 -11.95 -10.50 -8.96
CA VAL A 69 -11.29 -9.83 -10.09
C VAL A 69 -10.02 -9.13 -9.64
N LYS A 70 -8.97 -9.25 -10.45
CA LYS A 70 -7.69 -8.63 -10.13
C LYS A 70 -7.77 -7.11 -10.20
N GLY A 71 -7.56 -6.46 -9.05
CA GLY A 71 -7.60 -5.01 -8.99
C GLY A 71 -6.29 -4.42 -9.47
N GLU A 72 -5.92 -3.28 -8.89
CA GLU A 72 -4.68 -2.62 -9.26
C GLU A 72 -4.51 -1.39 -8.40
N ARG A 73 -3.58 -1.44 -7.49
CA ARG A 73 -3.36 -0.32 -6.61
C ARG A 73 -2.12 0.42 -7.04
N THR A 74 -2.20 1.72 -7.02
CA THR A 74 -1.08 2.55 -7.39
C THR A 74 -0.06 2.56 -6.27
N HIS A 75 1.21 2.43 -6.64
CA HIS A 75 2.26 2.40 -5.65
C HIS A 75 3.14 3.63 -5.71
N TYR A 76 3.10 4.37 -4.60
CA TYR A 76 3.82 5.61 -4.49
C TYR A 76 5.21 5.39 -3.90
N ILE A 77 6.21 5.53 -4.75
CA ILE A 77 7.60 5.33 -4.35
C ILE A 77 8.23 6.64 -3.89
N SER A 78 9.27 6.54 -3.08
CA SER A 78 9.97 7.70 -2.57
C SER A 78 11.41 7.74 -3.06
N VAL A 79 11.71 8.70 -3.93
CA VAL A 79 13.05 8.83 -4.49
C VAL A 79 13.99 9.55 -3.52
N LEU A 80 14.77 8.78 -2.78
CA LEU A 80 15.71 9.34 -1.81
C LEU A 80 17.15 9.16 -2.29
N THR A 81 18.01 10.11 -1.92
CA THR A 81 19.41 10.05 -2.31
C THR A 81 20.19 9.10 -1.40
N GLU A 82 20.54 7.94 -1.94
CA GLU A 82 21.28 6.94 -1.17
C GLU A 82 22.50 6.47 -1.95
N ASN A 83 23.68 6.55 -1.31
CA ASN A 83 24.92 6.14 -1.94
C ASN A 83 25.19 6.95 -3.21
N GLY A 84 24.73 8.20 -3.21
CA GLY A 84 24.94 9.06 -4.36
C GLY A 84 24.07 8.65 -5.54
N LYS A 85 22.92 8.06 -5.25
CA LYS A 85 22.00 7.63 -6.30
C LYS A 85 20.55 7.71 -5.81
N THR A 86 19.62 7.61 -6.75
CA THR A 86 18.20 7.65 -6.42
C THR A 86 17.57 6.27 -6.52
N THR A 87 17.57 5.54 -5.42
CA THR A 87 17.00 4.20 -5.39
C THR A 87 15.48 4.26 -5.41
N GLU A 88 14.85 3.22 -5.96
CA GLU A 88 13.40 3.17 -6.05
C GLU A 88 12.84 2.19 -5.02
N THR A 89 12.17 2.72 -4.01
CA THR A 89 11.59 1.91 -2.96
C THR A 89 10.22 2.45 -2.55
N VAL A 90 9.20 1.61 -2.66
CA VAL A 90 7.84 2.00 -2.31
C VAL A 90 7.59 1.82 -0.81
N LEU A 91 6.71 2.66 -0.27
CA LEU A 91 6.40 2.59 1.16
C LEU A 91 4.94 2.98 1.43
N ASP A 92 4.46 4.02 0.74
CA ASP A 92 3.09 4.49 0.92
C ASP A 92 2.27 4.35 -0.36
N SER A 93 1.37 3.37 -0.36
CA SER A 93 0.49 3.15 -1.51
C SER A 93 -0.89 2.72 -1.04
N GLN A 94 -1.89 3.46 -1.47
CA GLN A 94 -3.27 3.16 -1.12
C GLN A 94 -3.86 2.22 -2.16
N VAL A 95 -4.99 1.62 -1.86
CA VAL A 95 -5.60 0.70 -2.80
C VAL A 95 -6.45 1.46 -3.79
N THR A 96 -6.00 1.53 -5.04
CA THR A 96 -6.74 2.25 -6.06
C THR A 96 -7.21 1.31 -7.16
N LYS A 97 -8.30 0.63 -6.87
CA LYS A 97 -8.94 -0.32 -7.79
C LYS A 97 -9.60 -1.43 -6.98
N GLU A 98 -8.99 -1.75 -5.83
CA GLU A 98 -9.51 -2.80 -4.96
C GLU A 98 -9.63 -4.13 -5.68
N VAL A 99 -8.75 -5.07 -5.34
CA VAL A 99 -8.77 -6.39 -5.96
C VAL A 99 -9.97 -7.17 -5.45
N ILE A 100 -11.00 -7.28 -6.30
CA ILE A 100 -12.22 -7.99 -5.93
C ILE A 100 -11.93 -9.47 -5.70
N ASN A 101 -12.40 -9.98 -4.57
CA ASN A 101 -12.21 -11.38 -4.21
C ASN A 101 -13.46 -12.20 -4.53
N GLN A 102 -13.25 -13.38 -5.08
CA GLN A 102 -14.36 -14.27 -5.43
C GLN A 102 -14.98 -14.87 -4.18
N VAL A 103 -16.18 -14.40 -3.84
CA VAL A 103 -16.88 -14.89 -2.66
C VAL A 103 -17.92 -15.94 -3.04
N VAL A 104 -17.56 -17.21 -2.86
CA VAL A 104 -18.47 -18.31 -3.19
C VAL A 104 -18.83 -19.11 -1.95
N GLU A 105 -20.12 -19.33 -1.75
CA GLU A 105 -20.60 -20.09 -0.59
C GLU A 105 -21.12 -21.45 -1.02
N VAL A 106 -20.48 -22.51 -0.54
CA VAL A 106 -20.89 -23.87 -0.86
C VAL A 106 -21.85 -24.43 0.18
N GLY A 107 -22.82 -25.21 -0.28
CA GLY A 107 -23.79 -25.79 0.64
C GLY A 107 -23.24 -26.97 1.39
N ALA A 108 -23.47 -27.00 2.70
CA ALA A 108 -22.99 -28.09 3.54
C ALA A 108 -23.81 -28.21 4.83
N PRO A 109 -25.13 -28.34 4.71
CA PRO A 109 -26.03 -28.45 5.86
C PRO A 109 -25.87 -29.79 6.58
N VAL A 110 -24.68 -30.02 7.12
CA VAL A 110 -24.40 -31.26 7.84
C VAL A 110 -24.59 -32.48 6.94
N THR A 111 -23.96 -33.59 7.32
CA THR A 111 -24.06 -34.82 6.54
C THR A 111 -25.21 -35.69 7.04
N HIS A 112 -25.10 -36.14 8.29
CA HIS A 112 -26.14 -36.99 8.88
C HIS A 112 -26.16 -36.81 10.40
N MET A 1 46.70 24.66 39.21
CA MET A 1 47.49 25.44 38.22
C MET A 1 48.62 24.60 37.63
N GLY A 2 49.65 24.35 38.44
CA GLY A 2 50.78 23.57 37.97
C GLY A 2 52.01 24.41 37.72
N SER A 3 52.40 25.22 38.69
CA SER A 3 53.56 26.09 38.57
C SER A 3 53.38 27.07 37.40
N SER A 4 52.16 27.50 37.19
CA SER A 4 51.86 28.44 36.12
C SER A 4 51.62 29.84 36.66
N HIS A 6 52.67 30.65 36.69
CA HIS A 6 52.58 32.02 37.19
C HIS A 6 52.63 33.02 36.03
N HIS A 7 51.59 33.85 35.95
CA HIS A 7 51.52 34.86 34.90
C HIS A 7 51.49 34.20 33.51
N HIS A 8 50.35 34.30 32.84
CA HIS A 8 50.22 33.72 31.51
C HIS A 8 51.22 34.33 30.53
N HIS A 9 51.52 33.60 29.47
CA HIS A 9 52.47 34.06 28.46
C HIS A 9 51.86 34.00 27.07
N HIS A 10 51.69 32.77 26.56
CA HIS A 10 51.11 32.57 25.24
C HIS A 10 50.85 31.10 24.98
N SER A 11 50.47 30.38 26.03
CA SER A 11 50.18 28.95 25.92
C SER A 11 51.40 28.19 25.43
N SER A 12 51.21 26.92 25.08
CA SER A 12 52.30 26.07 24.60
C SER A 12 52.44 26.16 23.08
N GLY A 13 51.30 26.37 22.42
CA GLY A 13 51.31 26.46 20.97
C GLY A 13 50.66 25.27 20.30
N LEU A 14 49.74 24.62 21.01
CA LEU A 14 49.05 23.45 20.48
C LEU A 14 47.56 23.73 20.31
N VAL A 15 47.03 23.41 19.14
CA VAL A 15 45.62 23.63 18.85
C VAL A 15 44.73 22.89 19.85
N PRO A 16 44.04 23.63 20.74
CA PRO A 16 43.16 23.03 21.75
C PRO A 16 41.90 22.43 21.13
N ARG A 17 41.28 23.18 20.23
CA ARG A 17 40.06 22.72 19.58
C ARG A 17 39.92 23.35 18.19
N GLY A 18 39.67 22.52 17.18
CA GLY A 18 39.52 23.02 15.83
C GLY A 18 38.08 23.35 15.49
N SER A 19 37.60 24.47 16.01
CA SER A 19 36.22 24.89 15.76
C SER A 19 36.19 26.06 14.78
N HIS A 20 35.67 25.81 13.58
CA HIS A 20 35.58 26.84 12.56
C HIS A 20 34.87 26.31 11.31
N MET A 21 33.56 26.50 11.24
CA MET A 21 32.78 26.04 10.10
C MET A 21 33.26 26.69 8.81
N SER A 22 32.60 26.36 7.71
CA SER A 22 32.95 26.91 6.42
C SER A 22 31.85 27.82 5.89
N LEU A 23 30.63 27.30 5.84
CA LEU A 23 29.48 28.06 5.36
C LEU A 23 28.17 27.38 5.75
N ASP A 24 27.15 28.19 6.03
CA ASP A 24 25.84 27.67 6.41
C ASP A 24 25.93 26.87 7.71
N GLU A 25 24.86 26.16 8.04
CA GLU A 25 24.83 25.36 9.25
C GLU A 25 25.01 26.23 10.49
N ASN A 26 24.47 27.43 10.45
CA ASN A 26 24.58 28.36 11.57
C ASN A 26 23.40 28.20 12.53
N GLU A 27 22.19 28.25 11.98
CA GLU A 27 20.99 28.12 12.79
C GLU A 27 20.60 26.65 12.94
N VAL A 28 19.47 26.40 13.60
CA VAL A 28 18.98 25.03 13.81
C VAL A 28 18.25 24.52 12.58
N ALA A 29 18.60 23.32 12.13
CA ALA A 29 17.97 22.72 10.97
C ALA A 29 18.48 21.29 10.75
N ALA A 30 17.76 20.32 11.30
CA ALA A 30 18.13 18.93 11.16
C ALA A 30 17.08 18.02 11.78
N ASN A 31 16.12 17.58 10.98
CA ASN A 31 15.05 16.71 11.45
C ASN A 31 15.13 15.34 10.76
N VAL A 32 15.23 15.35 9.44
CA VAL A 32 15.31 14.12 8.67
C VAL A 32 15.94 14.37 7.30
N GLU A 33 15.44 15.39 6.60
CA GLU A 33 15.94 15.73 5.27
C GLU A 33 15.80 14.55 4.32
N THR A 34 14.59 14.38 3.78
CA THR A 34 14.32 13.30 2.84
C THR A 34 12.89 13.37 2.32
N ARG A 35 12.69 14.15 1.27
CA ARG A 35 11.37 14.30 0.67
C ARG A 35 11.43 15.19 -0.57
N PRO A 36 12.22 14.79 -1.58
CA PRO A 36 12.38 15.56 -2.82
C PRO A 36 11.11 15.52 -3.68
N GLU A 37 10.54 14.33 -3.84
CA GLU A 37 9.33 14.16 -4.63
C GLU A 37 8.65 12.83 -4.31
N LEU A 38 7.35 12.77 -4.54
CA LEU A 38 6.58 11.56 -4.28
C LEU A 38 6.11 10.91 -5.58
N ILE A 39 6.54 9.68 -5.80
CA ILE A 39 6.16 8.94 -7.01
C ILE A 39 5.07 7.93 -6.68
N THR A 40 4.67 7.15 -7.67
CA THR A 40 3.62 6.15 -7.49
C THR A 40 3.68 5.09 -8.58
N ARG A 41 3.26 3.88 -8.24
CA ARG A 41 3.25 2.76 -9.16
C ARG A 41 2.33 1.68 -8.62
N THR A 42 1.46 1.14 -9.47
CA THR A 42 0.52 0.13 -9.03
C THR A 42 1.14 -1.26 -8.98
N GLU A 43 0.96 -1.89 -7.83
CA GLU A 43 1.47 -3.22 -7.59
C GLU A 43 0.36 -4.25 -7.82
N GLU A 44 0.72 -5.38 -8.40
CA GLU A 44 -0.24 -6.43 -8.68
C GLU A 44 -0.77 -7.06 -7.40
N ILE A 45 -1.94 -6.59 -6.97
CA ILE A 45 -2.58 -7.09 -5.75
C ILE A 45 -3.77 -7.98 -6.11
N PRO A 46 -3.54 -9.31 -6.19
CA PRO A 46 -4.60 -10.26 -6.53
C PRO A 46 -5.54 -10.57 -5.37
N PHE A 47 -6.74 -11.04 -5.71
CA PHE A 47 -7.75 -11.38 -4.71
C PHE A 47 -7.57 -12.81 -4.21
N GLU A 48 -8.50 -13.27 -3.39
CA GLU A 48 -8.45 -14.62 -2.85
C GLU A 48 -9.85 -15.19 -2.65
N VAL A 49 -10.27 -16.07 -3.56
CA VAL A 49 -11.58 -16.69 -3.49
C VAL A 49 -11.68 -17.61 -2.27
N ILE A 50 -12.77 -17.48 -1.52
CA ILE A 50 -12.99 -18.29 -0.34
C ILE A 50 -14.12 -19.29 -0.55
N LYS A 51 -14.10 -20.37 0.22
CA LYS A 51 -15.12 -21.40 0.11
C LYS A 51 -15.76 -21.67 1.47
N LYS A 52 -16.94 -21.10 1.68
CA LYS A 52 -17.66 -21.29 2.94
C LYS A 52 -18.81 -22.28 2.77
N GLU A 53 -19.42 -22.64 3.89
CA GLU A 53 -20.54 -23.58 3.87
C GLU A 53 -21.87 -22.85 3.77
N ASN A 54 -22.67 -23.22 2.77
CA ASN A 54 -23.97 -22.59 2.56
C ASN A 54 -25.09 -23.47 3.10
N PRO A 55 -25.55 -23.21 4.34
CA PRO A 55 -26.63 -23.99 4.96
C PRO A 55 -27.97 -23.78 4.28
N ASN A 56 -28.09 -22.70 3.51
CA ASN A 56 -29.33 -22.39 2.80
C ASN A 56 -29.27 -22.86 1.36
N LEU A 57 -28.50 -23.92 1.12
CA LEU A 57 -28.34 -24.48 -0.23
C LEU A 57 -28.71 -25.96 -0.25
N PRO A 58 -28.83 -26.55 -1.45
CA PRO A 58 -29.18 -27.96 -1.61
C PRO A 58 -27.96 -28.87 -1.59
N ALA A 59 -26.91 -28.45 -0.87
CA ALA A 59 -25.70 -29.24 -0.77
C ALA A 59 -25.03 -29.42 -2.13
N GLY A 60 -23.70 -29.43 -2.12
CA GLY A 60 -22.96 -29.58 -3.37
C GLY A 60 -23.32 -28.54 -4.41
N GLN A 61 -23.83 -27.40 -3.95
CA GLN A 61 -24.21 -26.32 -4.86
C GLN A 61 -23.25 -25.14 -4.74
N GLU A 62 -23.17 -24.33 -5.78
CA GLU A 62 -22.30 -23.16 -5.78
C GLU A 62 -22.98 -21.98 -6.46
N ASN A 63 -22.67 -20.77 -5.99
CA ASN A 63 -23.25 -19.56 -6.55
C ASN A 63 -22.24 -18.40 -6.51
N ILE A 64 -22.07 -17.74 -7.65
CA ILE A 64 -21.14 -16.63 -7.74
C ILE A 64 -21.81 -15.31 -7.35
N ILE A 65 -21.69 -14.95 -6.07
CA ILE A 65 -22.29 -13.73 -5.56
C ILE A 65 -21.51 -12.51 -6.05
N THR A 66 -20.19 -12.60 -6.00
CA THR A 66 -19.31 -11.52 -6.44
C THR A 66 -17.96 -12.06 -6.88
N ALA A 67 -17.82 -12.32 -8.18
CA ALA A 67 -16.58 -12.85 -8.73
C ALA A 67 -15.36 -12.09 -8.22
N GLY A 68 -14.22 -12.78 -8.17
CA GLY A 68 -12.99 -12.18 -7.70
C GLY A 68 -12.09 -11.74 -8.83
N VAL A 69 -11.59 -10.52 -8.75
CA VAL A 69 -10.70 -9.98 -9.79
C VAL A 69 -9.52 -9.24 -9.17
N LYS A 70 -8.32 -9.57 -9.63
CA LYS A 70 -7.11 -8.94 -9.12
C LYS A 70 -7.10 -7.44 -9.39
N GLY A 71 -7.19 -6.65 -8.33
CA GLY A 71 -7.18 -5.21 -8.48
C GLY A 71 -5.79 -4.69 -8.76
N GLU A 72 -5.47 -3.51 -8.24
CA GLU A 72 -4.16 -2.93 -8.44
C GLU A 72 -4.09 -1.63 -7.69
N ARG A 73 -3.31 -1.62 -6.62
CA ARG A 73 -3.20 -0.42 -5.83
C ARG A 73 -1.94 0.33 -6.20
N THR A 74 -2.06 1.64 -6.19
CA THR A 74 -0.94 2.48 -6.51
C THR A 74 0.01 2.51 -5.34
N HIS A 75 1.30 2.56 -5.63
CA HIS A 75 2.31 2.58 -4.60
C HIS A 75 3.24 3.74 -4.76
N TYR A 76 3.22 4.60 -3.75
CA TYR A 76 4.01 5.81 -3.75
C TYR A 76 5.39 5.55 -3.16
N ILE A 77 6.39 5.64 -4.02
CA ILE A 77 7.77 5.42 -3.63
C ILE A 77 8.51 6.72 -3.41
N SER A 78 9.62 6.66 -2.69
CA SER A 78 10.42 7.85 -2.40
C SER A 78 11.72 7.83 -3.21
N VAL A 79 11.89 8.84 -4.06
CA VAL A 79 13.10 8.93 -4.89
C VAL A 79 14.26 9.54 -4.10
N LEU A 80 15.13 8.67 -3.59
CA LEU A 80 16.29 9.10 -2.82
C LEU A 80 17.56 9.03 -3.67
N THR A 81 18.32 10.13 -3.68
CA THR A 81 19.56 10.20 -4.45
C THR A 81 20.76 9.88 -3.57
N GLU A 82 21.50 8.84 -3.92
CA GLU A 82 22.67 8.43 -3.15
C GLU A 82 23.84 8.10 -4.08
N ASN A 83 24.75 9.05 -4.24
CA ASN A 83 25.92 8.85 -5.09
C ASN A 83 25.49 8.59 -6.54
N GLY A 84 24.42 9.24 -6.96
CA GLY A 84 23.92 9.07 -8.31
C GLY A 84 23.25 7.73 -8.51
N LYS A 85 22.35 7.37 -7.59
CA LYS A 85 21.63 6.11 -7.66
C LYS A 85 20.19 6.28 -7.21
N THR A 86 19.25 5.93 -8.08
CA THR A 86 17.83 6.04 -7.78
C THR A 86 17.31 4.76 -7.13
N THR A 87 16.95 4.87 -5.84
CA THR A 87 16.43 3.71 -5.10
C THR A 87 14.92 3.84 -4.90
N GLU A 88 14.18 2.89 -5.45
CA GLU A 88 12.72 2.89 -5.31
C GLU A 88 12.28 2.02 -4.14
N THR A 89 12.08 2.65 -2.99
CA THR A 89 11.65 1.94 -1.79
C THR A 89 10.23 2.32 -1.40
N VAL A 90 9.31 1.36 -1.50
CA VAL A 90 7.91 1.59 -1.16
C VAL A 90 7.77 2.20 0.24
N LEU A 91 7.02 3.28 0.34
CA LEU A 91 6.81 3.95 1.62
C LEU A 91 5.33 3.98 1.99
N ASP A 92 4.57 4.83 1.31
CA ASP A 92 3.14 4.96 1.58
C ASP A 92 2.32 4.72 0.32
N SER A 93 1.30 3.88 0.44
CA SER A 93 0.41 3.57 -0.67
C SER A 93 -1.02 3.41 -0.22
N GLN A 94 -1.92 3.43 -1.19
CA GLN A 94 -3.34 3.30 -0.93
C GLN A 94 -3.92 2.23 -1.85
N VAL A 95 -5.13 1.79 -1.55
CA VAL A 95 -5.75 0.81 -2.41
C VAL A 95 -6.45 1.56 -3.52
N THR A 96 -5.87 1.50 -4.70
CA THR A 96 -6.43 2.22 -5.82
C THR A 96 -6.77 1.27 -6.96
N LYS A 97 -7.92 0.63 -6.82
CA LYS A 97 -8.48 -0.30 -7.80
C LYS A 97 -9.44 -1.27 -7.10
N GLU A 98 -9.15 -1.55 -5.84
CA GLU A 98 -9.98 -2.45 -5.05
C GLU A 98 -9.95 -3.86 -5.64
N VAL A 99 -9.17 -4.74 -5.05
CA VAL A 99 -9.06 -6.10 -5.52
C VAL A 99 -10.34 -6.87 -5.21
N ILE A 100 -11.17 -7.05 -6.22
CA ILE A 100 -12.44 -7.75 -6.06
C ILE A 100 -12.20 -9.21 -5.67
N ASN A 101 -12.92 -9.67 -4.66
CA ASN A 101 -12.80 -11.04 -4.19
C ASN A 101 -13.95 -11.90 -4.69
N GLN A 102 -13.65 -13.16 -5.02
CA GLN A 102 -14.66 -14.09 -5.51
C GLN A 102 -15.52 -14.60 -4.36
N VAL A 103 -16.77 -14.16 -4.32
CA VAL A 103 -17.69 -14.58 -3.27
C VAL A 103 -18.55 -15.74 -3.74
N VAL A 104 -18.31 -16.92 -3.17
CA VAL A 104 -19.06 -18.11 -3.53
C VAL A 104 -19.41 -18.94 -2.31
N GLU A 105 -20.68 -19.24 -2.13
CA GLU A 105 -21.15 -20.03 -0.99
C GLU A 105 -21.44 -21.46 -1.41
N VAL A 106 -20.58 -22.39 -0.99
CA VAL A 106 -20.75 -23.80 -1.32
C VAL A 106 -21.54 -24.53 -0.24
N GLY A 107 -22.74 -24.98 -0.58
CA GLY A 107 -23.57 -25.69 0.37
C GLY A 107 -22.91 -26.94 0.90
N ALA A 108 -23.11 -27.23 2.18
CA ALA A 108 -22.52 -28.40 2.81
C ALA A 108 -22.94 -29.69 2.08
N PRO A 109 -22.01 -30.33 1.36
CA PRO A 109 -22.30 -31.57 0.62
C PRO A 109 -22.56 -32.75 1.55
N VAL A 110 -22.59 -33.95 0.98
CA VAL A 110 -22.83 -35.15 1.76
C VAL A 110 -21.66 -36.13 1.63
N THR A 111 -21.44 -36.93 2.67
CA THR A 111 -20.36 -37.91 2.67
C THR A 111 -20.88 -39.30 2.32
N HIS A 112 -21.87 -39.35 1.43
CA HIS A 112 -22.46 -40.62 1.01
C HIS A 112 -23.05 -41.36 2.20
N MET A 1 11.83 27.25 -20.29
CA MET A 1 12.06 25.98 -21.03
C MET A 1 10.88 25.03 -20.88
N GLY A 2 10.77 24.08 -21.80
CA GLY A 2 9.68 23.11 -21.75
C GLY A 2 10.09 21.81 -21.09
N SER A 3 10.87 21.91 -20.02
CA SER A 3 11.33 20.73 -19.29
C SER A 3 11.42 21.01 -17.80
N SER A 4 10.27 20.95 -17.13
CA SER A 4 10.22 21.20 -15.69
C SER A 4 10.25 19.88 -14.92
N HIS A 6 10.94 19.88 -13.79
CA HIS A 6 11.05 18.69 -12.94
C HIS A 6 10.84 19.04 -11.48
N HIS A 7 11.51 20.09 -11.02
CA HIS A 7 11.37 20.52 -9.63
C HIS A 7 9.95 20.95 -9.32
N HIS A 8 9.56 22.13 -9.80
CA HIS A 8 8.22 22.65 -9.57
C HIS A 8 7.99 23.93 -10.36
N HIS A 9 6.83 24.54 -10.16
CA HIS A 9 6.49 25.78 -10.87
C HIS A 9 5.97 26.83 -9.89
N HIS A 10 5.00 26.44 -9.06
CA HIS A 10 4.42 27.34 -8.09
C HIS A 10 4.01 26.60 -6.82
N SER A 11 3.00 25.74 -6.94
CA SER A 11 2.52 24.96 -5.82
C SER A 11 2.02 25.88 -4.69
N SER A 12 1.50 27.03 -5.08
CA SER A 12 0.98 27.99 -4.11
C SER A 12 -0.54 28.01 -4.11
N GLY A 13 -1.14 28.02 -2.92
CA GLY A 13 -2.58 28.03 -2.81
C GLY A 13 -3.11 27.07 -1.78
N LEU A 14 -3.12 25.78 -2.13
CA LEU A 14 -3.60 24.75 -1.22
C LEU A 14 -2.87 23.43 -1.46
N VAL A 15 -3.26 22.40 -0.71
CA VAL A 15 -2.65 21.08 -0.84
C VAL A 15 -1.16 21.14 -0.50
N PRO A 16 -0.82 20.96 0.78
CA PRO A 16 0.58 20.98 1.24
C PRO A 16 1.37 19.79 0.74
N ARG A 17 0.78 18.60 0.87
CA ARG A 17 1.44 17.37 0.44
C ARG A 17 2.76 17.16 1.17
N GLY A 18 2.82 17.65 2.41
CA GLY A 18 4.03 17.50 3.21
C GLY A 18 3.92 18.17 4.56
N SER A 19 3.32 17.48 5.52
CA SER A 19 3.14 18.00 6.87
C SER A 19 2.47 19.37 6.86
N HIS A 20 3.28 20.43 6.71
CA HIS A 20 2.77 21.79 6.68
C HIS A 20 2.21 22.20 8.05
N MET A 21 1.11 21.57 8.44
CA MET A 21 0.48 21.87 9.73
C MET A 21 0.79 20.79 10.76
N SER A 22 2.01 20.26 10.69
CA SER A 22 2.43 19.21 11.62
C SER A 22 3.90 19.39 12.00
N LEU A 23 4.23 18.98 13.23
CA LEU A 23 5.59 19.09 13.72
C LEU A 23 6.28 17.73 13.77
N ASP A 24 5.51 16.71 14.14
CA ASP A 24 6.04 15.35 14.23
C ASP A 24 4.91 14.33 14.39
N GLU A 25 5.28 13.07 14.56
CA GLU A 25 4.30 12.01 14.72
C GLU A 25 4.71 11.06 15.84
N ASN A 26 3.74 10.38 16.44
CA ASN A 26 4.00 9.43 17.51
C ASN A 26 3.86 8.00 17.04
N GLU A 27 4.18 7.76 15.77
CA GLU A 27 4.10 6.43 15.18
C GLU A 27 5.34 6.10 14.37
N VAL A 28 5.65 4.81 14.27
CA VAL A 28 6.81 4.36 13.52
C VAL A 28 8.11 4.75 14.24
N ALA A 29 8.38 6.05 14.28
CA ALA A 29 9.58 6.55 14.93
C ALA A 29 10.84 5.99 14.28
N ALA A 30 11.98 6.21 14.91
CA ALA A 30 13.25 5.73 14.39
C ALA A 30 13.54 6.32 13.02
N ASN A 31 14.49 7.26 12.97
CA ASN A 31 14.86 7.91 11.72
C ASN A 31 13.66 8.63 11.09
N VAL A 32 13.92 9.46 10.10
CA VAL A 32 12.87 10.20 9.42
C VAL A 32 13.15 10.31 7.93
N GLU A 33 12.23 10.96 7.20
CA GLU A 33 12.38 11.13 5.76
C GLU A 33 12.15 12.59 5.36
N THR A 34 12.76 13.00 4.26
CA THR A 34 12.62 14.36 3.76
C THR A 34 11.46 14.45 2.78
N ARG A 35 11.22 13.39 2.04
CA ARG A 35 10.15 13.35 1.06
C ARG A 35 10.35 14.43 -0.01
N PRO A 36 11.38 14.27 -0.85
CA PRO A 36 11.69 15.23 -1.92
C PRO A 36 10.65 15.19 -3.04
N GLU A 37 10.29 13.99 -3.47
CA GLU A 37 9.32 13.81 -4.53
C GLU A 37 8.56 12.50 -4.36
N LEU A 38 7.25 12.61 -4.13
CA LEU A 38 6.41 11.43 -3.94
C LEU A 38 5.93 10.89 -5.28
N ILE A 39 6.38 9.68 -5.62
CA ILE A 39 5.98 9.04 -6.87
C ILE A 39 4.91 7.99 -6.61
N THR A 40 4.50 7.28 -7.66
CA THR A 40 3.46 6.26 -7.54
C THR A 40 3.48 5.31 -8.73
N ARG A 41 3.16 4.06 -8.45
CA ARG A 41 3.11 3.01 -9.46
C ARG A 41 1.94 2.10 -9.13
N THR A 42 1.95 0.88 -9.63
CA THR A 42 0.87 -0.05 -9.32
C THR A 42 1.38 -1.48 -9.23
N GLU A 43 1.07 -2.13 -8.11
CA GLU A 43 1.48 -3.50 -7.91
C GLU A 43 0.35 -4.47 -8.23
N GLU A 44 0.67 -5.53 -8.94
CA GLU A 44 -0.32 -6.53 -9.31
C GLU A 44 -0.81 -7.27 -8.07
N ILE A 45 -1.93 -6.79 -7.52
CA ILE A 45 -2.51 -7.40 -6.33
C ILE A 45 -3.72 -8.27 -6.70
N PRO A 46 -3.51 -9.59 -6.84
CA PRO A 46 -4.58 -10.53 -7.20
C PRO A 46 -5.49 -10.88 -6.03
N PHE A 47 -6.68 -11.38 -6.36
CA PHE A 47 -7.67 -11.77 -5.37
C PHE A 47 -7.46 -13.20 -4.90
N GLU A 48 -8.38 -13.69 -4.09
CA GLU A 48 -8.31 -15.05 -3.57
C GLU A 48 -9.70 -15.59 -3.26
N VAL A 49 -10.13 -16.60 -4.02
CA VAL A 49 -11.44 -17.20 -3.82
C VAL A 49 -11.51 -17.93 -2.48
N ILE A 50 -12.69 -17.92 -1.88
CA ILE A 50 -12.91 -18.57 -0.60
C ILE A 50 -14.06 -19.57 -0.67
N LYS A 51 -14.04 -20.55 0.22
CA LYS A 51 -15.08 -21.57 0.26
C LYS A 51 -16.04 -21.33 1.43
N LYS A 52 -17.19 -20.76 1.14
CA LYS A 52 -18.18 -20.47 2.16
C LYS A 52 -19.24 -21.57 2.23
N GLU A 53 -19.73 -21.84 3.44
CA GLU A 53 -20.75 -22.87 3.64
C GLU A 53 -22.08 -22.24 4.02
N ASN A 54 -23.12 -22.54 3.23
CA ASN A 54 -24.45 -22.00 3.50
C ASN A 54 -25.47 -23.13 3.65
N PRO A 55 -26.26 -23.11 4.75
CA PRO A 55 -27.27 -24.14 5.00
C PRO A 55 -28.50 -23.97 4.12
N ASN A 56 -28.74 -22.75 3.67
CA ASN A 56 -29.89 -22.45 2.81
C ASN A 56 -29.89 -23.35 1.57
N LEU A 57 -28.76 -23.40 0.88
CA LEU A 57 -28.64 -24.22 -0.32
C LEU A 57 -28.88 -25.70 0.01
N PRO A 58 -29.06 -26.54 -1.03
CA PRO A 58 -29.30 -27.97 -0.85
C PRO A 58 -28.01 -28.77 -0.67
N ALA A 59 -27.01 -28.16 -0.05
CA ALA A 59 -25.73 -28.82 0.18
C ALA A 59 -25.06 -29.19 -1.12
N GLY A 60 -23.86 -28.65 -1.35
CA GLY A 60 -23.12 -28.94 -2.56
C GLY A 60 -23.33 -27.89 -3.65
N GLN A 61 -24.48 -27.22 -3.60
CA GLN A 61 -24.79 -26.20 -4.59
C GLN A 61 -23.91 -24.96 -4.40
N GLU A 62 -23.30 -24.52 -5.48
CA GLU A 62 -22.42 -23.34 -5.44
C GLU A 62 -23.18 -22.08 -5.83
N ASN A 63 -22.66 -20.93 -5.42
CA ASN A 63 -23.28 -19.65 -5.72
C ASN A 63 -22.28 -18.51 -5.63
N ILE A 64 -22.06 -17.83 -6.75
CA ILE A 64 -21.12 -16.72 -6.79
C ILE A 64 -21.83 -15.39 -6.58
N ILE A 65 -21.27 -14.57 -5.69
CA ILE A 65 -21.86 -13.27 -5.39
C ILE A 65 -21.03 -12.14 -6.01
N THR A 66 -19.71 -12.31 -5.98
CA THR A 66 -18.80 -11.31 -6.54
C THR A 66 -17.55 -11.99 -7.10
N ALA A 67 -17.55 -12.23 -8.40
CA ALA A 67 -16.42 -12.88 -9.06
C ALA A 67 -15.09 -12.22 -8.70
N GLY A 68 -14.13 -13.04 -8.27
CA GLY A 68 -12.83 -12.52 -7.89
C GLY A 68 -12.06 -11.97 -9.07
N VAL A 69 -11.64 -10.71 -8.97
CA VAL A 69 -10.89 -10.07 -10.04
C VAL A 69 -9.67 -9.35 -9.50
N LYS A 70 -8.52 -9.61 -10.13
CA LYS A 70 -7.26 -9.01 -9.70
C LYS A 70 -7.31 -7.49 -9.84
N GLY A 71 -7.26 -6.79 -8.70
CA GLY A 71 -7.28 -5.34 -8.71
C GLY A 71 -5.92 -4.78 -9.06
N GLU A 72 -5.57 -3.64 -8.48
CA GLU A 72 -4.28 -3.03 -8.74
C GLU A 72 -4.16 -1.79 -7.90
N ARG A 73 -3.31 -1.84 -6.89
CA ARG A 73 -3.13 -0.70 -6.04
C ARG A 73 -1.91 0.08 -6.44
N THR A 74 -2.04 1.39 -6.35
CA THR A 74 -0.95 2.25 -6.70
C THR A 74 0.08 2.21 -5.59
N HIS A 75 1.34 2.39 -5.95
CA HIS A 75 2.42 2.34 -4.98
C HIS A 75 3.31 3.55 -5.07
N TYR A 76 3.34 4.29 -3.98
CA TYR A 76 4.11 5.52 -3.90
C TYR A 76 5.51 5.24 -3.38
N ILE A 77 6.48 5.32 -4.28
CA ILE A 77 7.87 5.08 -3.94
C ILE A 77 8.55 6.38 -3.52
N SER A 78 9.65 6.26 -2.79
CA SER A 78 10.41 7.43 -2.32
C SER A 78 11.72 7.56 -3.07
N VAL A 79 11.87 8.66 -3.80
CA VAL A 79 13.09 8.91 -4.57
C VAL A 79 14.16 9.56 -3.70
N LEU A 80 15.09 8.73 -3.22
CA LEU A 80 16.17 9.21 -2.37
C LEU A 80 17.47 9.30 -3.16
N THR A 81 18.26 10.34 -2.88
CA THR A 81 19.53 10.54 -3.56
C THR A 81 20.67 9.84 -2.81
N GLU A 82 20.97 8.61 -3.22
CA GLU A 82 22.03 7.84 -2.58
C GLU A 82 23.31 7.91 -3.40
N ASN A 83 24.28 8.67 -2.91
CA ASN A 83 25.56 8.82 -3.60
C ASN A 83 25.37 9.41 -4.99
N GLY A 84 24.37 10.28 -5.12
CA GLY A 84 24.10 10.91 -6.40
C GLY A 84 23.31 10.01 -7.33
N LYS A 85 22.40 9.23 -6.76
CA LYS A 85 21.57 8.31 -7.55
C LYS A 85 20.17 8.20 -6.95
N THR A 86 19.18 8.00 -7.81
CA THR A 86 17.80 7.86 -7.37
C THR A 86 17.37 6.41 -7.37
N THR A 87 16.98 5.92 -6.19
CA THR A 87 16.54 4.53 -6.05
C THR A 87 15.04 4.46 -5.79
N GLU A 88 14.42 3.37 -6.22
CA GLU A 88 12.99 3.18 -6.04
C GLU A 88 12.71 2.17 -4.92
N THR A 89 12.32 2.68 -3.76
CA THR A 89 12.01 1.83 -2.62
C THR A 89 10.59 2.06 -2.13
N VAL A 90 9.78 0.99 -2.13
CA VAL A 90 8.40 1.07 -1.69
C VAL A 90 8.29 1.76 -0.33
N LEU A 91 7.64 2.92 -0.30
CA LEU A 91 7.48 3.68 0.93
C LEU A 91 6.05 3.56 1.47
N ASP A 92 5.11 4.18 0.78
CA ASP A 92 3.71 4.15 1.19
C ASP A 92 2.78 4.01 -0.01
N SER A 93 1.76 3.16 0.13
CA SER A 93 0.79 2.94 -0.93
C SER A 93 -0.60 2.73 -0.35
N GLN A 94 -1.58 2.83 -1.24
CA GLN A 94 -2.97 2.65 -0.88
C GLN A 94 -3.61 1.67 -1.84
N VAL A 95 -4.79 1.18 -1.51
CA VAL A 95 -5.47 0.26 -2.39
C VAL A 95 -6.24 1.08 -3.39
N THR A 96 -5.74 1.13 -4.61
CA THR A 96 -6.39 1.92 -5.64
C THR A 96 -6.81 1.04 -6.81
N LYS A 97 -7.94 0.40 -6.62
CA LYS A 97 -8.56 -0.49 -7.61
C LYS A 97 -9.44 -1.51 -6.91
N GLU A 98 -9.07 -1.85 -5.68
CA GLU A 98 -9.81 -2.82 -4.89
C GLU A 98 -9.86 -4.17 -5.60
N VAL A 99 -9.03 -5.10 -5.14
CA VAL A 99 -9.01 -6.43 -5.73
C VAL A 99 -10.27 -7.19 -5.37
N ILE A 100 -11.12 -7.37 -6.38
CA ILE A 100 -12.38 -8.07 -6.17
C ILE A 100 -12.14 -9.53 -5.78
N ASN A 101 -12.74 -9.94 -4.68
CA ASN A 101 -12.59 -11.31 -4.19
C ASN A 101 -13.76 -12.19 -4.66
N GLN A 102 -13.43 -13.40 -5.09
CA GLN A 102 -14.43 -14.34 -5.56
C GLN A 102 -15.30 -14.83 -4.41
N VAL A 103 -16.48 -14.24 -4.27
CA VAL A 103 -17.41 -14.62 -3.21
C VAL A 103 -18.28 -15.80 -3.63
N VAL A 104 -17.90 -16.99 -3.19
CA VAL A 104 -18.65 -18.20 -3.52
C VAL A 104 -19.18 -18.88 -2.27
N GLU A 105 -20.48 -19.13 -2.25
CA GLU A 105 -21.12 -19.78 -1.11
C GLU A 105 -21.67 -21.15 -1.50
N VAL A 106 -21.02 -22.21 -1.03
CA VAL A 106 -21.45 -23.57 -1.34
C VAL A 106 -22.32 -24.13 -0.22
N GLY A 107 -23.19 -25.07 -0.57
CA GLY A 107 -24.07 -25.68 0.42
C GLY A 107 -23.32 -26.54 1.41
N ALA A 108 -23.84 -26.64 2.62
CA ALA A 108 -23.21 -27.43 3.67
C ALA A 108 -24.21 -28.38 4.32
N PRO A 109 -24.21 -29.66 3.91
CA PRO A 109 -25.13 -30.67 4.45
C PRO A 109 -24.79 -31.03 5.90
N VAL A 110 -23.51 -31.26 6.16
CA VAL A 110 -23.07 -31.61 7.50
C VAL A 110 -21.55 -31.77 7.55
N THR A 111 -20.93 -31.16 8.57
CA THR A 111 -19.48 -31.22 8.73
C THR A 111 -19.08 -30.86 10.14
N HIS A 112 -18.69 -31.86 10.93
CA HIS A 112 -18.28 -31.66 12.31
C HIS A 112 -16.88 -31.07 12.37
N MET A 1 65.97 24.30 -10.61
CA MET A 1 66.32 25.21 -9.49
C MET A 1 67.68 24.87 -8.92
N GLY A 2 68.65 24.59 -9.79
CA GLY A 2 69.98 24.26 -9.34
C GLY A 2 70.97 25.40 -9.53
N SER A 3 71.37 25.62 -10.78
CA SER A 3 72.30 26.70 -11.09
C SER A 3 72.27 27.03 -12.59
N SER A 4 71.10 26.90 -13.19
CA SER A 4 70.93 27.19 -14.61
C SER A 4 69.64 27.97 -14.86
N HIS A 6 69.26 28.79 -13.89
CA HIS A 6 68.04 29.59 -14.01
C HIS A 6 67.88 30.51 -12.80
N HIS A 7 67.69 29.91 -11.63
CA HIS A 7 67.53 30.68 -10.40
C HIS A 7 67.85 29.82 -9.18
N HIS A 8 67.77 30.43 -7.99
CA HIS A 8 68.05 29.73 -6.75
C HIS A 8 66.95 29.97 -5.73
N HIS A 9 65.72 30.10 -6.20
CA HIS A 9 64.58 30.34 -5.33
C HIS A 9 64.19 29.07 -4.57
N HIS A 10 64.12 29.17 -3.26
CA HIS A 10 63.77 28.03 -2.42
C HIS A 10 62.37 27.51 -2.76
N SER A 11 61.37 28.35 -2.52
CA SER A 11 59.98 27.98 -2.80
C SER A 11 59.53 26.83 -1.92
N SER A 12 59.93 25.62 -2.30
CA SER A 12 59.57 24.42 -1.55
C SER A 12 58.06 24.22 -1.54
N GLY A 13 57.61 23.07 -2.06
CA GLY A 13 56.20 22.77 -2.11
C GLY A 13 55.56 22.76 -0.74
N LEU A 14 56.09 21.92 0.15
CA LEU A 14 55.57 21.82 1.51
C LEU A 14 54.11 21.38 1.50
N VAL A 15 53.46 21.46 2.66
CA VAL A 15 52.06 21.07 2.78
C VAL A 15 51.23 22.20 3.40
N PRO A 16 50.03 22.47 2.84
CA PRO A 16 49.16 23.53 3.36
C PRO A 16 48.56 23.17 4.72
N ARG A 17 48.30 24.20 5.52
CA ARG A 17 47.73 24.00 6.85
C ARG A 17 46.23 24.23 6.83
N GLY A 18 45.59 23.86 5.73
CA GLY A 18 44.14 24.03 5.61
C GLY A 18 43.78 25.31 4.89
N SER A 19 43.83 26.43 5.61
CA SER A 19 43.50 27.72 5.05
C SER A 19 42.02 27.82 4.72
N HIS A 20 41.60 27.09 3.70
CA HIS A 20 40.19 27.09 3.29
C HIS A 20 39.61 25.68 3.36
N MET A 21 38.84 25.41 4.41
CA MET A 21 38.22 24.11 4.59
C MET A 21 36.71 24.24 4.79
N SER A 22 36.31 25.01 5.79
CA SER A 22 34.90 25.22 6.07
C SER A 22 34.62 26.68 6.41
N LEU A 23 33.36 27.09 6.28
CA LEU A 23 32.97 28.46 6.57
C LEU A 23 31.47 28.56 6.81
N ASP A 24 30.69 27.99 5.89
CA ASP A 24 29.23 28.01 5.99
C ASP A 24 28.74 26.88 6.88
N GLU A 25 28.87 27.06 8.20
CA GLU A 25 28.44 26.06 9.16
C GLU A 25 26.99 26.28 9.57
N ASN A 26 26.06 25.85 8.72
CA ASN A 26 24.63 26.01 9.00
C ASN A 26 24.00 24.67 9.37
N GLU A 27 22.70 24.68 9.59
CA GLU A 27 21.97 23.48 9.96
C GLU A 27 21.12 22.97 8.79
N VAL A 28 20.65 23.91 7.97
CA VAL A 28 19.82 23.56 6.81
C VAL A 28 19.94 24.61 5.72
N ALA A 29 19.86 24.17 4.47
CA ALA A 29 19.97 25.07 3.33
C ALA A 29 18.68 25.88 3.16
N ALA A 30 17.62 25.20 2.76
CA ALA A 30 16.33 25.85 2.55
C ALA A 30 15.20 25.06 3.19
N ASN A 31 14.91 23.89 2.63
CA ASN A 31 13.85 23.03 3.14
C ASN A 31 13.91 21.64 2.51
N VAL A 32 15.13 21.19 2.21
CA VAL A 32 15.32 19.88 1.61
C VAL A 32 15.31 18.78 2.67
N GLU A 33 14.85 17.60 2.28
CA GLU A 33 14.79 16.47 3.20
C GLU A 33 14.94 15.15 2.44
N THR A 34 14.86 14.05 3.17
CA THR A 34 15.00 12.72 2.58
C THR A 34 13.87 12.45 1.59
N ARG A 35 12.75 13.14 1.77
CA ARG A 35 11.60 12.97 0.89
C ARG A 35 11.45 14.16 -0.05
N PRO A 36 12.23 14.18 -1.14
CA PRO A 36 12.19 15.27 -2.13
C PRO A 36 10.88 15.27 -2.93
N GLU A 37 10.49 14.09 -3.41
CA GLU A 37 9.26 13.96 -4.19
C GLU A 37 8.63 12.60 -3.95
N LEU A 38 7.31 12.53 -4.12
CA LEU A 38 6.57 11.29 -3.92
C LEU A 38 6.07 10.73 -5.25
N ILE A 39 6.53 9.55 -5.60
CA ILE A 39 6.12 8.90 -6.85
C ILE A 39 5.07 7.82 -6.55
N THR A 40 4.64 7.11 -7.58
CA THR A 40 3.63 6.07 -7.42
C THR A 40 3.75 5.01 -8.52
N ARG A 41 3.18 3.85 -8.25
CA ARG A 41 3.20 2.72 -9.18
C ARG A 41 2.30 1.62 -8.65
N THR A 42 1.44 1.09 -9.48
CA THR A 42 0.50 0.06 -9.04
C THR A 42 1.14 -1.31 -9.01
N GLU A 43 0.97 -1.97 -7.87
CA GLU A 43 1.49 -3.30 -7.65
C GLU A 43 0.40 -4.34 -7.88
N GLU A 44 0.76 -5.45 -8.48
CA GLU A 44 -0.19 -6.51 -8.76
C GLU A 44 -0.71 -7.15 -7.48
N ILE A 45 -1.89 -6.69 -7.04
CA ILE A 45 -2.51 -7.21 -5.84
C ILE A 45 -3.68 -8.13 -6.18
N PRO A 46 -3.42 -9.44 -6.27
CA PRO A 46 -4.46 -10.43 -6.62
C PRO A 46 -5.41 -10.72 -5.46
N PHE A 47 -6.59 -11.22 -5.80
CA PHE A 47 -7.61 -11.54 -4.82
C PHE A 47 -7.42 -12.96 -4.28
N GLU A 48 -8.37 -13.41 -3.46
CA GLU A 48 -8.32 -14.75 -2.88
C GLU A 48 -9.71 -15.33 -2.73
N VAL A 49 -10.05 -16.27 -3.61
CA VAL A 49 -11.36 -16.92 -3.57
C VAL A 49 -11.52 -17.77 -2.32
N ILE A 50 -12.70 -17.71 -1.72
CA ILE A 50 -12.99 -18.47 -0.50
C ILE A 50 -14.19 -19.38 -0.70
N LYS A 51 -14.26 -20.44 0.10
CA LYS A 51 -15.36 -21.39 0.02
C LYS A 51 -16.11 -21.47 1.34
N LYS A 52 -17.25 -20.79 1.41
CA LYS A 52 -18.06 -20.78 2.63
C LYS A 52 -19.20 -21.79 2.53
N GLU A 53 -19.68 -22.25 3.68
CA GLU A 53 -20.76 -23.22 3.72
C GLU A 53 -22.09 -22.53 4.02
N ASN A 54 -23.09 -22.82 3.20
CA ASN A 54 -24.42 -22.22 3.37
C ASN A 54 -25.50 -23.30 3.48
N PRO A 55 -26.33 -23.27 4.54
CA PRO A 55 -27.39 -24.24 4.75
C PRO A 55 -28.57 -24.04 3.81
N ASN A 56 -28.76 -22.79 3.39
CA ASN A 56 -29.86 -22.45 2.48
C ASN A 56 -29.77 -23.24 1.18
N LEU A 57 -28.53 -23.49 0.73
CA LEU A 57 -28.32 -24.24 -0.50
C LEU A 57 -28.66 -25.72 -0.30
N PRO A 58 -28.92 -26.44 -1.41
CA PRO A 58 -29.27 -27.86 -1.36
C PRO A 58 -28.04 -28.77 -1.36
N ALA A 59 -26.99 -28.35 -0.67
CA ALA A 59 -25.76 -29.13 -0.58
C ALA A 59 -25.13 -29.30 -1.96
N GLY A 60 -23.79 -29.31 -2.00
CA GLY A 60 -23.08 -29.48 -3.25
C GLY A 60 -23.45 -28.41 -4.27
N GLN A 61 -23.84 -27.24 -3.78
CA GLN A 61 -24.22 -26.14 -4.65
C GLN A 61 -23.14 -25.06 -4.67
N GLU A 62 -23.27 -24.11 -5.60
CA GLU A 62 -22.30 -23.03 -5.71
C GLU A 62 -22.94 -21.81 -6.37
N ASN A 63 -22.71 -20.64 -5.78
CA ASN A 63 -23.26 -19.40 -6.31
C ASN A 63 -22.22 -18.28 -6.29
N ILE A 64 -21.98 -17.69 -7.46
CA ILE A 64 -21.00 -16.62 -7.58
C ILE A 64 -21.63 -15.26 -7.23
N ILE A 65 -21.50 -14.87 -5.97
CA ILE A 65 -22.05 -13.60 -5.51
C ILE A 65 -21.20 -12.43 -6.00
N THR A 66 -19.90 -12.67 -6.15
CA THR A 66 -18.98 -11.64 -6.61
C THR A 66 -17.66 -12.26 -7.05
N ALA A 67 -17.55 -12.56 -8.34
CA ALA A 67 -16.34 -13.16 -8.89
C ALA A 67 -15.08 -12.40 -8.46
N GLY A 68 -14.00 -13.15 -8.25
CA GLY A 68 -12.74 -12.53 -7.84
C GLY A 68 -11.99 -11.93 -9.01
N VAL A 69 -11.46 -10.73 -8.81
CA VAL A 69 -10.70 -10.05 -9.85
C VAL A 69 -9.51 -9.30 -9.26
N LYS A 70 -8.31 -9.66 -9.71
CA LYS A 70 -7.09 -9.03 -9.23
C LYS A 70 -7.11 -7.52 -9.48
N GLY A 71 -7.17 -6.74 -8.41
CA GLY A 71 -7.18 -5.30 -8.53
C GLY A 71 -5.81 -4.75 -8.84
N GLU A 72 -5.49 -3.58 -8.29
CA GLU A 72 -4.20 -2.97 -8.49
C GLU A 72 -4.13 -1.69 -7.70
N ARG A 73 -3.35 -1.69 -6.65
CA ARG A 73 -3.23 -0.50 -5.82
C ARG A 73 -1.99 0.26 -6.19
N THR A 74 -2.13 1.57 -6.22
CA THR A 74 -1.02 2.43 -6.54
C THR A 74 -0.08 2.51 -5.35
N HIS A 75 1.22 2.42 -5.64
CA HIS A 75 2.22 2.45 -4.60
C HIS A 75 3.12 3.66 -4.73
N TYR A 76 3.14 4.45 -3.66
CA TYR A 76 3.91 5.67 -3.64
C TYR A 76 5.32 5.42 -3.11
N ILE A 77 6.28 5.46 -4.02
CA ILE A 77 7.69 5.24 -3.67
C ILE A 77 8.41 6.55 -3.45
N SER A 78 9.54 6.49 -2.76
CA SER A 78 10.34 7.68 -2.48
C SER A 78 11.67 7.62 -3.21
N VAL A 79 11.93 8.64 -4.04
CA VAL A 79 13.17 8.70 -4.79
C VAL A 79 14.26 9.43 -4.03
N LEU A 80 15.26 8.69 -3.56
CA LEU A 80 16.36 9.27 -2.79
C LEU A 80 17.65 9.28 -3.63
N THR A 81 18.38 10.38 -3.55
CA THR A 81 19.63 10.52 -4.29
C THR A 81 20.79 9.90 -3.54
N GLU A 82 21.46 8.94 -4.17
CA GLU A 82 22.60 8.27 -3.55
C GLU A 82 23.80 8.23 -4.50
N ASN A 83 24.83 9.01 -4.17
CA ASN A 83 26.04 9.08 -4.98
C ASN A 83 25.71 9.18 -6.47
N GLY A 84 24.62 9.85 -6.78
CA GLY A 84 24.21 10.00 -8.17
C GLY A 84 23.37 8.85 -8.66
N LYS A 85 22.40 8.43 -7.85
CA LYS A 85 21.53 7.32 -8.20
C LYS A 85 20.14 7.50 -7.59
N THR A 86 19.14 6.86 -8.18
CA THR A 86 17.77 6.95 -7.70
C THR A 86 17.28 5.59 -7.20
N THR A 87 17.00 5.51 -5.90
CA THR A 87 16.51 4.27 -5.29
C THR A 87 14.99 4.23 -5.27
N GLU A 88 14.45 3.03 -5.33
CA GLU A 88 13.00 2.85 -5.32
C GLU A 88 12.57 1.98 -4.14
N THR A 89 12.40 2.61 -2.98
CA THR A 89 11.99 1.90 -1.78
C THR A 89 10.55 2.25 -1.40
N VAL A 90 9.70 1.22 -1.30
CA VAL A 90 8.30 1.42 -0.95
C VAL A 90 8.16 2.29 0.29
N LEU A 91 7.32 3.30 0.20
CA LEU A 91 7.09 4.21 1.31
C LEU A 91 5.66 4.11 1.84
N ASP A 92 4.70 4.48 1.00
CA ASP A 92 3.29 4.43 1.39
C ASP A 92 2.39 4.24 0.18
N SER A 93 1.34 3.45 0.34
CA SER A 93 0.39 3.20 -0.74
C SER A 93 -1.03 3.08 -0.22
N GLN A 94 -1.96 3.16 -1.15
CA GLN A 94 -3.37 3.06 -0.87
C GLN A 94 -3.98 2.02 -1.79
N VAL A 95 -5.19 1.58 -1.50
CA VAL A 95 -5.83 0.62 -2.36
C VAL A 95 -6.52 1.39 -3.46
N THR A 96 -5.95 1.36 -4.65
CA THR A 96 -6.50 2.09 -5.77
C THR A 96 -6.84 1.16 -6.91
N LYS A 97 -7.99 0.51 -6.77
CA LYS A 97 -8.54 -0.42 -7.76
C LYS A 97 -9.47 -1.41 -7.08
N GLU A 98 -9.15 -1.71 -5.82
CA GLU A 98 -9.94 -2.66 -5.04
C GLU A 98 -9.92 -4.04 -5.66
N VAL A 99 -9.11 -4.93 -5.09
CA VAL A 99 -9.01 -6.29 -5.61
C VAL A 99 -10.27 -7.07 -5.28
N ILE A 100 -11.08 -7.29 -6.30
CA ILE A 100 -12.34 -8.02 -6.14
C ILE A 100 -12.09 -9.45 -5.69
N ASN A 101 -12.77 -9.86 -4.63
CA ASN A 101 -12.62 -11.21 -4.10
C ASN A 101 -13.75 -12.12 -4.59
N GLN A 102 -13.39 -13.32 -5.02
CA GLN A 102 -14.37 -14.28 -5.50
C GLN A 102 -15.27 -14.78 -4.37
N VAL A 103 -16.47 -14.20 -4.27
CA VAL A 103 -17.41 -14.58 -3.23
C VAL A 103 -18.30 -15.73 -3.69
N VAL A 104 -18.20 -16.86 -3.00
CA VAL A 104 -18.99 -18.03 -3.34
C VAL A 104 -19.42 -18.79 -2.08
N GLU A 105 -20.68 -19.23 -2.06
CA GLU A 105 -21.22 -19.95 -0.92
C GLU A 105 -21.65 -21.36 -1.32
N VAL A 106 -20.93 -22.36 -0.83
CA VAL A 106 -21.23 -23.75 -1.14
C VAL A 106 -22.24 -24.33 -0.14
N GLY A 107 -23.09 -25.22 -0.62
CA GLY A 107 -24.08 -25.84 0.23
C GLY A 107 -23.47 -26.80 1.23
N ALA A 108 -24.06 -26.87 2.43
CA ALA A 108 -23.57 -27.76 3.47
C ALA A 108 -24.59 -27.89 4.60
N PRO A 109 -25.68 -28.63 4.37
CA PRO A 109 -26.72 -28.83 5.38
C PRO A 109 -26.27 -29.73 6.51
N VAL A 110 -26.59 -29.34 7.75
CA VAL A 110 -26.22 -30.12 8.92
C VAL A 110 -24.71 -30.08 9.16
N THR A 111 -23.96 -30.70 8.24
CA THR A 111 -22.51 -30.73 8.35
C THR A 111 -22.07 -31.43 9.62
N HIS A 112 -22.07 -32.76 9.59
CA HIS A 112 -21.67 -33.56 10.75
C HIS A 112 -20.15 -33.50 10.95
N MET A 1 61.95 21.07 27.96
CA MET A 1 62.17 19.65 27.58
C MET A 1 60.90 19.02 27.04
N GLY A 2 60.14 19.79 26.26
CA GLY A 2 58.90 19.29 25.70
C GLY A 2 57.85 20.36 25.56
N SER A 3 57.00 20.49 26.58
CA SER A 3 55.94 21.49 26.56
C SER A 3 54.99 21.26 25.39
N SER A 4 54.81 19.99 25.02
CA SER A 4 53.92 19.64 23.92
C SER A 4 52.63 19.01 24.44
N HIS A 6 51.68 18.79 23.53
CA HIS A 6 50.40 18.20 23.89
C HIS A 6 49.65 17.73 22.66
N HIS A 7 48.45 17.18 22.88
CA HIS A 7 47.64 16.69 21.77
C HIS A 7 46.69 17.78 21.27
N HIS A 8 47.21 18.66 20.42
CA HIS A 8 46.40 19.75 19.87
C HIS A 8 46.06 19.48 18.41
N HIS A 9 47.02 18.92 17.67
CA HIS A 9 46.82 18.61 16.26
C HIS A 9 45.66 17.64 16.07
N HIS A 10 44.46 18.19 15.86
CA HIS A 10 43.27 17.37 15.67
C HIS A 10 42.16 18.18 15.00
N SER A 11 41.89 19.35 15.55
CA SER A 11 40.85 20.23 15.02
C SER A 11 41.46 21.41 14.28
N SER A 12 40.65 22.06 13.45
CA SER A 12 41.11 23.21 12.68
C SER A 12 41.04 24.49 13.51
N GLY A 13 39.82 24.99 13.69
CA GLY A 13 39.63 26.21 14.47
C GLY A 13 38.69 27.18 13.79
N LEU A 14 38.79 27.29 12.47
CA LEU A 14 37.94 28.20 11.71
C LEU A 14 36.52 27.66 11.62
N VAL A 15 35.82 27.64 12.75
CA VAL A 15 34.45 27.14 12.78
C VAL A 15 33.43 28.19 12.34
N PRO A 16 33.72 29.50 12.52
CA PRO A 16 32.80 30.56 12.12
C PRO A 16 32.95 30.94 10.65
N ARG A 17 34.14 30.74 10.11
CA ARG A 17 34.42 31.06 8.72
C ARG A 17 34.41 29.80 7.85
N GLY A 18 34.80 28.68 8.45
CA GLY A 18 34.84 27.42 7.72
C GLY A 18 36.11 27.26 6.90
N SER A 19 36.24 26.12 6.23
CA SER A 19 37.40 25.84 5.42
C SER A 19 37.26 24.50 4.70
N HIS A 20 38.16 24.24 3.76
CA HIS A 20 38.14 22.99 3.00
C HIS A 20 39.24 22.05 3.47
N MET A 21 38.92 21.22 4.45
CA MET A 21 39.89 20.26 4.99
C MET A 21 39.26 19.40 6.08
N SER A 22 38.41 20.02 6.90
CA SER A 22 37.74 19.30 7.98
C SER A 22 36.88 18.18 7.44
N LEU A 23 36.46 17.27 8.32
CA LEU A 23 35.64 16.14 7.92
C LEU A 23 34.21 16.32 8.43
N ASP A 24 34.07 16.85 9.65
CA ASP A 24 32.77 17.06 10.24
C ASP A 24 32.89 17.76 11.60
N GLU A 25 31.76 17.99 12.25
CA GLU A 25 31.74 18.64 13.55
C GLU A 25 30.49 18.28 14.33
N ASN A 26 29.36 18.85 13.93
CA ASN A 26 28.09 18.60 14.60
C ASN A 26 26.95 19.33 13.89
N GLU A 27 26.15 18.58 13.14
CA GLU A 27 25.01 19.16 12.42
C GLU A 27 24.21 18.07 11.71
N VAL A 28 23.03 17.77 12.24
CA VAL A 28 22.17 16.76 11.66
C VAL A 28 20.70 17.13 11.80
N ALA A 29 20.40 18.42 11.61
CA ALA A 29 19.03 18.91 11.72
C ALA A 29 18.95 20.39 11.35
N ALA A 30 19.74 20.79 10.35
CA ALA A 30 19.76 22.18 9.91
C ALA A 30 18.73 22.42 8.82
N ASN A 31 19.03 21.95 7.61
CA ASN A 31 18.12 22.10 6.49
C ASN A 31 17.42 20.79 6.15
N VAL A 32 18.21 19.73 5.98
CA VAL A 32 17.69 18.41 5.66
C VAL A 32 16.64 18.48 4.56
N GLU A 33 15.97 17.34 4.30
CA GLU A 33 14.94 17.28 3.28
C GLU A 33 13.81 16.36 3.70
N THR A 34 14.09 15.05 3.71
CA THR A 34 13.09 14.06 4.10
C THR A 34 11.88 14.11 3.16
N ARG A 35 11.75 13.10 2.31
CA ARG A 35 10.65 13.02 1.37
C ARG A 35 10.68 14.20 0.41
N PRO A 36 11.53 14.14 -0.62
CA PRO A 36 11.65 15.22 -1.62
C PRO A 36 10.43 15.31 -2.52
N GLU A 37 9.85 14.14 -2.85
CA GLU A 37 8.68 14.08 -3.71
C GLU A 37 8.00 12.72 -3.60
N LEU A 38 6.71 12.69 -3.88
CA LEU A 38 5.94 11.45 -3.80
C LEU A 38 5.86 10.78 -5.17
N ILE A 39 6.32 9.53 -5.24
CA ILE A 39 6.28 8.76 -6.47
C ILE A 39 5.12 7.78 -6.43
N THR A 40 4.98 6.96 -7.47
CA THR A 40 3.88 6.00 -7.54
C THR A 40 4.17 4.91 -8.56
N ARG A 41 3.76 3.69 -8.22
CA ARG A 41 3.96 2.54 -9.10
C ARG A 41 3.05 1.41 -8.63
N THR A 42 2.04 1.11 -9.42
CA THR A 42 1.08 0.07 -9.05
C THR A 42 1.60 -1.31 -9.41
N GLU A 43 1.48 -2.20 -8.45
CA GLU A 43 1.91 -3.57 -8.61
C GLU A 43 0.73 -4.44 -8.96
N GLU A 44 0.98 -5.48 -9.74
CA GLU A 44 -0.06 -6.40 -10.16
C GLU A 44 -0.61 -7.17 -8.97
N ILE A 45 -1.76 -6.74 -8.45
CA ILE A 45 -2.39 -7.40 -7.30
C ILE A 45 -3.59 -8.22 -7.75
N PRO A 46 -3.38 -9.51 -8.06
CA PRO A 46 -4.46 -10.41 -8.50
C PRO A 46 -5.35 -10.86 -7.35
N PHE A 47 -6.57 -11.26 -7.69
CA PHE A 47 -7.53 -11.73 -6.70
C PHE A 47 -7.36 -13.22 -6.42
N GLU A 48 -8.23 -13.76 -5.57
CA GLU A 48 -8.18 -15.17 -5.22
C GLU A 48 -9.54 -15.66 -4.72
N VAL A 49 -10.09 -16.64 -5.41
CA VAL A 49 -11.39 -17.19 -5.04
C VAL A 49 -11.32 -17.93 -3.71
N ILE A 50 -12.43 -17.94 -2.98
CA ILE A 50 -12.50 -18.60 -1.68
C ILE A 50 -13.70 -19.53 -1.61
N LYS A 51 -13.62 -20.52 -0.73
CA LYS A 51 -14.71 -21.49 -0.56
C LYS A 51 -15.16 -21.52 0.89
N LYS A 52 -16.28 -20.85 1.18
CA LYS A 52 -16.83 -20.81 2.52
C LYS A 52 -18.13 -21.59 2.61
N GLU A 53 -18.38 -22.19 3.77
CA GLU A 53 -19.60 -22.97 3.97
C GLU A 53 -20.76 -22.06 4.37
N ASN A 54 -21.94 -22.35 3.84
CA ASN A 54 -23.13 -21.57 4.13
C ASN A 54 -24.32 -22.48 4.45
N PRO A 55 -24.62 -22.70 5.74
CA PRO A 55 -25.73 -23.55 6.16
C PRO A 55 -27.08 -22.94 5.81
N ASN A 56 -27.52 -23.18 4.58
CA ASN A 56 -28.80 -22.66 4.10
C ASN A 56 -29.11 -23.17 2.70
N LEU A 57 -28.09 -23.21 1.85
CA LEU A 57 -28.23 -23.68 0.48
C LEU A 57 -28.78 -25.11 0.45
N PRO A 58 -29.22 -25.58 -0.73
CA PRO A 58 -29.78 -26.92 -0.90
C PRO A 58 -28.70 -28.01 -0.94
N ALA A 59 -27.78 -27.97 0.02
CA ALA A 59 -26.71 -28.95 0.09
C ALA A 59 -25.81 -28.91 -1.15
N GLY A 60 -24.51 -28.72 -0.93
CA GLY A 60 -23.57 -28.68 -2.03
C GLY A 60 -23.99 -27.72 -3.14
N GLN A 61 -24.22 -26.47 -2.78
CA GLN A 61 -24.61 -25.45 -3.75
C GLN A 61 -23.48 -24.45 -3.98
N GLU A 62 -23.26 -24.10 -5.25
CA GLU A 62 -22.21 -23.16 -5.60
C GLU A 62 -22.79 -21.95 -6.31
N ASN A 63 -22.64 -20.78 -5.69
CA ASN A 63 -23.15 -19.53 -6.26
C ASN A 63 -22.06 -18.48 -6.34
N ILE A 64 -22.24 -17.50 -7.23
CA ILE A 64 -21.27 -16.44 -7.40
C ILE A 64 -21.85 -15.09 -6.97
N ILE A 65 -21.62 -14.73 -5.71
CA ILE A 65 -22.12 -13.47 -5.17
C ILE A 65 -21.32 -12.29 -5.72
N THR A 66 -20.03 -12.53 -5.97
CA THR A 66 -19.15 -11.50 -6.50
C THR A 66 -17.90 -12.12 -7.12
N ALA A 67 -17.96 -12.37 -8.43
CA ALA A 67 -16.84 -12.97 -9.15
C ALA A 67 -15.53 -12.23 -8.87
N GLY A 68 -14.44 -12.97 -8.86
CA GLY A 68 -13.13 -12.38 -8.60
C GLY A 68 -12.59 -11.64 -9.81
N VAL A 69 -12.00 -10.47 -9.57
CA VAL A 69 -11.45 -9.67 -10.65
C VAL A 69 -10.13 -9.02 -10.24
N LYS A 70 -9.15 -9.09 -11.14
CA LYS A 70 -7.83 -8.51 -10.88
C LYS A 70 -7.92 -7.03 -10.58
N GLY A 71 -7.21 -6.59 -9.54
CA GLY A 71 -7.21 -5.20 -9.17
C GLY A 71 -5.84 -4.57 -9.31
N GLU A 72 -5.61 -3.45 -8.63
CA GLU A 72 -4.34 -2.79 -8.70
C GLU A 72 -4.21 -1.84 -7.52
N ARG A 73 -2.99 -1.57 -7.13
CA ARG A 73 -2.73 -0.68 -6.03
C ARG A 73 -1.51 0.13 -6.36
N THR A 74 -1.72 1.41 -6.57
CA THR A 74 -0.63 2.29 -6.92
C THR A 74 0.21 2.52 -5.69
N HIS A 75 1.50 2.24 -5.80
CA HIS A 75 2.40 2.36 -4.67
C HIS A 75 3.31 3.55 -4.76
N TYR A 76 3.16 4.42 -3.76
CA TYR A 76 3.90 5.65 -3.68
C TYR A 76 5.19 5.46 -2.89
N ILE A 77 6.27 5.19 -3.63
CA ILE A 77 7.58 4.97 -3.05
C ILE A 77 8.33 6.30 -2.88
N SER A 78 9.06 6.41 -1.79
CA SER A 78 9.83 7.62 -1.50
C SER A 78 11.09 7.67 -2.35
N VAL A 79 11.22 8.72 -3.15
CA VAL A 79 12.39 8.89 -4.01
C VAL A 79 13.57 9.47 -3.24
N LEU A 80 14.55 8.62 -2.94
CA LEU A 80 15.73 9.05 -2.20
C LEU A 80 17.00 8.70 -2.97
N THR A 81 17.45 9.62 -3.83
CA THR A 81 18.65 9.40 -4.62
C THR A 81 19.90 9.48 -3.74
N GLU A 82 20.78 8.50 -3.88
CA GLU A 82 22.02 8.47 -3.11
C GLU A 82 23.20 8.05 -3.97
N ASN A 83 24.17 8.95 -4.11
CA ASN A 83 25.35 8.68 -4.92
C ASN A 83 24.96 8.40 -6.38
N GLY A 84 23.91 9.06 -6.84
CA GLY A 84 23.46 8.87 -8.21
C GLY A 84 22.69 7.57 -8.38
N LYS A 85 21.98 7.16 -7.34
CA LYS A 85 21.20 5.93 -7.39
C LYS A 85 19.91 6.07 -6.60
N THR A 86 18.78 6.04 -7.29
CA THR A 86 17.47 6.16 -6.65
C THR A 86 17.09 4.88 -5.93
N THR A 87 16.73 5.01 -4.65
CA THR A 87 16.35 3.85 -3.85
C THR A 87 14.84 3.74 -3.75
N GLU A 88 14.33 2.52 -3.80
CA GLU A 88 12.89 2.28 -3.71
C GLU A 88 12.50 1.84 -2.30
N THR A 89 11.94 2.77 -1.53
CA THR A 89 11.52 2.48 -0.16
C THR A 89 10.01 2.69 0.00
N VAL A 90 9.31 1.64 0.40
CA VAL A 90 7.87 1.72 0.59
C VAL A 90 7.50 2.85 1.54
N LEU A 91 6.73 3.81 1.05
CA LEU A 91 6.32 4.95 1.85
C LEU A 91 4.84 4.85 2.24
N ASP A 92 3.97 4.78 1.24
CA ASP A 92 2.54 4.68 1.48
C ASP A 92 1.76 4.57 0.18
N SER A 93 0.74 3.71 0.18
CA SER A 93 -0.09 3.52 -1.00
C SER A 93 -1.55 3.30 -0.62
N GLN A 94 -2.43 3.74 -1.51
CA GLN A 94 -3.86 3.57 -1.33
C GLN A 94 -4.32 2.51 -2.31
N VAL A 95 -5.53 2.01 -2.17
CA VAL A 95 -6.00 0.97 -3.08
C VAL A 95 -6.56 1.60 -4.33
N THR A 96 -5.81 1.47 -5.42
CA THR A 96 -6.21 2.03 -6.69
C THR A 96 -6.50 0.90 -7.67
N LYS A 97 -7.72 0.37 -7.56
CA LYS A 97 -8.23 -0.73 -8.38
C LYS A 97 -8.46 -1.95 -7.50
N GLU A 98 -9.20 -1.76 -6.42
CA GLU A 98 -9.49 -2.84 -5.47
C GLU A 98 -9.65 -4.18 -6.17
N VAL A 99 -8.77 -5.11 -5.86
CA VAL A 99 -8.81 -6.43 -6.47
C VAL A 99 -10.00 -7.23 -5.95
N ILE A 100 -11.01 -7.37 -6.80
CA ILE A 100 -12.22 -8.10 -6.44
C ILE A 100 -11.92 -9.58 -6.20
N ASN A 101 -12.24 -10.04 -5.00
CA ASN A 101 -12.00 -11.43 -4.63
C ASN A 101 -13.28 -12.26 -4.78
N GLN A 102 -13.19 -13.34 -5.54
CA GLN A 102 -14.33 -14.21 -5.77
C GLN A 102 -14.81 -14.83 -4.46
N VAL A 103 -16.11 -14.71 -4.19
CA VAL A 103 -16.68 -15.26 -2.97
C VAL A 103 -17.83 -16.22 -3.28
N VAL A 104 -17.54 -17.51 -3.21
CA VAL A 104 -18.54 -18.54 -3.48
C VAL A 104 -18.95 -19.26 -2.20
N GLU A 105 -20.24 -19.15 -1.85
CA GLU A 105 -20.74 -19.79 -0.65
C GLU A 105 -21.18 -21.23 -0.93
N VAL A 106 -20.44 -22.18 -0.38
CA VAL A 106 -20.75 -23.60 -0.58
C VAL A 106 -21.76 -24.09 0.45
N GLY A 107 -22.65 -24.97 0.01
CA GLY A 107 -23.65 -25.52 0.91
C GLY A 107 -23.06 -26.40 1.99
N ALA A 108 -23.08 -25.91 3.23
CA ALA A 108 -22.54 -26.65 4.36
C ALA A 108 -21.05 -26.93 4.18
N PRO A 109 -20.33 -27.14 5.28
CA PRO A 109 -18.89 -27.42 5.24
C PRO A 109 -18.58 -28.79 4.66
N VAL A 110 -19.32 -29.81 5.11
CA VAL A 110 -19.12 -31.17 4.63
C VAL A 110 -20.38 -32.00 4.84
N THR A 111 -20.94 -31.93 6.05
CA THR A 111 -22.14 -32.70 6.38
C THR A 111 -23.33 -32.21 5.56
N HIS A 112 -23.40 -32.65 4.30
CA HIS A 112 -24.49 -32.27 3.42
C HIS A 112 -24.51 -30.75 3.20
N MET A 1 47.30 -6.92 -0.64
CA MET A 1 45.91 -7.12 -1.13
C MET A 1 45.88 -7.48 -2.62
N GLY A 2 45.47 -8.70 -2.92
CA GLY A 2 45.41 -9.14 -4.30
C GLY A 2 44.91 -10.57 -4.43
N SER A 3 44.47 -10.93 -5.64
CA SER A 3 43.96 -12.27 -5.89
C SER A 3 43.98 -12.58 -7.39
N SER A 4 43.48 -11.65 -8.19
CA SER A 4 43.45 -11.82 -9.63
C SER A 4 43.52 -10.48 -10.35
N HIS A 6 44.65 -10.24 -11.01
CA HIS A 6 44.86 -8.99 -11.75
C HIS A 6 45.31 -9.27 -13.17
N HIS A 7 44.38 -9.74 -14.01
CA HIS A 7 44.69 -10.04 -15.40
C HIS A 7 43.43 -10.50 -16.14
N HIS A 8 42.62 -11.31 -15.46
CA HIS A 8 41.39 -11.82 -16.06
C HIS A 8 40.47 -10.69 -16.47
N HIS A 9 40.00 -9.93 -15.48
CA HIS A 9 39.10 -8.81 -15.73
C HIS A 9 38.99 -7.91 -14.50
N HIS A 10 38.11 -8.28 -13.58
CA HIS A 10 37.92 -7.49 -12.36
C HIS A 10 37.43 -6.08 -12.69
N SER A 11 36.76 -5.47 -11.73
CA SER A 11 36.24 -4.11 -11.92
C SER A 11 37.37 -3.13 -12.20
N SER A 12 38.45 -3.23 -11.43
CA SER A 12 39.60 -2.35 -11.60
C SER A 12 39.20 -0.89 -11.40
N GLY A 13 40.11 0.03 -11.72
CA GLY A 13 39.84 1.43 -11.57
C GLY A 13 38.82 1.95 -12.56
N LEU A 14 38.53 3.24 -12.50
CA LEU A 14 37.56 3.85 -13.40
C LEU A 14 38.00 5.26 -13.80
N VAL A 15 37.11 5.99 -14.46
CA VAL A 15 37.40 7.35 -14.89
C VAL A 15 36.26 8.30 -14.55
N PRO A 16 36.28 8.88 -13.33
CA PRO A 16 35.24 9.81 -12.89
C PRO A 16 35.30 11.14 -13.63
N ARG A 17 36.49 11.51 -14.07
CA ARG A 17 36.68 12.77 -14.79
C ARG A 17 35.85 12.79 -16.07
N GLY A 18 35.02 13.82 -16.21
CA GLY A 18 34.18 13.94 -17.39
C GLY A 18 33.48 15.28 -17.46
N SER A 19 32.27 15.29 -18.01
CA SER A 19 31.49 16.51 -18.14
C SER A 19 30.00 16.23 -17.98
N HIS A 20 29.67 15.24 -17.16
CA HIS A 20 28.28 14.87 -16.92
C HIS A 20 28.00 14.74 -15.43
N MET A 21 28.89 14.04 -14.72
CA MET A 21 28.74 13.84 -13.29
C MET A 21 30.03 14.14 -12.56
N SER A 22 30.30 15.43 -12.34
CA SER A 22 31.52 15.85 -11.66
C SER A 22 31.19 16.35 -10.24
N LEU A 23 31.73 15.65 -9.25
CA LEU A 23 31.50 16.00 -7.85
C LEU A 23 32.65 16.84 -7.31
N ASP A 24 32.65 18.12 -7.63
CA ASP A 24 33.69 19.04 -7.18
C ASP A 24 33.22 20.49 -7.23
N GLU A 25 31.91 20.68 -7.02
CA GLU A 25 31.34 22.03 -7.04
C GLU A 25 30.74 22.38 -5.68
N ASN A 26 31.54 22.22 -4.63
CA ASN A 26 31.08 22.52 -3.28
C ASN A 26 29.90 21.66 -2.89
N GLU A 27 29.56 21.66 -1.60
CA GLU A 27 28.45 20.87 -1.11
C GLU A 27 27.20 21.73 -0.94
N VAL A 28 27.07 22.74 -1.80
CA VAL A 28 25.93 23.64 -1.75
C VAL A 28 25.00 23.41 -2.94
N ALA A 29 24.13 22.41 -2.82
CA ALA A 29 23.19 22.09 -3.89
C ALA A 29 21.79 22.62 -3.56
N ALA A 30 21.26 22.22 -2.41
CA ALA A 30 19.94 22.66 -1.99
C ALA A 30 19.66 22.24 -0.55
N ASN A 31 19.07 23.16 0.21
CA ASN A 31 18.75 22.90 1.62
C ASN A 31 17.31 22.41 1.75
N VAL A 32 16.92 21.46 0.93
CA VAL A 32 15.57 20.91 0.96
C VAL A 32 15.27 20.29 2.32
N GLU A 33 14.05 19.79 2.47
CA GLU A 33 13.62 19.18 3.72
C GLU A 33 12.29 18.46 3.55
N THR A 34 11.73 17.98 4.66
CA THR A 34 10.45 17.27 4.64
C THR A 34 10.57 16.00 3.80
N ARG A 35 9.43 15.35 3.58
CA ARG A 35 9.40 14.11 2.79
C ARG A 35 9.80 14.37 1.35
N PRO A 36 10.41 13.37 0.68
CA PRO A 36 10.84 13.50 -0.71
C PRO A 36 9.67 13.57 -1.68
N GLU A 37 9.96 13.39 -2.97
CA GLU A 37 8.92 13.43 -3.99
C GLU A 37 8.15 12.12 -4.03
N LEU A 38 6.83 12.20 -3.89
CA LEU A 38 5.99 11.00 -3.91
C LEU A 38 5.78 10.50 -5.34
N ILE A 39 6.26 9.30 -5.60
CA ILE A 39 6.11 8.68 -6.91
C ILE A 39 4.99 7.65 -6.85
N THR A 40 4.75 6.93 -7.94
CA THR A 40 3.65 5.95 -7.96
C THR A 40 3.88 4.85 -9.00
N ARG A 41 3.67 3.61 -8.55
CA ARG A 41 3.80 2.44 -9.40
C ARG A 41 2.85 1.37 -8.87
N THR A 42 1.86 1.00 -9.67
CA THR A 42 0.87 0.01 -9.21
C THR A 42 1.37 -1.41 -9.37
N GLU A 43 1.16 -2.17 -8.31
CA GLU A 43 1.56 -3.56 -8.24
C GLU A 43 0.37 -4.46 -8.55
N GLU A 44 0.62 -5.50 -9.33
CA GLU A 44 -0.44 -6.44 -9.68
C GLU A 44 -0.89 -7.20 -8.44
N ILE A 45 -1.90 -6.66 -7.77
CA ILE A 45 -2.44 -7.26 -6.56
C ILE A 45 -3.64 -8.16 -6.90
N PRO A 46 -3.46 -9.49 -6.86
CA PRO A 46 -4.51 -10.45 -7.18
C PRO A 46 -5.42 -10.76 -5.99
N PHE A 47 -6.63 -11.22 -6.29
CA PHE A 47 -7.61 -11.57 -5.27
C PHE A 47 -7.43 -13.01 -4.80
N GLU A 48 -8.35 -13.46 -3.96
CA GLU A 48 -8.30 -14.82 -3.44
C GLU A 48 -9.70 -15.36 -3.16
N VAL A 49 -10.19 -16.22 -4.06
CA VAL A 49 -11.52 -16.80 -3.90
C VAL A 49 -11.57 -17.73 -2.70
N ILE A 50 -12.72 -17.75 -2.03
CA ILE A 50 -12.90 -18.60 -0.86
C ILE A 50 -14.17 -19.44 -0.98
N LYS A 51 -14.21 -20.56 -0.27
CA LYS A 51 -15.37 -21.45 -0.30
C LYS A 51 -16.12 -21.40 1.03
N LYS A 52 -17.22 -20.64 1.06
CA LYS A 52 -18.03 -20.52 2.26
C LYS A 52 -18.98 -21.70 2.41
N GLU A 53 -19.53 -21.85 3.61
CA GLU A 53 -20.46 -22.95 3.89
C GLU A 53 -21.84 -22.41 4.24
N ASN A 54 -22.81 -22.65 3.36
CA ASN A 54 -24.17 -22.19 3.58
C ASN A 54 -25.06 -23.33 4.07
N PRO A 55 -25.27 -23.44 5.39
CA PRO A 55 -26.10 -24.49 5.98
C PRO A 55 -27.57 -24.34 5.61
N ASN A 56 -27.94 -23.18 5.07
CA ASN A 56 -29.32 -22.93 4.67
C ASN A 56 -29.51 -23.16 3.18
N LEU A 57 -28.71 -24.05 2.61
CA LEU A 57 -28.79 -24.37 1.19
C LEU A 57 -29.22 -25.83 0.98
N PRO A 58 -29.43 -26.24 -0.28
CA PRO A 58 -29.84 -27.59 -0.62
C PRO A 58 -28.67 -28.55 -0.77
N ALA A 59 -27.58 -28.29 -0.04
CA ALA A 59 -26.39 -29.13 -0.09
C ALA A 59 -25.77 -29.13 -1.48
N GLY A 60 -24.47 -28.89 -1.54
CA GLY A 60 -23.78 -28.87 -2.82
C GLY A 60 -24.35 -27.85 -3.78
N GLN A 61 -24.44 -26.60 -3.33
CA GLN A 61 -24.98 -25.52 -4.16
C GLN A 61 -23.88 -24.56 -4.58
N GLU A 62 -23.83 -24.25 -5.87
CA GLU A 62 -22.82 -23.34 -6.40
C GLU A 62 -23.46 -22.07 -6.93
N ASN A 63 -23.17 -20.94 -6.28
CA ASN A 63 -23.72 -19.65 -6.69
C ASN A 63 -22.73 -18.53 -6.40
N ILE A 64 -22.31 -17.83 -7.45
CA ILE A 64 -21.36 -16.73 -7.31
C ILE A 64 -22.08 -15.43 -6.97
N ILE A 65 -21.59 -14.74 -5.95
CA ILE A 65 -22.17 -13.47 -5.53
C ILE A 65 -21.36 -12.29 -6.06
N THR A 66 -20.05 -12.39 -5.92
CA THR A 66 -19.14 -11.35 -6.38
C THR A 66 -17.87 -11.97 -6.97
N ALA A 67 -17.80 -12.02 -8.30
CA ALA A 67 -16.64 -12.59 -8.98
C ALA A 67 -15.33 -12.03 -8.44
N GLY A 68 -14.24 -12.72 -8.73
CA GLY A 68 -12.93 -12.28 -8.26
C GLY A 68 -12.05 -11.80 -9.40
N VAL A 69 -11.51 -10.60 -9.26
CA VAL A 69 -10.65 -10.02 -10.28
C VAL A 69 -9.46 -9.29 -9.65
N LYS A 70 -8.28 -9.53 -10.19
CA LYS A 70 -7.06 -8.91 -9.68
C LYS A 70 -7.09 -7.39 -9.89
N GLY A 71 -7.14 -6.64 -8.79
CA GLY A 71 -7.16 -5.20 -8.88
C GLY A 71 -5.80 -4.64 -9.23
N GLU A 72 -5.45 -3.49 -8.65
CA GLU A 72 -4.17 -2.88 -8.91
C GLU A 72 -4.04 -1.63 -8.07
N ARG A 73 -3.17 -1.68 -7.07
CA ARG A 73 -2.97 -0.55 -6.21
C ARG A 73 -1.69 0.15 -6.57
N THR A 74 -1.77 1.46 -6.64
CA THR A 74 -0.61 2.26 -6.98
C THR A 74 0.30 2.35 -5.78
N HIS A 75 1.59 2.24 -6.02
CA HIS A 75 2.56 2.30 -4.94
C HIS A 75 3.41 3.54 -5.00
N TYR A 76 3.36 4.28 -3.90
CA TYR A 76 4.06 5.54 -3.78
C TYR A 76 5.43 5.36 -3.16
N ILE A 77 6.42 5.21 -4.03
CA ILE A 77 7.80 5.00 -3.61
C ILE A 77 8.52 6.34 -3.40
N SER A 78 9.41 6.39 -2.42
CA SER A 78 10.15 7.60 -2.12
C SER A 78 11.50 7.60 -2.84
N VAL A 79 11.68 8.53 -3.77
CA VAL A 79 12.91 8.64 -4.53
C VAL A 79 13.98 9.38 -3.73
N LEU A 80 14.96 8.63 -3.22
CA LEU A 80 16.05 9.21 -2.44
C LEU A 80 17.38 9.07 -3.16
N THR A 81 17.83 10.16 -3.78
CA THR A 81 19.09 10.15 -4.52
C THR A 81 20.27 9.97 -3.56
N GLU A 82 20.66 8.71 -3.36
CA GLU A 82 21.77 8.40 -2.47
C GLU A 82 23.07 9.01 -2.99
N ASN A 83 23.38 10.22 -2.53
CA ASN A 83 24.60 10.91 -2.95
C ASN A 83 24.52 11.32 -4.42
N GLY A 84 24.57 10.33 -5.31
CA GLY A 84 24.50 10.61 -6.72
C GLY A 84 23.84 9.47 -7.51
N LYS A 85 22.83 8.86 -6.91
CA LYS A 85 22.11 7.77 -7.55
C LYS A 85 20.74 7.58 -6.92
N THR A 86 19.73 7.46 -7.77
CA THR A 86 18.35 7.27 -7.29
C THR A 86 18.09 5.81 -6.95
N THR A 87 17.54 5.58 -5.77
CA THR A 87 17.24 4.23 -5.30
C THR A 87 15.74 4.03 -5.14
N GLU A 88 15.28 2.82 -5.44
CA GLU A 88 13.86 2.49 -5.33
C GLU A 88 13.54 1.88 -3.97
N THR A 89 12.70 2.56 -3.20
CA THR A 89 12.33 2.08 -1.87
C THR A 89 10.87 2.43 -1.57
N VAL A 90 9.99 1.44 -1.70
CA VAL A 90 8.57 1.64 -1.44
C VAL A 90 8.35 2.31 -0.09
N LEU A 91 7.50 3.34 -0.05
CA LEU A 91 7.22 4.05 1.18
C LEU A 91 5.80 3.79 1.67
N ASP A 92 4.81 4.26 0.91
CA ASP A 92 3.42 4.07 1.30
C ASP A 92 2.51 4.02 0.07
N SER A 93 1.52 3.13 0.13
CA SER A 93 0.56 2.98 -0.96
C SER A 93 -0.83 2.68 -0.40
N GLN A 94 -1.83 2.90 -1.22
CA GLN A 94 -3.21 2.66 -0.87
C GLN A 94 -3.80 1.74 -1.93
N VAL A 95 -4.96 1.18 -1.68
CA VAL A 95 -5.56 0.29 -2.66
C VAL A 95 -6.34 1.13 -3.66
N THR A 96 -5.78 1.26 -4.86
CA THR A 96 -6.43 2.04 -5.89
C THR A 96 -6.82 1.16 -7.07
N LYS A 97 -7.95 0.49 -6.89
CA LYS A 97 -8.53 -0.41 -7.89
C LYS A 97 -9.44 -1.42 -7.22
N GLU A 98 -9.11 -1.74 -5.96
CA GLU A 98 -9.89 -2.70 -5.20
C GLU A 98 -9.86 -4.07 -5.86
N VAL A 99 -9.03 -4.96 -5.34
CA VAL A 99 -8.92 -6.29 -5.90
C VAL A 99 -10.17 -7.09 -5.57
N ILE A 100 -11.04 -7.22 -6.56
CA ILE A 100 -12.29 -7.95 -6.40
C ILE A 100 -12.03 -9.42 -6.10
N ASN A 101 -12.73 -9.95 -5.10
CA ASN A 101 -12.57 -11.35 -4.71
C ASN A 101 -13.77 -12.18 -5.16
N GLN A 102 -13.50 -13.40 -5.60
CA GLN A 102 -14.55 -14.30 -6.06
C GLN A 102 -15.30 -14.90 -4.87
N VAL A 103 -16.54 -14.44 -4.67
CA VAL A 103 -17.36 -14.93 -3.57
C VAL A 103 -18.28 -16.06 -4.02
N VAL A 104 -17.98 -17.27 -3.59
CA VAL A 104 -18.79 -18.44 -3.95
C VAL A 104 -19.18 -19.25 -2.72
N GLU A 105 -20.47 -19.29 -2.44
CA GLU A 105 -20.98 -20.03 -1.29
C GLU A 105 -21.30 -21.47 -1.67
N VAL A 106 -20.97 -22.40 -0.77
CA VAL A 106 -21.23 -23.82 -1.01
C VAL A 106 -21.96 -24.45 0.17
N GLY A 107 -23.23 -24.79 -0.05
CA GLY A 107 -24.01 -25.40 1.01
C GLY A 107 -23.50 -26.78 1.39
N ALA A 108 -23.27 -26.99 2.68
CA ALA A 108 -22.79 -28.28 3.17
C ALA A 108 -23.94 -29.25 3.40
N PRO A 109 -23.67 -30.56 3.28
CA PRO A 109 -24.69 -31.60 3.47
C PRO A 109 -25.11 -31.72 4.93
N VAL A 110 -24.13 -31.66 5.84
CA VAL A 110 -24.40 -31.77 7.26
C VAL A 110 -25.28 -30.62 7.75
N THR A 111 -26.60 -30.79 7.65
CA THR A 111 -27.53 -29.77 8.07
C THR A 111 -28.97 -30.25 7.93
N HIS A 112 -29.73 -30.18 9.01
CA HIS A 112 -31.13 -30.62 9.00
C HIS A 112 -32.03 -29.58 9.68
N MET A 1 32.74 20.56 -12.96
CA MET A 1 33.60 21.50 -12.20
C MET A 1 32.76 22.34 -11.24
N GLY A 2 32.65 21.89 -10.00
CA GLY A 2 31.88 22.61 -9.01
C GLY A 2 30.42 22.77 -9.40
N SER A 3 29.88 21.74 -10.05
CA SER A 3 28.49 21.76 -10.49
C SER A 3 28.22 22.95 -11.41
N SER A 4 27.04 22.98 -12.01
CA SER A 4 26.66 24.06 -12.91
C SER A 4 26.04 25.22 -12.14
N HIS A 6 25.47 26.17 -12.86
CA HIS A 6 24.84 27.34 -12.25
C HIS A 6 23.70 26.92 -11.32
N HIS A 7 22.92 27.89 -10.86
CA HIS A 7 21.80 27.63 -9.97
C HIS A 7 20.80 26.69 -10.63
N HIS A 8 20.89 25.41 -10.32
CA HIS A 8 19.99 24.41 -10.87
C HIS A 8 18.59 24.55 -10.27
N HIS A 9 18.47 24.23 -9.00
CA HIS A 9 17.19 24.31 -8.30
C HIS A 9 16.89 25.75 -7.90
N HIS A 10 15.79 25.94 -7.17
CA HIS A 10 15.38 27.27 -6.73
C HIS A 10 14.14 27.19 -5.85
N SER A 11 14.08 26.15 -5.01
CA SER A 11 12.95 25.96 -4.11
C SER A 11 13.00 26.97 -2.96
N SER A 12 11.87 27.12 -2.27
CA SER A 12 11.79 28.04 -1.15
C SER A 12 12.09 27.33 0.17
N GLY A 13 11.84 28.02 1.28
CA GLY A 13 12.09 27.43 2.59
C GLY A 13 11.71 28.37 3.72
N LEU A 14 12.59 28.50 4.69
CA LEU A 14 12.34 29.37 5.85
C LEU A 14 13.54 30.27 6.12
N VAL A 15 13.27 31.55 6.34
CA VAL A 15 14.33 32.51 6.61
C VAL A 15 13.83 33.66 7.48
N PRO A 16 13.88 33.49 8.81
CA PRO A 16 13.42 34.52 9.76
C PRO A 16 14.32 35.75 9.76
N ARG A 17 14.03 36.68 10.66
CA ARG A 17 14.81 37.91 10.76
C ARG A 17 16.21 37.62 11.30
N GLY A 18 16.29 37.35 12.60
CA GLY A 18 17.57 37.04 13.21
C GLY A 18 18.56 38.18 13.07
N SER A 19 19.42 38.07 12.05
CA SER A 19 20.43 39.10 11.81
C SER A 19 21.36 39.25 13.00
N HIS A 20 21.57 38.16 13.73
CA HIS A 20 22.44 38.17 14.90
C HIS A 20 22.57 36.77 15.50
N MET A 21 21.47 36.28 16.07
CA MET A 21 21.45 34.96 16.68
C MET A 21 22.48 34.86 17.79
N SER A 22 22.57 33.69 18.41
CA SER A 22 23.52 33.46 19.49
C SER A 22 24.59 32.46 19.08
N LEU A 23 25.77 32.57 19.69
CA LEU A 23 26.88 31.68 19.38
C LEU A 23 26.52 30.24 19.70
N ASP A 24 25.89 29.56 18.75
CA ASP A 24 25.49 28.17 18.92
C ASP A 24 25.20 27.51 17.57
N GLU A 25 24.75 26.26 17.62
CA GLU A 25 24.44 25.52 16.41
C GLU A 25 23.04 25.86 15.90
N ASN A 26 22.03 25.34 16.58
CA ASN A 26 20.63 25.59 16.20
C ASN A 26 20.37 25.12 14.77
N GLU A 27 21.08 24.06 14.36
CA GLU A 27 20.91 23.50 13.03
C GLU A 27 21.65 22.18 12.89
N VAL A 28 21.29 21.40 11.89
CA VAL A 28 21.92 20.11 11.65
C VAL A 28 22.87 20.18 10.46
N ALA A 29 24.05 19.57 10.62
CA ALA A 29 25.05 19.56 9.56
C ALA A 29 24.98 18.28 8.75
N ALA A 30 23.77 17.82 8.47
CA ALA A 30 23.56 16.59 7.70
C ALA A 30 22.10 16.46 7.26
N ASN A 31 21.74 17.20 6.21
CA ASN A 31 20.38 17.17 5.69
C ASN A 31 20.01 15.76 5.22
N VAL A 32 18.82 15.31 5.59
CA VAL A 32 18.35 13.99 5.21
C VAL A 32 17.18 14.08 4.24
N GLU A 33 16.05 14.58 4.72
CA GLU A 33 14.85 14.71 3.89
C GLU A 33 14.36 13.35 3.41
N THR A 34 14.99 12.83 2.37
CA THR A 34 14.63 11.54 1.81
C THR A 34 13.16 11.51 1.43
N ARG A 35 12.63 12.65 0.99
CA ARG A 35 11.24 12.74 0.59
C ARG A 35 10.99 14.02 -0.22
N PRO A 36 11.78 14.25 -1.29
CA PRO A 36 11.64 15.43 -2.14
C PRO A 36 10.46 15.31 -3.10
N GLU A 37 10.30 14.13 -3.70
CA GLU A 37 9.22 13.89 -4.64
C GLU A 37 8.61 12.51 -4.44
N LEU A 38 7.29 12.45 -4.31
CA LEU A 38 6.60 11.19 -4.10
C LEU A 38 6.06 10.66 -5.42
N ILE A 39 6.29 9.37 -5.68
CA ILE A 39 5.82 8.73 -6.89
C ILE A 39 4.57 7.90 -6.60
N THR A 40 4.08 7.21 -7.62
CA THR A 40 2.88 6.37 -7.50
C THR A 40 2.80 5.40 -8.67
N ARG A 41 2.77 4.12 -8.34
CA ARG A 41 2.69 3.06 -9.35
C ARG A 41 1.87 1.91 -8.81
N THR A 42 0.92 1.41 -9.60
CA THR A 42 0.06 0.34 -9.14
C THR A 42 0.71 -1.02 -9.27
N GLU A 43 0.65 -1.75 -8.18
CA GLU A 43 1.21 -3.08 -8.11
C GLU A 43 0.12 -4.12 -8.31
N GLU A 44 0.48 -5.20 -8.98
CA GLU A 44 -0.47 -6.27 -9.26
C GLU A 44 -0.90 -6.97 -7.98
N ILE A 45 -2.02 -6.53 -7.43
CA ILE A 45 -2.55 -7.10 -6.19
C ILE A 45 -3.73 -8.02 -6.50
N PRO A 46 -3.48 -9.34 -6.63
CA PRO A 46 -4.53 -10.32 -6.93
C PRO A 46 -5.46 -10.61 -5.75
N PHE A 47 -6.64 -11.12 -6.07
CA PHE A 47 -7.65 -11.46 -5.06
C PHE A 47 -7.43 -12.87 -4.53
N GLU A 48 -8.36 -13.32 -3.70
CA GLU A 48 -8.29 -14.66 -3.12
C GLU A 48 -9.69 -15.19 -2.81
N VAL A 49 -10.10 -16.21 -3.56
CA VAL A 49 -11.42 -16.82 -3.37
C VAL A 49 -11.52 -17.51 -2.00
N ILE A 50 -12.73 -17.56 -1.47
CA ILE A 50 -12.98 -18.19 -0.18
C ILE A 50 -14.08 -19.24 -0.28
N LYS A 51 -14.07 -20.19 0.64
CA LYS A 51 -15.08 -21.25 0.67
C LYS A 51 -15.83 -21.26 1.99
N LYS A 52 -17.03 -20.70 1.99
CA LYS A 52 -17.85 -20.63 3.19
C LYS A 52 -19.03 -21.60 3.10
N GLU A 53 -19.48 -22.10 4.24
CA GLU A 53 -20.60 -23.02 4.29
C GLU A 53 -21.93 -22.27 4.37
N ASN A 54 -22.81 -22.54 3.42
CA ASN A 54 -24.12 -21.90 3.38
C ASN A 54 -25.25 -22.93 3.53
N PRO A 55 -25.76 -23.11 4.76
CA PRO A 55 -26.84 -24.07 5.02
C PRO A 55 -28.16 -23.63 4.41
N ASN A 56 -28.20 -23.60 3.08
CA ASN A 56 -29.41 -23.20 2.35
C ASN A 56 -29.48 -23.91 1.00
N LEU A 57 -28.37 -23.93 0.28
CA LEU A 57 -28.31 -24.58 -1.02
C LEU A 57 -28.74 -26.04 -0.93
N PRO A 58 -28.88 -26.72 -2.08
CA PRO A 58 -29.29 -28.13 -2.13
C PRO A 58 -28.12 -29.10 -1.88
N ALA A 59 -27.17 -28.69 -1.07
CA ALA A 59 -26.01 -29.52 -0.76
C ALA A 59 -25.20 -29.84 -2.00
N GLY A 60 -23.93 -29.44 -1.99
CA GLY A 60 -23.06 -29.69 -3.12
C GLY A 60 -23.24 -28.69 -4.23
N GLN A 61 -23.77 -27.52 -3.90
CA GLN A 61 -23.99 -26.46 -4.88
C GLN A 61 -23.03 -25.31 -4.68
N GLU A 62 -22.80 -24.53 -5.73
CA GLU A 62 -21.89 -23.38 -5.66
C GLU A 62 -22.50 -22.16 -6.35
N ASN A 63 -22.77 -21.13 -5.57
CA ASN A 63 -23.35 -19.90 -6.11
C ASN A 63 -22.40 -18.72 -5.92
N ILE A 64 -21.94 -18.14 -7.03
CA ILE A 64 -21.03 -17.01 -6.97
C ILE A 64 -21.80 -15.69 -6.86
N ILE A 65 -21.38 -14.86 -5.91
CA ILE A 65 -22.02 -13.56 -5.70
C ILE A 65 -21.19 -12.43 -6.29
N THR A 66 -19.88 -12.48 -6.04
CA THR A 66 -18.97 -11.46 -6.56
C THR A 66 -17.64 -12.09 -6.97
N ALA A 67 -17.53 -12.47 -8.24
CA ALA A 67 -16.32 -13.08 -8.76
C ALA A 67 -15.07 -12.32 -8.33
N GLY A 68 -13.96 -13.04 -8.20
CA GLY A 68 -12.71 -12.43 -7.80
C GLY A 68 -11.94 -11.84 -8.99
N VAL A 69 -11.54 -10.59 -8.87
CA VAL A 69 -10.80 -9.91 -9.92
C VAL A 69 -9.60 -9.16 -9.37
N LYS A 70 -8.43 -9.45 -9.92
CA LYS A 70 -7.20 -8.80 -9.47
C LYS A 70 -7.27 -7.29 -9.65
N GLY A 71 -7.29 -6.56 -8.54
CA GLY A 71 -7.34 -5.12 -8.59
C GLY A 71 -5.99 -4.53 -8.93
N GLU A 72 -5.67 -3.38 -8.34
CA GLU A 72 -4.39 -2.75 -8.58
C GLU A 72 -4.29 -1.51 -7.73
N ARG A 73 -3.45 -1.55 -6.72
CA ARG A 73 -3.30 -0.41 -5.86
C ARG A 73 -2.05 0.36 -6.21
N THR A 74 -2.18 1.66 -6.20
CA THR A 74 -1.07 2.52 -6.52
C THR A 74 -0.09 2.55 -5.36
N HIS A 75 1.19 2.54 -5.71
CA HIS A 75 2.24 2.55 -4.71
C HIS A 75 3.12 3.75 -4.86
N TYR A 76 3.19 4.53 -3.79
CA TYR A 76 3.94 5.75 -3.79
C TYR A 76 5.37 5.52 -3.30
N ILE A 77 6.31 5.57 -4.23
CA ILE A 77 7.72 5.38 -3.93
C ILE A 77 8.39 6.70 -3.61
N SER A 78 9.54 6.65 -2.95
CA SER A 78 10.29 7.84 -2.59
C SER A 78 11.68 7.83 -3.23
N VAL A 79 12.03 8.92 -3.91
CA VAL A 79 13.31 9.03 -4.57
C VAL A 79 14.40 9.43 -3.58
N LEU A 80 15.44 8.61 -3.49
CA LEU A 80 16.56 8.87 -2.59
C LEU A 80 17.89 8.78 -3.31
N THR A 81 18.60 9.91 -3.37
CA THR A 81 19.90 9.95 -4.03
C THR A 81 20.92 9.10 -3.30
N GLU A 82 21.13 7.88 -3.78
CA GLU A 82 22.09 6.96 -3.17
C GLU A 82 23.44 7.05 -3.86
N ASN A 83 24.32 7.91 -3.35
CA ASN A 83 25.64 8.09 -3.91
C ASN A 83 25.56 8.55 -5.36
N GLY A 84 24.52 9.31 -5.68
CA GLY A 84 24.34 9.80 -7.03
C GLY A 84 23.57 8.83 -7.91
N LYS A 85 22.57 8.18 -7.33
CA LYS A 85 21.75 7.22 -8.07
C LYS A 85 20.31 7.21 -7.56
N THR A 86 19.40 6.68 -8.35
CA THR A 86 18.00 6.61 -7.98
C THR A 86 17.60 5.18 -7.63
N THR A 87 17.08 5.00 -6.41
CA THR A 87 16.66 3.68 -5.96
C THR A 87 15.23 3.73 -5.43
N GLU A 88 14.31 3.10 -6.16
CA GLU A 88 12.91 3.06 -5.75
C GLU A 88 12.75 2.40 -4.39
N THR A 89 12.31 3.18 -3.41
CA THR A 89 12.11 2.65 -2.06
C THR A 89 10.66 2.84 -1.62
N VAL A 90 10.01 1.74 -1.27
CA VAL A 90 8.62 1.77 -0.82
C VAL A 90 8.44 2.79 0.31
N LEU A 91 7.57 3.76 0.09
CA LEU A 91 7.31 4.79 1.10
C LEU A 91 5.91 4.64 1.68
N ASP A 92 4.91 4.53 0.82
CA ASP A 92 3.53 4.40 1.25
C ASP A 92 2.59 4.20 0.07
N SER A 93 1.56 3.38 0.26
CA SER A 93 0.58 3.12 -0.78
C SER A 93 -0.82 2.97 -0.20
N GLN A 94 -1.78 3.04 -1.10
CA GLN A 94 -3.19 2.91 -0.74
C GLN A 94 -3.84 1.92 -1.69
N VAL A 95 -5.03 1.46 -1.35
CA VAL A 95 -5.71 0.54 -2.23
C VAL A 95 -6.46 1.36 -3.26
N THR A 96 -5.94 1.38 -4.47
CA THR A 96 -6.55 2.16 -5.52
C THR A 96 -6.95 1.28 -6.69
N LYS A 97 -8.10 0.64 -6.52
CA LYS A 97 -8.70 -0.25 -7.52
C LYS A 97 -9.60 -1.28 -6.84
N GLU A 98 -9.23 -1.63 -5.61
CA GLU A 98 -9.99 -2.60 -4.83
C GLU A 98 -9.99 -3.95 -5.53
N VAL A 99 -9.15 -4.87 -5.04
CA VAL A 99 -9.08 -6.20 -5.63
C VAL A 99 -10.33 -7.00 -5.29
N ILE A 100 -11.16 -7.20 -6.29
CA ILE A 100 -12.41 -7.93 -6.11
C ILE A 100 -12.14 -9.39 -5.72
N ASN A 101 -12.79 -9.83 -4.65
CA ASN A 101 -12.62 -11.20 -4.16
C ASN A 101 -13.79 -12.07 -4.59
N GLN A 102 -13.47 -13.28 -5.08
CA GLN A 102 -14.50 -14.21 -5.53
C GLN A 102 -15.37 -14.65 -4.36
N VAL A 103 -16.55 -14.03 -4.23
CA VAL A 103 -17.48 -14.36 -3.16
C VAL A 103 -18.40 -15.50 -3.56
N VAL A 104 -18.07 -16.70 -3.10
CA VAL A 104 -18.87 -17.88 -3.41
C VAL A 104 -19.33 -18.59 -2.14
N GLU A 105 -20.56 -19.09 -2.16
CA GLU A 105 -21.13 -19.78 -1.01
C GLU A 105 -21.54 -21.20 -1.38
N VAL A 106 -20.94 -22.18 -0.71
CA VAL A 106 -21.24 -23.58 -0.98
C VAL A 106 -22.45 -24.05 -0.15
N GLY A 107 -23.07 -25.13 -0.59
CA GLY A 107 -24.22 -25.67 0.12
C GLY A 107 -23.87 -26.82 1.03
N ALA A 108 -24.23 -26.71 2.30
CA ALA A 108 -23.95 -27.76 3.28
C ALA A 108 -24.54 -27.41 4.64
N PRO A 109 -24.95 -28.43 5.42
CA PRO A 109 -25.54 -28.22 6.74
C PRO A 109 -24.50 -27.78 7.77
N VAL A 110 -24.82 -26.73 8.52
CA VAL A 110 -23.92 -26.21 9.54
C VAL A 110 -23.70 -27.22 10.65
N THR A 111 -24.79 -27.84 11.11
CA THR A 111 -24.72 -28.83 12.18
C THR A 111 -26.10 -29.38 12.51
N HIS A 112 -27.10 -28.50 12.50
CA HIS A 112 -28.47 -28.89 12.80
C HIS A 112 -29.42 -27.71 12.63
N MET A 1 23.44 -18.04 -0.13
CA MET A 1 22.98 -16.87 -0.92
C MET A 1 21.47 -16.91 -1.12
N GLY A 2 20.95 -18.07 -1.50
CA GLY A 2 19.52 -18.21 -1.73
C GLY A 2 19.02 -19.60 -1.37
N SER A 3 18.46 -19.74 -0.18
CA SER A 3 17.94 -21.02 0.28
C SER A 3 17.13 -20.87 1.56
N SER A 4 17.75 -20.29 2.58
CA SER A 4 17.08 -20.08 3.86
C SER A 4 17.94 -19.22 4.78
N HIS A 6 17.71 -17.92 4.75
CA HIS A 6 18.46 -16.98 5.58
C HIS A 6 17.73 -15.64 5.70
N HIS A 7 17.74 -14.88 4.62
CA HIS A 7 17.07 -13.58 4.60
C HIS A 7 15.58 -13.72 4.86
N HIS A 8 14.88 -12.60 4.87
CA HIS A 8 13.43 -12.61 5.11
C HIS A 8 13.11 -13.18 6.48
N HIS A 9 12.80 -12.31 7.43
CA HIS A 9 12.47 -12.74 8.79
C HIS A 9 11.47 -11.77 9.43
N HIS A 10 10.19 -12.10 9.32
CA HIS A 10 9.13 -11.27 9.89
C HIS A 10 8.08 -12.12 10.58
N SER A 11 7.52 -11.59 11.67
CA SER A 11 6.50 -12.32 12.41
C SER A 11 5.34 -11.38 12.77
N SER A 12 5.66 -10.28 13.43
CA SER A 12 4.64 -9.31 13.84
C SER A 12 3.61 -9.95 14.76
N GLY A 13 3.77 -9.71 16.06
CA GLY A 13 2.84 -10.27 17.04
C GLY A 13 1.57 -9.46 17.16
N LEU A 14 1.67 -8.16 16.88
CA LEU A 14 0.51 -7.27 16.97
C LEU A 14 -0.06 -7.25 18.37
N VAL A 15 0.81 -7.42 19.37
CA VAL A 15 0.40 -7.42 20.77
C VAL A 15 1.58 -7.13 21.69
N PRO A 16 2.60 -8.01 21.73
CA PRO A 16 3.78 -7.81 22.58
C PRO A 16 4.57 -6.57 22.19
N ARG A 17 4.85 -6.44 20.89
CA ARG A 17 5.60 -5.30 20.38
C ARG A 17 4.66 -4.20 19.90
N GLY A 18 3.58 -4.61 19.23
CA GLY A 18 2.63 -3.65 18.71
C GLY A 18 1.55 -3.31 19.73
N SER A 19 1.86 -2.36 20.61
CA SER A 19 0.91 -1.93 21.63
C SER A 19 0.80 -0.42 21.68
N HIS A 20 1.90 0.24 22.06
CA HIS A 20 1.92 1.69 22.15
C HIS A 20 2.71 2.30 20.99
N MET A 21 2.03 2.55 19.87
CA MET A 21 2.67 3.11 18.70
C MET A 21 3.25 4.49 19.01
N SER A 22 2.61 5.21 19.92
CA SER A 22 3.05 6.54 20.30
C SER A 22 3.14 6.67 21.82
N LEU A 23 3.60 7.82 22.28
CA LEU A 23 3.73 8.07 23.72
C LEU A 23 2.48 8.73 24.27
N ASP A 24 1.83 9.53 23.44
CA ASP A 24 0.61 10.24 23.85
C ASP A 24 -0.05 10.93 22.66
N GLU A 25 0.76 11.57 21.84
CA GLU A 25 0.26 12.28 20.66
C GLU A 25 -0.65 13.42 21.06
N ASN A 26 -1.90 13.10 21.39
CA ASN A 26 -2.87 14.12 21.79
C ASN A 26 -3.09 15.13 20.68
N GLU A 27 -3.58 14.67 19.54
CA GLU A 27 -3.84 15.53 18.39
C GLU A 27 -2.55 16.21 17.93
N VAL A 28 -1.77 15.50 17.13
CA VAL A 28 -0.51 16.03 16.61
C VAL A 28 -0.42 15.86 15.10
N ALA A 29 0.51 16.58 14.49
CA ALA A 29 0.71 16.51 13.04
C ALA A 29 1.91 17.34 12.61
N ALA A 30 3.01 17.22 13.36
CA ALA A 30 4.23 17.94 13.06
C ALA A 30 4.74 17.59 11.67
N ASN A 31 5.32 16.41 11.54
CA ASN A 31 5.86 15.96 10.26
C ASN A 31 5.71 14.44 10.12
N VAL A 32 4.64 14.02 9.46
CA VAL A 32 4.39 12.60 9.26
C VAL A 32 5.42 11.98 8.32
N GLU A 33 5.83 12.75 7.31
CA GLU A 33 6.82 12.28 6.35
C GLU A 33 7.85 13.36 6.06
N THR A 34 8.78 13.07 5.15
CA THR A 34 9.82 14.02 4.78
C THR A 34 10.46 13.64 3.45
N ARG A 35 9.62 13.20 2.51
CA ARG A 35 10.10 12.82 1.19
C ARG A 35 10.11 14.01 0.24
N PRO A 36 11.11 14.08 -0.66
CA PRO A 36 11.23 15.17 -1.63
C PRO A 36 10.19 15.09 -2.74
N GLU A 37 10.00 13.90 -3.28
CA GLU A 37 9.04 13.68 -4.35
C GLU A 37 8.53 12.25 -4.35
N LEU A 38 7.22 12.09 -4.20
CA LEU A 38 6.61 10.76 -4.19
C LEU A 38 6.20 10.34 -5.60
N ILE A 39 6.51 9.09 -5.92
CA ILE A 39 6.17 8.53 -7.23
C ILE A 39 4.93 7.67 -7.11
N THR A 40 4.52 7.03 -8.20
CA THR A 40 3.32 6.19 -8.19
C THR A 40 3.37 5.16 -9.32
N ARG A 41 3.30 3.91 -8.93
CA ARG A 41 3.29 2.80 -9.86
C ARG A 41 2.10 1.91 -9.53
N THR A 42 2.18 0.62 -9.81
CA THR A 42 1.07 -0.27 -9.49
C THR A 42 1.57 -1.64 -9.06
N GLU A 43 0.94 -2.18 -8.02
CA GLU A 43 1.30 -3.48 -7.50
C GLU A 43 0.23 -4.51 -7.85
N GLU A 44 0.67 -5.65 -8.36
CA GLU A 44 -0.26 -6.71 -8.73
C GLU A 44 -0.92 -7.29 -7.49
N ILE A 45 -2.08 -6.75 -7.14
CA ILE A 45 -2.82 -7.19 -5.97
C ILE A 45 -4.08 -7.95 -6.36
N PRO A 46 -3.94 -9.27 -6.59
CA PRO A 46 -5.06 -10.13 -6.99
C PRO A 46 -5.94 -10.53 -5.80
N PHE A 47 -7.14 -11.01 -6.12
CA PHE A 47 -8.09 -11.45 -5.10
C PHE A 47 -7.87 -12.91 -4.72
N GLU A 48 -8.77 -13.44 -3.90
CA GLU A 48 -8.69 -14.82 -3.46
C GLU A 48 -10.08 -15.39 -3.19
N VAL A 49 -10.54 -16.26 -4.09
CA VAL A 49 -11.86 -16.86 -3.95
C VAL A 49 -11.92 -17.79 -2.74
N ILE A 50 -12.86 -17.52 -1.84
CA ILE A 50 -13.02 -18.32 -0.63
C ILE A 50 -14.25 -19.21 -0.73
N LYS A 51 -14.24 -20.31 0.03
CA LYS A 51 -15.36 -21.23 0.05
C LYS A 51 -16.13 -21.15 1.36
N LYS A 52 -17.26 -20.45 1.33
CA LYS A 52 -18.10 -20.29 2.52
C LYS A 52 -19.08 -21.44 2.66
N GLU A 53 -19.57 -21.64 3.88
CA GLU A 53 -20.53 -22.71 4.14
C GLU A 53 -21.95 -22.17 4.21
N ASN A 54 -22.81 -22.68 3.33
CA ASN A 54 -24.20 -22.24 3.30
C ASN A 54 -25.15 -23.43 3.47
N PRO A 55 -25.62 -23.67 4.70
CA PRO A 55 -26.53 -24.79 4.98
C PRO A 55 -27.89 -24.61 4.30
N ASN A 56 -28.26 -23.36 4.02
CA ASN A 56 -29.52 -23.06 3.37
C ASN A 56 -29.58 -23.68 1.98
N LEU A 57 -28.42 -23.80 1.34
CA LEU A 57 -28.33 -24.38 0.00
C LEU A 57 -28.73 -25.85 0.03
N PRO A 58 -28.86 -26.48 -1.15
CA PRO A 58 -29.23 -27.88 -1.28
C PRO A 58 -28.02 -28.82 -1.27
N ALA A 59 -26.97 -28.40 -0.57
CA ALA A 59 -25.75 -29.20 -0.49
C ALA A 59 -25.12 -29.40 -1.86
N GLY A 60 -23.79 -29.47 -1.88
CA GLY A 60 -23.08 -29.66 -3.14
C GLY A 60 -23.40 -28.60 -4.17
N GLN A 61 -23.89 -27.46 -3.69
CA GLN A 61 -24.25 -26.35 -4.59
C GLN A 61 -23.26 -25.19 -4.44
N GLU A 62 -23.03 -24.48 -5.53
CA GLU A 62 -22.11 -23.34 -5.52
C GLU A 62 -22.68 -22.18 -6.32
N ASN A 63 -22.47 -20.96 -5.82
CA ASN A 63 -22.95 -19.76 -6.47
C ASN A 63 -21.89 -18.66 -6.46
N ILE A 64 -22.07 -17.67 -7.33
CA ILE A 64 -21.13 -16.56 -7.41
C ILE A 64 -21.80 -15.24 -7.05
N ILE A 65 -21.83 -14.93 -5.75
CA ILE A 65 -22.44 -13.70 -5.27
C ILE A 65 -21.71 -12.48 -5.82
N THR A 66 -20.39 -12.48 -5.68
CA THR A 66 -19.56 -11.38 -6.16
C THR A 66 -18.23 -11.91 -6.71
N ALA A 67 -18.21 -12.20 -8.00
CA ALA A 67 -17.01 -12.71 -8.66
C ALA A 67 -15.77 -11.93 -8.26
N GLY A 68 -14.67 -12.66 -8.04
CA GLY A 68 -13.42 -12.02 -7.66
C GLY A 68 -12.66 -11.48 -8.86
N VAL A 69 -12.13 -10.26 -8.73
CA VAL A 69 -11.38 -9.64 -9.80
C VAL A 69 -10.11 -8.96 -9.27
N LYS A 70 -8.97 -9.32 -9.85
CA LYS A 70 -7.70 -8.75 -9.43
C LYS A 70 -7.72 -7.22 -9.53
N GLY A 71 -7.51 -6.56 -8.40
CA GLY A 71 -7.50 -5.11 -8.39
C GLY A 71 -6.16 -4.56 -8.85
N GLU A 72 -5.79 -3.40 -8.34
CA GLU A 72 -4.51 -2.80 -8.70
C GLU A 72 -4.33 -1.53 -7.92
N ARG A 73 -3.41 -1.56 -6.99
CA ARG A 73 -3.14 -0.38 -6.18
C ARG A 73 -1.91 0.30 -6.68
N THR A 74 -1.97 1.61 -6.71
CA THR A 74 -0.84 2.39 -7.16
C THR A 74 0.20 2.42 -6.06
N HIS A 75 1.46 2.29 -6.44
CA HIS A 75 2.52 2.27 -5.46
C HIS A 75 3.40 3.49 -5.53
N TYR A 76 3.42 4.21 -4.42
CA TYR A 76 4.15 5.45 -4.32
C TYR A 76 5.55 5.23 -3.77
N ILE A 77 6.52 5.21 -4.68
CA ILE A 77 7.92 5.00 -4.33
C ILE A 77 8.59 6.32 -4.00
N SER A 78 9.46 6.31 -3.00
CA SER A 78 10.17 7.52 -2.58
C SER A 78 11.57 7.55 -3.18
N VAL A 79 11.92 8.67 -3.80
CA VAL A 79 13.23 8.83 -4.41
C VAL A 79 14.29 9.20 -3.37
N LEU A 80 15.29 8.34 -3.22
CA LEU A 80 16.37 8.57 -2.27
C LEU A 80 17.68 8.82 -2.98
N THR A 81 18.23 10.02 -2.81
CA THR A 81 19.50 10.39 -3.43
C THR A 81 20.67 10.00 -2.54
N GLU A 82 21.23 8.82 -2.79
CA GLU A 82 22.37 8.34 -2.01
C GLU A 82 23.68 8.83 -2.60
N ASN A 83 24.20 9.92 -2.05
CA ASN A 83 25.47 10.50 -2.53
C ASN A 83 25.54 10.52 -4.05
N GLY A 84 24.39 10.68 -4.69
CA GLY A 84 24.34 10.71 -6.13
C GLY A 84 23.90 9.39 -6.74
N LYS A 85 22.87 8.79 -6.14
CA LYS A 85 22.35 7.51 -6.62
C LYS A 85 20.86 7.41 -6.40
N THR A 86 20.09 7.51 -7.48
CA THR A 86 18.63 7.43 -7.39
C THR A 86 18.16 5.98 -7.50
N THR A 87 17.50 5.49 -6.46
CA THR A 87 17.00 4.13 -6.45
C THR A 87 15.49 4.10 -6.20
N GLU A 88 14.83 3.09 -6.74
CA GLU A 88 13.38 2.95 -6.59
C GLU A 88 13.05 1.98 -5.46
N THR A 89 12.55 2.51 -4.35
CA THR A 89 12.20 1.70 -3.19
C THR A 89 10.76 1.98 -2.75
N VAL A 90 9.95 0.93 -2.68
CA VAL A 90 8.55 1.07 -2.28
C VAL A 90 8.47 1.74 -0.90
N LEU A 91 7.75 2.86 -0.84
CA LEU A 91 7.60 3.59 0.41
C LEU A 91 6.21 3.40 1.00
N ASP A 92 5.21 3.98 0.37
CA ASP A 92 3.83 3.88 0.85
C ASP A 92 2.83 3.88 -0.30
N SER A 93 1.85 3.00 -0.21
CA SER A 93 0.81 2.89 -1.23
C SER A 93 -0.54 2.57 -0.60
N GLN A 94 -1.59 3.03 -1.24
CA GLN A 94 -2.95 2.78 -0.81
C GLN A 94 -3.62 1.90 -1.84
N VAL A 95 -4.77 1.33 -1.52
CA VAL A 95 -5.44 0.47 -2.47
C VAL A 95 -6.28 1.30 -3.41
N THR A 96 -5.80 1.44 -4.66
CA THR A 96 -6.51 2.22 -5.64
C THR A 96 -6.99 1.34 -6.78
N LYS A 97 -8.11 0.68 -6.53
CA LYS A 97 -8.76 -0.21 -7.49
C LYS A 97 -9.66 -1.20 -6.76
N GLU A 98 -9.27 -1.52 -5.52
CA GLU A 98 -10.03 -2.46 -4.71
C GLU A 98 -10.08 -3.83 -5.37
N VAL A 99 -9.28 -4.76 -4.86
CA VAL A 99 -9.26 -6.10 -5.42
C VAL A 99 -10.54 -6.84 -5.07
N ILE A 100 -11.41 -6.96 -6.06
CA ILE A 100 -12.69 -7.63 -5.86
C ILE A 100 -12.50 -9.09 -5.51
N ASN A 101 -13.11 -9.52 -4.41
CA ASN A 101 -13.00 -10.90 -3.96
C ASN A 101 -14.15 -11.74 -4.52
N GLN A 102 -13.85 -13.00 -4.80
CA GLN A 102 -14.85 -13.92 -5.34
C GLN A 102 -15.68 -14.54 -4.22
N VAL A 103 -16.88 -14.03 -4.03
CA VAL A 103 -17.77 -14.53 -2.99
C VAL A 103 -18.57 -15.73 -3.48
N VAL A 104 -18.11 -16.93 -3.10
CA VAL A 104 -18.78 -18.16 -3.50
C VAL A 104 -19.13 -19.01 -2.29
N GLU A 105 -20.41 -19.30 -2.12
CA GLU A 105 -20.87 -20.11 -1.00
C GLU A 105 -21.15 -21.54 -1.44
N VAL A 106 -20.62 -22.49 -0.67
CA VAL A 106 -20.81 -23.91 -0.98
C VAL A 106 -21.73 -24.59 0.04
N GLY A 107 -22.75 -25.27 -0.46
CA GLY A 107 -23.68 -25.95 0.41
C GLY A 107 -23.01 -26.97 1.31
N ALA A 108 -23.40 -27.01 2.58
CA ALA A 108 -22.82 -27.95 3.52
C ALA A 108 -23.56 -27.90 4.86
N PRO A 109 -24.77 -28.47 4.93
CA PRO A 109 -25.58 -28.48 6.15
C PRO A 109 -25.00 -29.40 7.21
N VAL A 110 -25.21 -29.05 8.48
CA VAL A 110 -24.69 -29.84 9.59
C VAL A 110 -25.60 -29.71 10.82
N THR A 111 -25.94 -28.47 11.15
CA THR A 111 -26.80 -28.21 12.31
C THR A 111 -26.16 -28.72 13.59
N HIS A 112 -26.88 -28.60 14.69
CA HIS A 112 -26.38 -29.05 15.99
C HIS A 112 -27.51 -29.18 17.00
N MET A 1 -6.29 24.35 4.93
CA MET A 1 -5.62 24.24 3.60
C MET A 1 -4.90 22.91 3.45
N GLY A 2 -5.52 21.85 3.99
CA GLY A 2 -4.91 20.52 3.91
C GLY A 2 -3.61 20.43 4.66
N SER A 3 -3.54 19.51 5.61
CA SER A 3 -2.34 19.32 6.42
C SER A 3 -2.49 18.13 7.36
N SER A 4 -3.39 18.25 8.32
CA SER A 4 -3.64 17.18 9.28
C SER A 4 -2.39 16.87 10.09
N HIS A 6 -1.56 17.89 10.30
CA HIS A 6 -0.32 17.73 11.05
C HIS A 6 0.60 16.72 10.37
N HIS A 7 1.76 16.47 10.97
CA HIS A 7 2.72 15.53 10.42
C HIS A 7 3.57 14.91 11.52
N HIS A 8 2.99 13.92 12.20
CA HIS A 8 3.70 13.22 13.28
C HIS A 8 3.84 11.74 12.99
N HIS A 9 2.77 11.14 12.47
CA HIS A 9 2.76 9.72 12.15
C HIS A 9 3.76 9.43 11.03
N HIS A 10 5.03 9.30 11.39
CA HIS A 10 6.08 9.01 10.43
C HIS A 10 6.74 7.66 10.71
N SER A 11 7.55 7.19 9.76
CA SER A 11 8.24 5.92 9.91
C SER A 11 9.14 5.94 11.14
N SER A 12 9.53 4.75 11.60
CA SER A 12 10.41 4.63 12.76
C SER A 12 9.75 5.24 13.99
N GLY A 13 10.53 5.38 15.06
CA GLY A 13 10.02 5.95 16.29
C GLY A 13 10.88 5.63 17.49
N LEU A 14 11.57 4.49 17.44
CA LEU A 14 12.43 4.05 18.53
C LEU A 14 13.88 4.40 18.23
N VAL A 15 14.09 5.49 17.50
CA VAL A 15 15.44 5.92 17.15
C VAL A 15 16.18 4.85 16.34
N PRO A 16 16.02 4.87 15.01
CA PRO A 16 16.66 3.90 14.13
C PRO A 16 18.17 4.09 14.05
N ARG A 17 18.91 3.00 14.03
CA ARG A 17 20.37 3.05 13.95
C ARG A 17 20.83 3.31 12.53
N GLY A 18 22.15 3.34 12.33
CA GLY A 18 22.69 3.58 11.01
C GLY A 18 23.33 4.94 10.88
N SER A 19 24.24 5.26 11.80
CA SER A 19 24.92 6.56 11.78
C SER A 19 26.37 6.40 11.34
N HIS A 20 27.13 5.60 12.08
CA HIS A 20 28.54 5.36 11.77
C HIS A 20 29.37 6.61 11.99
N MET A 21 29.14 7.63 11.16
CA MET A 21 29.87 8.88 11.27
C MET A 21 29.48 9.63 12.54
N SER A 22 30.26 9.40 13.61
CA SER A 22 29.99 10.06 14.89
C SER A 22 31.27 10.68 15.45
N LEU A 23 31.63 11.86 14.94
CA LEU A 23 32.82 12.55 15.39
C LEU A 23 32.63 14.07 15.30
N ASP A 24 33.51 14.80 15.97
CA ASP A 24 33.44 16.26 15.98
C ASP A 24 33.77 16.83 14.60
N GLU A 25 34.92 16.43 14.05
CA GLU A 25 35.35 16.89 12.75
C GLU A 25 34.44 16.34 11.65
N ASN A 26 34.42 17.02 10.50
CA ASN A 26 33.59 16.61 9.37
C ASN A 26 34.38 16.66 8.07
N GLU A 27 34.44 15.53 7.37
CA GLU A 27 35.16 15.46 6.11
C GLU A 27 34.54 16.38 5.06
N VAL A 28 33.30 16.08 4.69
CA VAL A 28 32.58 16.87 3.70
C VAL A 28 31.43 17.65 4.35
N ALA A 29 30.85 17.08 5.39
CA ALA A 29 29.75 17.72 6.09
C ALA A 29 28.57 17.96 5.16
N ALA A 30 27.61 17.05 5.20
CA ALA A 30 26.42 17.15 4.36
C ALA A 30 25.23 16.43 4.99
N ASN A 31 24.12 17.14 5.13
CA ASN A 31 22.91 16.56 5.71
C ASN A 31 21.69 16.87 4.86
N VAL A 32 21.24 18.11 4.89
CA VAL A 32 20.08 18.53 4.11
C VAL A 32 18.84 17.74 4.50
N GLU A 33 18.15 18.21 5.54
CA GLU A 33 16.95 17.54 6.02
C GLU A 33 15.73 17.95 5.20
N THR A 34 15.59 17.37 4.01
CA THR A 34 14.48 17.69 3.13
C THR A 34 13.71 16.42 2.75
N ARG A 35 12.63 16.59 2.01
CA ARG A 35 11.80 15.47 1.58
C ARG A 35 11.93 15.26 0.07
N PRO A 36 12.18 14.01 -0.36
CA PRO A 36 12.30 13.69 -1.79
C PRO A 36 10.98 13.80 -2.54
N GLU A 37 10.95 13.27 -3.76
CA GLU A 37 9.74 13.31 -4.57
C GLU A 37 8.93 12.02 -4.41
N LEU A 38 7.62 12.14 -4.45
CA LEU A 38 6.75 10.97 -4.31
C LEU A 38 6.37 10.40 -5.67
N ILE A 39 6.84 9.19 -5.94
CA ILE A 39 6.54 8.51 -7.18
C ILE A 39 5.42 7.49 -6.96
N THR A 40 5.09 6.73 -8.00
CA THR A 40 4.02 5.74 -7.91
C THR A 40 4.25 4.58 -8.87
N ARG A 41 3.81 3.40 -8.44
CA ARG A 41 3.94 2.18 -9.24
C ARG A 41 2.97 1.15 -8.70
N THR A 42 1.87 0.93 -9.43
CA THR A 42 0.87 -0.02 -9.00
C THR A 42 1.25 -1.44 -9.37
N GLU A 43 1.13 -2.31 -8.38
CA GLU A 43 1.45 -3.71 -8.56
C GLU A 43 0.17 -4.50 -8.81
N GLU A 44 0.28 -5.51 -9.65
CA GLU A 44 -0.87 -6.34 -9.97
C GLU A 44 -1.33 -7.14 -8.76
N ILE A 45 -2.26 -6.57 -8.00
CA ILE A 45 -2.79 -7.21 -6.81
C ILE A 45 -3.98 -8.13 -7.16
N PRO A 46 -3.79 -9.46 -7.07
CA PRO A 46 -4.84 -10.42 -7.39
C PRO A 46 -5.73 -10.76 -6.18
N PHE A 47 -6.94 -11.24 -6.46
CA PHE A 47 -7.87 -11.60 -5.41
C PHE A 47 -7.65 -13.05 -4.95
N GLU A 48 -8.54 -13.52 -4.08
CA GLU A 48 -8.43 -14.89 -3.57
C GLU A 48 -9.80 -15.40 -3.12
N VAL A 49 -10.40 -16.27 -3.93
CA VAL A 49 -11.70 -16.83 -3.63
C VAL A 49 -11.64 -17.75 -2.42
N ILE A 50 -12.70 -17.72 -1.61
CA ILE A 50 -12.76 -18.54 -0.40
C ILE A 50 -13.83 -19.62 -0.54
N LYS A 51 -13.67 -20.70 0.22
CA LYS A 51 -14.62 -21.81 0.18
C LYS A 51 -15.45 -21.85 1.46
N LYS A 52 -16.68 -21.35 1.37
CA LYS A 52 -17.59 -21.33 2.51
C LYS A 52 -18.76 -22.28 2.31
N GLU A 53 -19.44 -22.63 3.39
CA GLU A 53 -20.59 -23.52 3.32
C GLU A 53 -21.86 -22.83 3.80
N ASN A 54 -22.96 -23.08 3.11
CA ASN A 54 -24.24 -22.48 3.46
C ASN A 54 -25.37 -23.50 3.37
N PRO A 55 -26.23 -23.57 4.41
CA PRO A 55 -27.36 -24.50 4.44
C PRO A 55 -28.52 -24.06 3.55
N ASN A 56 -28.55 -22.77 3.23
CA ASN A 56 -29.62 -22.21 2.39
C ASN A 56 -29.71 -22.96 1.06
N LEU A 57 -28.57 -23.47 0.60
CA LEU A 57 -28.53 -24.21 -0.67
C LEU A 57 -28.97 -25.66 -0.46
N PRO A 58 -29.34 -26.36 -1.56
CA PRO A 58 -29.79 -27.74 -1.50
C PRO A 58 -28.63 -28.74 -1.50
N ALA A 59 -27.59 -28.43 -0.74
CA ALA A 59 -26.42 -29.30 -0.65
C ALA A 59 -25.72 -29.44 -2.00
N GLY A 60 -24.39 -29.36 -2.00
CA GLY A 60 -23.63 -29.48 -3.22
C GLY A 60 -24.04 -28.46 -4.26
N GLN A 61 -24.30 -27.23 -3.82
CA GLN A 61 -24.70 -26.17 -4.73
C GLN A 61 -23.58 -25.13 -4.88
N GLU A 62 -23.47 -24.56 -6.07
CA GLU A 62 -22.44 -23.56 -6.35
C GLU A 62 -23.08 -22.19 -6.59
N ASN A 63 -22.76 -21.24 -5.72
CA ASN A 63 -23.30 -19.88 -5.83
C ASN A 63 -22.19 -18.84 -5.74
N ILE A 64 -22.13 -17.96 -6.74
CA ILE A 64 -21.11 -16.92 -6.78
C ILE A 64 -21.71 -15.58 -6.35
N ILE A 65 -21.52 -15.24 -5.07
CA ILE A 65 -22.03 -13.98 -4.54
C ILE A 65 -21.31 -12.80 -5.17
N THR A 66 -20.04 -13.01 -5.53
CA THR A 66 -19.24 -11.96 -6.14
C THR A 66 -18.00 -12.55 -6.81
N ALA A 67 -17.90 -12.36 -8.12
CA ALA A 67 -16.77 -12.88 -8.88
C ALA A 67 -15.49 -12.09 -8.57
N GLY A 68 -14.44 -12.81 -8.17
CA GLY A 68 -13.18 -12.17 -7.85
C GLY A 68 -12.59 -11.44 -9.05
N VAL A 69 -12.06 -10.25 -8.81
CA VAL A 69 -11.46 -9.45 -9.88
C VAL A 69 -10.18 -8.78 -9.41
N LYS A 70 -9.09 -9.04 -10.12
CA LYS A 70 -7.79 -8.46 -9.78
C LYS A 70 -7.87 -6.94 -9.69
N GLY A 71 -7.57 -6.41 -8.51
CA GLY A 71 -7.61 -4.98 -8.30
C GLY A 71 -6.29 -4.32 -8.65
N GLU A 72 -5.99 -3.20 -8.01
CA GLU A 72 -4.76 -2.49 -8.26
C GLU A 72 -4.50 -1.54 -7.11
N ARG A 73 -3.24 -1.37 -6.79
CA ARG A 73 -2.85 -0.48 -5.72
C ARG A 73 -1.61 0.25 -6.16
N THR A 74 -1.77 1.53 -6.40
CA THR A 74 -0.64 2.32 -6.85
C THR A 74 0.27 2.54 -5.68
N HIS A 75 1.54 2.18 -5.87
CA HIS A 75 2.50 2.29 -4.81
C HIS A 75 3.46 3.44 -4.98
N TYR A 76 3.39 4.35 -4.02
CA TYR A 76 4.19 5.56 -4.02
C TYR A 76 5.52 5.33 -3.31
N ILE A 77 6.57 5.30 -4.09
CA ILE A 77 7.92 5.09 -3.58
C ILE A 77 8.63 6.42 -3.37
N SER A 78 9.68 6.41 -2.55
CA SER A 78 10.45 7.62 -2.26
C SER A 78 11.78 7.60 -3.01
N VAL A 79 11.96 8.58 -3.88
CA VAL A 79 13.20 8.69 -4.66
C VAL A 79 14.32 9.34 -3.85
N LEU A 80 15.30 8.53 -3.46
CA LEU A 80 16.42 9.02 -2.68
C LEU A 80 17.72 8.95 -3.48
N THR A 81 18.00 10.02 -4.23
CA THR A 81 19.21 10.09 -5.04
C THR A 81 20.41 10.49 -4.21
N GLU A 82 21.39 9.60 -4.13
CA GLU A 82 22.60 9.87 -3.35
C GLU A 82 23.85 9.63 -4.20
N ASN A 83 24.52 10.72 -4.59
CA ASN A 83 25.72 10.62 -5.40
C ASN A 83 25.43 9.95 -6.74
N GLY A 84 24.22 10.15 -7.24
CA GLY A 84 23.83 9.55 -8.51
C GLY A 84 23.35 8.12 -8.35
N LYS A 85 22.54 7.88 -7.33
CA LYS A 85 22.01 6.55 -7.07
C LYS A 85 20.57 6.63 -6.57
N THR A 86 19.63 6.24 -7.43
CA THR A 86 18.21 6.27 -7.07
C THR A 86 17.81 4.98 -6.35
N THR A 87 17.33 5.11 -5.12
CA THR A 87 16.91 3.97 -4.33
C THR A 87 15.40 3.82 -4.35
N GLU A 88 14.92 2.58 -4.38
CA GLU A 88 13.49 2.31 -4.40
C GLU A 88 13.02 1.78 -3.05
N THR A 89 12.52 2.68 -2.22
CA THR A 89 12.03 2.31 -0.89
C THR A 89 10.57 2.73 -0.71
N VAL A 90 9.72 1.77 -0.34
CA VAL A 90 8.31 2.05 -0.13
C VAL A 90 8.11 3.16 0.89
N LEU A 91 7.08 3.98 0.68
CA LEU A 91 6.79 5.09 1.59
C LEU A 91 5.33 5.08 2.01
N ASP A 92 4.43 5.02 1.03
CA ASP A 92 3.00 5.02 1.32
C ASP A 92 2.19 4.86 0.04
N SER A 93 1.15 4.03 0.11
CA SER A 93 0.28 3.81 -1.05
C SER A 93 -1.17 3.63 -0.61
N GLN A 94 -2.07 4.12 -1.44
CA GLN A 94 -3.49 4.02 -1.19
C GLN A 94 -4.04 2.93 -2.10
N VAL A 95 -5.27 2.49 -1.87
CA VAL A 95 -5.83 1.43 -2.69
C VAL A 95 -6.47 2.05 -3.94
N THR A 96 -5.79 1.84 -5.06
CA THR A 96 -6.26 2.37 -6.33
C THR A 96 -6.72 1.23 -7.24
N LYS A 97 -7.96 0.82 -7.00
CA LYS A 97 -8.62 -0.27 -7.75
C LYS A 97 -8.65 -1.52 -6.89
N GLU A 98 -9.01 -1.35 -5.62
CA GLU A 98 -9.08 -2.45 -4.65
C GLU A 98 -9.47 -3.77 -5.31
N VAL A 99 -8.73 -4.83 -4.97
CA VAL A 99 -9.00 -6.15 -5.53
C VAL A 99 -10.27 -6.74 -4.94
N ILE A 100 -11.23 -7.00 -5.82
CA ILE A 100 -12.51 -7.58 -5.39
C ILE A 100 -12.37 -9.06 -5.06
N ASN A 101 -12.44 -9.38 -3.78
CA ASN A 101 -12.32 -10.77 -3.33
C ASN A 101 -13.56 -11.58 -3.72
N GLN A 102 -13.33 -12.74 -4.32
CA GLN A 102 -14.43 -13.60 -4.75
C GLN A 102 -15.15 -14.19 -3.54
N VAL A 103 -16.46 -14.40 -3.69
CA VAL A 103 -17.28 -14.96 -2.62
C VAL A 103 -18.16 -16.08 -3.13
N VAL A 104 -17.74 -17.32 -2.87
CA VAL A 104 -18.49 -18.49 -3.30
C VAL A 104 -18.89 -19.36 -2.12
N GLU A 105 -20.14 -19.77 -2.09
CA GLU A 105 -20.66 -20.61 -1.02
C GLU A 105 -20.96 -22.03 -1.51
N VAL A 106 -20.93 -22.99 -0.59
CA VAL A 106 -21.19 -24.38 -0.94
C VAL A 106 -22.33 -24.95 -0.09
N GLY A 107 -23.20 -25.72 -0.74
CA GLY A 107 -24.31 -26.31 -0.03
C GLY A 107 -23.87 -27.21 1.10
N ALA A 108 -23.67 -26.63 2.29
CA ALA A 108 -23.24 -27.39 3.46
C ALA A 108 -21.89 -28.04 3.22
N PRO A 109 -21.14 -28.34 4.29
CA PRO A 109 -19.82 -28.97 4.20
C PRO A 109 -19.91 -30.43 3.78
N VAL A 110 -18.81 -31.15 3.90
CA VAL A 110 -18.75 -32.56 3.53
C VAL A 110 -18.28 -33.42 4.70
N THR A 111 -18.61 -32.98 5.92
CA THR A 111 -18.20 -33.71 7.12
C THR A 111 -19.38 -34.51 7.68
N HIS A 112 -20.56 -33.90 7.65
CA HIS A 112 -21.77 -34.55 8.16
C HIS A 112 -22.62 -35.07 7.03
#